data_3QR8
# 
_entry.id   3QR8 
# 
_audit_conform.dict_name       mmcif_pdbx.dic 
_audit_conform.dict_version    5.397 
_audit_conform.dict_location   http://mmcif.pdb.org/dictionaries/ascii/mmcif_pdbx.dic 
# 
loop_
_database_2.database_id 
_database_2.database_code 
_database_2.pdbx_database_accession 
_database_2.pdbx_DOI 
PDB   3QR8         pdb_00003qr8 10.2210/pdb3qr8/pdb 
RCSB  RCSB064001   ?            ?                   
WWPDB D_1000064001 ?            ?                   
# 
loop_
_pdbx_audit_revision_history.ordinal 
_pdbx_audit_revision_history.data_content_type 
_pdbx_audit_revision_history.major_revision 
_pdbx_audit_revision_history.minor_revision 
_pdbx_audit_revision_history.revision_date 
1 'Structure model' 1 0 2012-02-22 
2 'Structure model' 1 1 2012-02-29 
3 'Structure model' 1 2 2017-11-08 
4 'Structure model' 1 3 2024-10-09 
# 
_pdbx_audit_revision_details.ordinal             1 
_pdbx_audit_revision_details.revision_ordinal    1 
_pdbx_audit_revision_details.data_content_type   'Structure model' 
_pdbx_audit_revision_details.provider            repository 
_pdbx_audit_revision_details.type                'Initial release' 
_pdbx_audit_revision_details.description         ? 
_pdbx_audit_revision_details.details             ? 
# 
loop_
_pdbx_audit_revision_group.ordinal 
_pdbx_audit_revision_group.revision_ordinal 
_pdbx_audit_revision_group.data_content_type 
_pdbx_audit_revision_group.group 
1 2 'Structure model' 'Database references'    
2 3 'Structure model' Advisory                 
3 3 'Structure model' 'Refinement description' 
4 4 'Structure model' Advisory                 
5 4 'Structure model' 'Data collection'        
6 4 'Structure model' 'Database references'    
7 4 'Structure model' 'Derived calculations'   
8 4 'Structure model' 'Structure summary'      
# 
loop_
_pdbx_audit_revision_category.ordinal 
_pdbx_audit_revision_category.revision_ordinal 
_pdbx_audit_revision_category.data_content_type 
_pdbx_audit_revision_category.category 
1  3 'Structure model' pdbx_unobs_or_zero_occ_residues 
2  3 'Structure model' software                        
3  4 'Structure model' chem_comp_atom                  
4  4 'Structure model' chem_comp_bond                  
5  4 'Structure model' database_2                      
6  4 'Structure model' pdbx_entry_details              
7  4 'Structure model' pdbx_modification_feature       
8  4 'Structure model' pdbx_struct_special_symmetry    
9  4 'Structure model' pdbx_unobs_or_zero_occ_residues 
10 4 'Structure model' struct_conn                     
11 4 'Structure model' struct_site                     
# 
loop_
_pdbx_audit_revision_item.ordinal 
_pdbx_audit_revision_item.revision_ordinal 
_pdbx_audit_revision_item.data_content_type 
_pdbx_audit_revision_item.item 
1 3 'Structure model' '_software.name'                      
2 4 'Structure model' '_database_2.pdbx_DOI'                
3 4 'Structure model' '_database_2.pdbx_database_accession' 
4 4 'Structure model' '_struct_conn.pdbx_leaving_atom_flag' 
5 4 'Structure model' '_struct_site.pdbx_auth_asym_id'      
6 4 'Structure model' '_struct_site.pdbx_auth_comp_id'      
7 4 'Structure model' '_struct_site.pdbx_auth_seq_id'       
# 
_pdbx_database_status.status_code                     REL 
_pdbx_database_status.entry_id                        3QR8 
_pdbx_database_status.recvd_initial_deposition_date   2011-02-17 
_pdbx_database_status.deposit_site                    RCSB 
_pdbx_database_status.process_site                    RCSB 
_pdbx_database_status.status_code_sf                  REL 
_pdbx_database_status.status_code_mr                  ? 
_pdbx_database_status.SG_entry                        ? 
_pdbx_database_status.status_code_cs                  ? 
_pdbx_database_status.methods_development_category    ? 
_pdbx_database_status.pdb_format_compatible           Y 
_pdbx_database_status.status_code_nmr_data            ? 
# 
_pdbx_database_related.db_name        PDB 
_pdbx_database_related.db_id          3QR7 
_pdbx_database_related.details        
'Crystal structure of the C-terminal fragment of the bacteriophage P2 membrane-piercing protein gpV' 
_pdbx_database_related.content_type   unspecified 
# 
loop_
_audit_author.name 
_audit_author.pdbx_ordinal 
'Browning, C.' 1 
'Shneider, M.' 2 
'Leiman, P.G.' 3 
# 
_citation.id                        primary 
_citation.title                     'Phage pierces the host cell membrane with the iron-loaded spike.' 
_citation.journal_abbrev            Structure 
_citation.journal_volume            20 
_citation.page_first                326 
_citation.page_last                 339 
_citation.year                      2012 
_citation.journal_id_ASTM           STRUE6 
_citation.country                   UK 
_citation.journal_id_ISSN           0969-2126 
_citation.journal_id_CSD            2005 
_citation.book_publisher            ? 
_citation.pdbx_database_id_PubMed   22325780 
_citation.pdbx_database_id_DOI      10.1016/j.str.2011.12.009 
# 
loop_
_citation_author.citation_id 
_citation_author.name 
_citation_author.ordinal 
_citation_author.identifier_ORCID 
primary 'Browning, C.'   1 ? 
primary 'Shneider, M.M.' 2 ? 
primary 'Bowman, V.D.'   3 ? 
primary 'Schwarzer, D.'  4 ? 
primary 'Leiman, P.G.'   5 ? 
# 
loop_
_entity.id 
_entity.type 
_entity.src_method 
_entity.pdbx_description 
_entity.formula_weight 
_entity.pdbx_number_of_molecules 
_entity.pdbx_ec 
_entity.pdbx_mutation 
_entity.pdbx_fragment 
_entity.details 
1 polymer     man 'Baseplate assembly protein V' 22501.645 1   ? ? ? ? 
2 non-polymer syn 'CHLORIDE ION'                 35.453    1   ? ? ? ? 
3 non-polymer syn GLYCEROL                       92.094    1   ? ? ? ? 
4 water       nat water                          18.015    224 ? ? ? ? 
# 
_entity_name_com.entity_id   1 
_entity_name_com.name        GpV 
# 
_entity_poly.entity_id                      1 
_entity_poly.type                           'polypeptide(L)' 
_entity_poly.nstd_linkage                   no 
_entity_poly.nstd_monomer                   yes 
_entity_poly.pdbx_seq_one_letter_code       
;(MSE)NTLANIQELARALRN(MSE)IRTGIIVETDLNAGRCRVQTGG(MSE)CTDWLQWLTHRAGRSRTWWAPSVGEQVL
ILAVGGELDTAFVLPGIYSGDNPSPSVSADALHIRFPDGAVIEYEPETSALTVSGIKTASVTASGSVTATVPVV(MSE)V
KASTRVTLDTPEVVCTNRLITGTLEVQKGGT(MSE)RGNIEHTGGELSSNGKVLHTHKHPGDSGGTTGSPL
;
_entity_poly.pdbx_seq_one_letter_code_can   
;MNTLANIQELARALRNMIRTGIIVETDLNAGRCRVQTGGMCTDWLQWLTHRAGRSRTWWAPSVGEQVLILAVGGELDTAF
VLPGIYSGDNPSPSVSADALHIRFPDGAVIEYEPETSALTVSGIKTASVTASGSVTATVPVVMVKASTRVTLDTPEVVCT
NRLITGTLEVQKGGTMRGNIEHTGGELSSNGKVLHTHKHPGDSGGTTGSPL
;
_entity_poly.pdbx_strand_id                 A 
_entity_poly.pdbx_target_identifier         ? 
# 
loop_
_pdbx_entity_nonpoly.entity_id 
_pdbx_entity_nonpoly.name 
_pdbx_entity_nonpoly.comp_id 
2 'CHLORIDE ION' CL  
3 GLYCEROL       GOL 
4 water          HOH 
# 
loop_
_entity_poly_seq.entity_id 
_entity_poly_seq.num 
_entity_poly_seq.mon_id 
_entity_poly_seq.hetero 
1 1   MSE n 
1 2   ASN n 
1 3   THR n 
1 4   LEU n 
1 5   ALA n 
1 6   ASN n 
1 7   ILE n 
1 8   GLN n 
1 9   GLU n 
1 10  LEU n 
1 11  ALA n 
1 12  ARG n 
1 13  ALA n 
1 14  LEU n 
1 15  ARG n 
1 16  ASN n 
1 17  MSE n 
1 18  ILE n 
1 19  ARG n 
1 20  THR n 
1 21  GLY n 
1 22  ILE n 
1 23  ILE n 
1 24  VAL n 
1 25  GLU n 
1 26  THR n 
1 27  ASP n 
1 28  LEU n 
1 29  ASN n 
1 30  ALA n 
1 31  GLY n 
1 32  ARG n 
1 33  CYS n 
1 34  ARG n 
1 35  VAL n 
1 36  GLN n 
1 37  THR n 
1 38  GLY n 
1 39  GLY n 
1 40  MSE n 
1 41  CYS n 
1 42  THR n 
1 43  ASP n 
1 44  TRP n 
1 45  LEU n 
1 46  GLN n 
1 47  TRP n 
1 48  LEU n 
1 49  THR n 
1 50  HIS n 
1 51  ARG n 
1 52  ALA n 
1 53  GLY n 
1 54  ARG n 
1 55  SER n 
1 56  ARG n 
1 57  THR n 
1 58  TRP n 
1 59  TRP n 
1 60  ALA n 
1 61  PRO n 
1 62  SER n 
1 63  VAL n 
1 64  GLY n 
1 65  GLU n 
1 66  GLN n 
1 67  VAL n 
1 68  LEU n 
1 69  ILE n 
1 70  LEU n 
1 71  ALA n 
1 72  VAL n 
1 73  GLY n 
1 74  GLY n 
1 75  GLU n 
1 76  LEU n 
1 77  ASP n 
1 78  THR n 
1 79  ALA n 
1 80  PHE n 
1 81  VAL n 
1 82  LEU n 
1 83  PRO n 
1 84  GLY n 
1 85  ILE n 
1 86  TYR n 
1 87  SER n 
1 88  GLY n 
1 89  ASP n 
1 90  ASN n 
1 91  PRO n 
1 92  SER n 
1 93  PRO n 
1 94  SER n 
1 95  VAL n 
1 96  SER n 
1 97  ALA n 
1 98  ASP n 
1 99  ALA n 
1 100 LEU n 
1 101 HIS n 
1 102 ILE n 
1 103 ARG n 
1 104 PHE n 
1 105 PRO n 
1 106 ASP n 
1 107 GLY n 
1 108 ALA n 
1 109 VAL n 
1 110 ILE n 
1 111 GLU n 
1 112 TYR n 
1 113 GLU n 
1 114 PRO n 
1 115 GLU n 
1 116 THR n 
1 117 SER n 
1 118 ALA n 
1 119 LEU n 
1 120 THR n 
1 121 VAL n 
1 122 SER n 
1 123 GLY n 
1 124 ILE n 
1 125 LYS n 
1 126 THR n 
1 127 ALA n 
1 128 SER n 
1 129 VAL n 
1 130 THR n 
1 131 ALA n 
1 132 SER n 
1 133 GLY n 
1 134 SER n 
1 135 VAL n 
1 136 THR n 
1 137 ALA n 
1 138 THR n 
1 139 VAL n 
1 140 PRO n 
1 141 VAL n 
1 142 VAL n 
1 143 MSE n 
1 144 VAL n 
1 145 LYS n 
1 146 ALA n 
1 147 SER n 
1 148 THR n 
1 149 ARG n 
1 150 VAL n 
1 151 THR n 
1 152 LEU n 
1 153 ASP n 
1 154 THR n 
1 155 PRO n 
1 156 GLU n 
1 157 VAL n 
1 158 VAL n 
1 159 CYS n 
1 160 THR n 
1 161 ASN n 
1 162 ARG n 
1 163 LEU n 
1 164 ILE n 
1 165 THR n 
1 166 GLY n 
1 167 THR n 
1 168 LEU n 
1 169 GLU n 
1 170 VAL n 
1 171 GLN n 
1 172 LYS n 
1 173 GLY n 
1 174 GLY n 
1 175 THR n 
1 176 MSE n 
1 177 ARG n 
1 178 GLY n 
1 179 ASN n 
1 180 ILE n 
1 181 GLU n 
1 182 HIS n 
1 183 THR n 
1 184 GLY n 
1 185 GLY n 
1 186 GLU n 
1 187 LEU n 
1 188 SER n 
1 189 SER n 
1 190 ASN n 
1 191 GLY n 
1 192 LYS n 
1 193 VAL n 
1 194 LEU n 
1 195 HIS n 
1 196 THR n 
1 197 HIS n 
1 198 LYS n 
1 199 HIS n 
1 200 PRO n 
1 201 GLY n 
1 202 ASP n 
1 203 SER n 
1 204 GLY n 
1 205 GLY n 
1 206 THR n 
1 207 THR n 
1 208 GLY n 
1 209 SER n 
1 210 PRO n 
1 211 LEU n 
# 
_entity_src_gen.entity_id                          1 
_entity_src_gen.pdbx_src_id                        1 
_entity_src_gen.pdbx_alt_source_flag               sample 
_entity_src_gen.pdbx_seq_type                      ? 
_entity_src_gen.pdbx_beg_seq_num                   ? 
_entity_src_gen.pdbx_end_seq_num                   ? 
_entity_src_gen.gene_src_common_name               'Bacteriophage P2' 
_entity_src_gen.gene_src_genus                     ? 
_entity_src_gen.pdbx_gene_src_gene                 V 
_entity_src_gen.gene_src_species                   ? 
_entity_src_gen.gene_src_strain                    ? 
_entity_src_gen.gene_src_tissue                    ? 
_entity_src_gen.gene_src_tissue_fraction           ? 
_entity_src_gen.gene_src_details                   ? 
_entity_src_gen.pdbx_gene_src_fragment             ? 
_entity_src_gen.pdbx_gene_src_scientific_name      'Enterobacteria phage P2' 
_entity_src_gen.pdbx_gene_src_ncbi_taxonomy_id     10679 
_entity_src_gen.pdbx_gene_src_variant              ? 
_entity_src_gen.pdbx_gene_src_cell_line            ? 
_entity_src_gen.pdbx_gene_src_atcc                 ? 
_entity_src_gen.pdbx_gene_src_organ                ? 
_entity_src_gen.pdbx_gene_src_organelle            ? 
_entity_src_gen.pdbx_gene_src_cell                 ? 
_entity_src_gen.pdbx_gene_src_cellular_location    ? 
_entity_src_gen.host_org_common_name               ? 
_entity_src_gen.pdbx_host_org_scientific_name      'Escherichia coli' 
_entity_src_gen.pdbx_host_org_ncbi_taxonomy_id     562 
_entity_src_gen.host_org_genus                     ? 
_entity_src_gen.pdbx_host_org_gene                 ? 
_entity_src_gen.pdbx_host_org_organ                ? 
_entity_src_gen.host_org_species                   ? 
_entity_src_gen.pdbx_host_org_tissue               ? 
_entity_src_gen.pdbx_host_org_tissue_fraction      ? 
_entity_src_gen.pdbx_host_org_strain               ? 
_entity_src_gen.pdbx_host_org_variant              ? 
_entity_src_gen.pdbx_host_org_cell_line            ? 
_entity_src_gen.pdbx_host_org_atcc                 ? 
_entity_src_gen.pdbx_host_org_culture_collection   ? 
_entity_src_gen.pdbx_host_org_cell                 ? 
_entity_src_gen.pdbx_host_org_organelle            ? 
_entity_src_gen.pdbx_host_org_cellular_location    ? 
_entity_src_gen.pdbx_host_org_vector_type          ? 
_entity_src_gen.pdbx_host_org_vector               ? 
_entity_src_gen.host_org_details                   ? 
_entity_src_gen.expression_system_id               ? 
_entity_src_gen.plasmid_name                       ? 
_entity_src_gen.plasmid_details                    ? 
_entity_src_gen.pdbx_description                   ? 
# 
loop_
_chem_comp.id 
_chem_comp.type 
_chem_comp.mon_nstd_flag 
_chem_comp.name 
_chem_comp.pdbx_synonyms 
_chem_comp.formula 
_chem_comp.formula_weight 
ALA 'L-peptide linking' y ALANINE          ?                               'C3 H7 N O2'     89.093  
ARG 'L-peptide linking' y ARGININE         ?                               'C6 H15 N4 O2 1' 175.209 
ASN 'L-peptide linking' y ASPARAGINE       ?                               'C4 H8 N2 O3'    132.118 
ASP 'L-peptide linking' y 'ASPARTIC ACID'  ?                               'C4 H7 N O4'     133.103 
CL  non-polymer         . 'CHLORIDE ION'   ?                               'Cl -1'          35.453  
CYS 'L-peptide linking' y CYSTEINE         ?                               'C3 H7 N O2 S'   121.158 
GLN 'L-peptide linking' y GLUTAMINE        ?                               'C5 H10 N2 O3'   146.144 
GLU 'L-peptide linking' y 'GLUTAMIC ACID'  ?                               'C5 H9 N O4'     147.129 
GLY 'peptide linking'   y GLYCINE          ?                               'C2 H5 N O2'     75.067  
GOL non-polymer         . GLYCEROL         'GLYCERIN; PROPANE-1,2,3-TRIOL' 'C3 H8 O3'       92.094  
HIS 'L-peptide linking' y HISTIDINE        ?                               'C6 H10 N3 O2 1' 156.162 
HOH non-polymer         . WATER            ?                               'H2 O'           18.015  
ILE 'L-peptide linking' y ISOLEUCINE       ?                               'C6 H13 N O2'    131.173 
LEU 'L-peptide linking' y LEUCINE          ?                               'C6 H13 N O2'    131.173 
LYS 'L-peptide linking' y LYSINE           ?                               'C6 H15 N2 O2 1' 147.195 
MSE 'L-peptide linking' n SELENOMETHIONINE ?                               'C5 H11 N O2 Se' 196.106 
PHE 'L-peptide linking' y PHENYLALANINE    ?                               'C9 H11 N O2'    165.189 
PRO 'L-peptide linking' y PROLINE          ?                               'C5 H9 N O2'     115.130 
SER 'L-peptide linking' y SERINE           ?                               'C3 H7 N O3'     105.093 
THR 'L-peptide linking' y THREONINE        ?                               'C4 H9 N O3'     119.119 
TRP 'L-peptide linking' y TRYPTOPHAN       ?                               'C11 H12 N2 O2'  204.225 
TYR 'L-peptide linking' y TYROSINE         ?                               'C9 H11 N O3'    181.189 
VAL 'L-peptide linking' y VALINE           ?                               'C5 H11 N O2'    117.146 
# 
loop_
_pdbx_poly_seq_scheme.asym_id 
_pdbx_poly_seq_scheme.entity_id 
_pdbx_poly_seq_scheme.seq_id 
_pdbx_poly_seq_scheme.mon_id 
_pdbx_poly_seq_scheme.ndb_seq_num 
_pdbx_poly_seq_scheme.pdb_seq_num 
_pdbx_poly_seq_scheme.auth_seq_num 
_pdbx_poly_seq_scheme.pdb_mon_id 
_pdbx_poly_seq_scheme.auth_mon_id 
_pdbx_poly_seq_scheme.pdb_strand_id 
_pdbx_poly_seq_scheme.pdb_ins_code 
_pdbx_poly_seq_scheme.hetero 
A 1 1   MSE 1   1   ?   ?   ?   A . n 
A 1 2   ASN 2   2   ?   ?   ?   A . n 
A 1 3   THR 3   3   ?   ?   ?   A . n 
A 1 4   LEU 4   4   ?   ?   ?   A . n 
A 1 5   ALA 5   5   ?   ?   ?   A . n 
A 1 6   ASN 6   6   ?   ?   ?   A . n 
A 1 7   ILE 7   7   7   ILE ILE A . n 
A 1 8   GLN 8   8   8   GLN GLN A . n 
A 1 9   GLU 9   9   9   GLU GLU A . n 
A 1 10  LEU 10  10  10  LEU LEU A . n 
A 1 11  ALA 11  11  11  ALA ALA A . n 
A 1 12  ARG 12  12  12  ARG ARG A . n 
A 1 13  ALA 13  13  13  ALA ALA A . n 
A 1 14  LEU 14  14  14  LEU LEU A . n 
A 1 15  ARG 15  15  15  ARG ARG A . n 
A 1 16  ASN 16  16  16  ASN ASN A . n 
A 1 17  MSE 17  17  17  MSE MSE A . n 
A 1 18  ILE 18  18  18  ILE ILE A . n 
A 1 19  ARG 19  19  19  ARG ARG A . n 
A 1 20  THR 20  20  20  THR THR A . n 
A 1 21  GLY 21  21  21  GLY GLY A . n 
A 1 22  ILE 22  22  22  ILE ILE A . n 
A 1 23  ILE 23  23  23  ILE ILE A . n 
A 1 24  VAL 24  24  24  VAL VAL A . n 
A 1 25  GLU 25  25  25  GLU GLU A . n 
A 1 26  THR 26  26  26  THR THR A . n 
A 1 27  ASP 27  27  27  ASP ASP A . n 
A 1 28  LEU 28  28  28  LEU LEU A . n 
A 1 29  ASN 29  29  29  ASN ASN A . n 
A 1 30  ALA 30  30  30  ALA ALA A . n 
A 1 31  GLY 31  31  31  GLY GLY A . n 
A 1 32  ARG 32  32  32  ARG ARG A . n 
A 1 33  CYS 33  33  33  CYS CYS A . n 
A 1 34  ARG 34  34  34  ARG ARG A . n 
A 1 35  VAL 35  35  35  VAL VAL A . n 
A 1 36  GLN 36  36  36  GLN GLN A . n 
A 1 37  THR 37  37  37  THR THR A . n 
A 1 38  GLY 38  38  38  GLY GLY A . n 
A 1 39  GLY 39  39  39  GLY GLY A . n 
A 1 40  MSE 40  40  40  MSE MSE A . n 
A 1 41  CYS 41  41  41  CYS CYS A . n 
A 1 42  THR 42  42  42  THR THR A . n 
A 1 43  ASP 43  43  43  ASP ASP A . n 
A 1 44  TRP 44  44  44  TRP TRP A . n 
A 1 45  LEU 45  45  45  LEU LEU A . n 
A 1 46  GLN 46  46  46  GLN GLN A . n 
A 1 47  TRP 47  47  47  TRP TRP A . n 
A 1 48  LEU 48  48  48  LEU LEU A . n 
A 1 49  THR 49  49  49  THR THR A . n 
A 1 50  HIS 50  50  50  HIS HIS A . n 
A 1 51  ARG 51  51  51  ARG ARG A . n 
A 1 52  ALA 52  52  52  ALA ALA A . n 
A 1 53  GLY 53  53  53  GLY GLY A . n 
A 1 54  ARG 54  54  54  ARG ARG A . n 
A 1 55  SER 55  55  55  SER SER A . n 
A 1 56  ARG 56  56  56  ARG ARG A . n 
A 1 57  THR 57  57  57  THR THR A . n 
A 1 58  TRP 58  58  58  TRP TRP A . n 
A 1 59  TRP 59  59  59  TRP TRP A . n 
A 1 60  ALA 60  60  60  ALA ALA A . n 
A 1 61  PRO 61  61  61  PRO PRO A . n 
A 1 62  SER 62  62  62  SER SER A . n 
A 1 63  VAL 63  63  63  VAL VAL A . n 
A 1 64  GLY 64  64  64  GLY GLY A . n 
A 1 65  GLU 65  65  65  GLU GLU A . n 
A 1 66  GLN 66  66  66  GLN GLN A . n 
A 1 67  VAL 67  67  67  VAL VAL A . n 
A 1 68  LEU 68  68  68  LEU LEU A . n 
A 1 69  ILE 69  69  69  ILE ILE A . n 
A 1 70  LEU 70  70  70  LEU LEU A . n 
A 1 71  ALA 71  71  71  ALA ALA A . n 
A 1 72  VAL 72  72  72  VAL VAL A . n 
A 1 73  GLY 73  73  73  GLY GLY A . n 
A 1 74  GLY 74  74  74  GLY GLY A . n 
A 1 75  GLU 75  75  75  GLU GLU A . n 
A 1 76  LEU 76  76  76  LEU LEU A . n 
A 1 77  ASP 77  77  77  ASP ASP A . n 
A 1 78  THR 78  78  78  THR THR A . n 
A 1 79  ALA 79  79  79  ALA ALA A . n 
A 1 80  PHE 80  80  80  PHE PHE A . n 
A 1 81  VAL 81  81  81  VAL VAL A . n 
A 1 82  LEU 82  82  82  LEU LEU A . n 
A 1 83  PRO 83  83  83  PRO PRO A . n 
A 1 84  GLY 84  84  84  GLY GLY A . n 
A 1 85  ILE 85  85  85  ILE ILE A . n 
A 1 86  TYR 86  86  86  TYR TYR A . n 
A 1 87  SER 87  87  87  SER SER A . n 
A 1 88  GLY 88  88  88  GLY GLY A . n 
A 1 89  ASP 89  89  89  ASP ASP A . n 
A 1 90  ASN 90  90  90  ASN ASN A . n 
A 1 91  PRO 91  91  91  PRO PRO A . n 
A 1 92  SER 92  92  92  SER SER A . n 
A 1 93  PRO 93  93  93  PRO PRO A . n 
A 1 94  SER 94  94  94  SER SER A . n 
A 1 95  VAL 95  95  95  VAL VAL A . n 
A 1 96  SER 96  96  96  SER SER A . n 
A 1 97  ALA 97  97  97  ALA ALA A . n 
A 1 98  ASP 98  98  98  ASP ASP A . n 
A 1 99  ALA 99  99  99  ALA ALA A . n 
A 1 100 LEU 100 100 100 LEU LEU A . n 
A 1 101 HIS 101 101 101 HIS HIS A . n 
A 1 102 ILE 102 102 102 ILE ILE A . n 
A 1 103 ARG 103 103 103 ARG ARG A . n 
A 1 104 PHE 104 104 104 PHE PHE A . n 
A 1 105 PRO 105 105 105 PRO PRO A . n 
A 1 106 ASP 106 106 106 ASP ASP A . n 
A 1 107 GLY 107 107 107 GLY GLY A . n 
A 1 108 ALA 108 108 108 ALA ALA A . n 
A 1 109 VAL 109 109 109 VAL VAL A . n 
A 1 110 ILE 110 110 110 ILE ILE A . n 
A 1 111 GLU 111 111 111 GLU GLU A . n 
A 1 112 TYR 112 112 112 TYR TYR A . n 
A 1 113 GLU 113 113 113 GLU GLU A . n 
A 1 114 PRO 114 114 114 PRO PRO A . n 
A 1 115 GLU 115 115 115 GLU GLU A . n 
A 1 116 THR 116 116 116 THR THR A . n 
A 1 117 SER 117 117 117 SER SER A . n 
A 1 118 ALA 118 118 118 ALA ALA A . n 
A 1 119 LEU 119 119 119 LEU LEU A . n 
A 1 120 THR 120 120 120 THR THR A . n 
A 1 121 VAL 121 121 121 VAL VAL A . n 
A 1 122 SER 122 122 122 SER SER A . n 
A 1 123 GLY 123 123 123 GLY GLY A . n 
A 1 124 ILE 124 124 124 ILE ILE A . n 
A 1 125 LYS 125 125 125 LYS LYS A . n 
A 1 126 THR 126 126 126 THR THR A . n 
A 1 127 ALA 127 127 127 ALA ALA A . n 
A 1 128 SER 128 128 128 SER SER A . n 
A 1 129 VAL 129 129 129 VAL VAL A . n 
A 1 130 THR 130 130 130 THR THR A . n 
A 1 131 ALA 131 131 131 ALA ALA A . n 
A 1 132 SER 132 132 132 SER SER A . n 
A 1 133 GLY 133 133 133 GLY GLY A . n 
A 1 134 SER 134 134 134 SER SER A . n 
A 1 135 VAL 135 135 135 VAL VAL A . n 
A 1 136 THR 136 136 136 THR THR A . n 
A 1 137 ALA 137 137 137 ALA ALA A . n 
A 1 138 THR 138 138 138 THR THR A . n 
A 1 139 VAL 139 139 139 VAL VAL A . n 
A 1 140 PRO 140 140 140 PRO PRO A . n 
A 1 141 VAL 141 141 141 VAL VAL A . n 
A 1 142 VAL 142 142 142 VAL VAL A . n 
A 1 143 MSE 143 143 143 MSE MSE A . n 
A 1 144 VAL 144 144 144 VAL VAL A . n 
A 1 145 LYS 145 145 145 LYS LYS A . n 
A 1 146 ALA 146 146 146 ALA ALA A . n 
A 1 147 SER 147 147 147 SER SER A . n 
A 1 148 THR 148 148 148 THR THR A . n 
A 1 149 ARG 149 149 149 ARG ARG A . n 
A 1 150 VAL 150 150 150 VAL VAL A . n 
A 1 151 THR 151 151 151 THR THR A . n 
A 1 152 LEU 152 152 152 LEU LEU A . n 
A 1 153 ASP 153 153 153 ASP ASP A . n 
A 1 154 THR 154 154 154 THR THR A . n 
A 1 155 PRO 155 155 155 PRO PRO A . n 
A 1 156 GLU 156 156 156 GLU GLU A . n 
A 1 157 VAL 157 157 157 VAL VAL A . n 
A 1 158 VAL 158 158 158 VAL VAL A . n 
A 1 159 CYS 159 159 159 CYS CYS A . n 
A 1 160 THR 160 160 160 THR THR A . n 
A 1 161 ASN 161 161 161 ASN ASN A . n 
A 1 162 ARG 162 162 162 ARG ARG A . n 
A 1 163 LEU 163 163 163 LEU LEU A . n 
A 1 164 ILE 164 164 ?   ?   ?   A . n 
A 1 165 THR 165 165 ?   ?   ?   A . n 
A 1 166 GLY 166 166 ?   ?   ?   A . n 
A 1 167 THR 167 167 ?   ?   ?   A . n 
A 1 168 LEU 168 168 ?   ?   ?   A . n 
A 1 169 GLU 169 169 ?   ?   ?   A . n 
A 1 170 VAL 170 170 ?   ?   ?   A . n 
A 1 171 GLN 171 171 ?   ?   ?   A . n 
A 1 172 LYS 172 172 ?   ?   ?   A . n 
A 1 173 GLY 173 173 ?   ?   ?   A . n 
A 1 174 GLY 174 174 ?   ?   ?   A . n 
A 1 175 THR 175 175 ?   ?   ?   A . n 
A 1 176 MSE 176 176 ?   ?   ?   A . n 
A 1 177 ARG 177 177 ?   ?   ?   A . n 
A 1 178 GLY 178 178 ?   ?   ?   A . n 
A 1 179 ASN 179 179 ?   ?   ?   A . n 
A 1 180 ILE 180 180 ?   ?   ?   A . n 
A 1 181 GLU 181 181 ?   ?   ?   A . n 
A 1 182 HIS 182 182 ?   ?   ?   A . n 
A 1 183 THR 183 183 ?   ?   ?   A . n 
A 1 184 GLY 184 184 ?   ?   ?   A . n 
A 1 185 GLY 185 185 ?   ?   ?   A . n 
A 1 186 GLU 186 186 ?   ?   ?   A . n 
A 1 187 LEU 187 187 ?   ?   ?   A . n 
A 1 188 SER 188 188 ?   ?   ?   A . n 
A 1 189 SER 189 189 ?   ?   ?   A . n 
A 1 190 ASN 190 190 ?   ?   ?   A . n 
A 1 191 GLY 191 191 ?   ?   ?   A . n 
A 1 192 LYS 192 192 ?   ?   ?   A . n 
A 1 193 VAL 193 193 ?   ?   ?   A . n 
A 1 194 LEU 194 194 ?   ?   ?   A . n 
A 1 195 HIS 195 195 ?   ?   ?   A . n 
A 1 196 THR 196 196 ?   ?   ?   A . n 
A 1 197 HIS 197 197 ?   ?   ?   A . n 
A 1 198 LYS 198 198 ?   ?   ?   A . n 
A 1 199 HIS 199 199 ?   ?   ?   A . n 
A 1 200 PRO 200 200 ?   ?   ?   A . n 
A 1 201 GLY 201 201 ?   ?   ?   A . n 
A 1 202 ASP 202 202 ?   ?   ?   A . n 
A 1 203 SER 203 203 ?   ?   ?   A . n 
A 1 204 GLY 204 204 ?   ?   ?   A . n 
A 1 205 GLY 205 205 ?   ?   ?   A . n 
A 1 206 THR 206 206 ?   ?   ?   A . n 
A 1 207 THR 207 207 ?   ?   ?   A . n 
A 1 208 GLY 208 208 ?   ?   ?   A . n 
A 1 209 SER 209 209 ?   ?   ?   A . n 
A 1 210 PRO 210 210 ?   ?   ?   A . n 
A 1 211 LEU 211 211 ?   ?   ?   A . n 
# 
loop_
_pdbx_nonpoly_scheme.asym_id 
_pdbx_nonpoly_scheme.entity_id 
_pdbx_nonpoly_scheme.mon_id 
_pdbx_nonpoly_scheme.ndb_seq_num 
_pdbx_nonpoly_scheme.pdb_seq_num 
_pdbx_nonpoly_scheme.auth_seq_num 
_pdbx_nonpoly_scheme.pdb_mon_id 
_pdbx_nonpoly_scheme.auth_mon_id 
_pdbx_nonpoly_scheme.pdb_strand_id 
_pdbx_nonpoly_scheme.pdb_ins_code 
B 2 CL  1   212 1   CL  CL  A . 
C 3 GOL 1   604 604 GOL GOL A . 
D 4 HOH 1   213 213 HOH HOH A . 
D 4 HOH 2   214 1   HOH HOH A . 
D 4 HOH 3   215 215 HOH HOH A . 
D 4 HOH 4   216 216 HOH HOH A . 
D 4 HOH 5   217 217 HOH HOH A . 
D 4 HOH 6   218 218 HOH HOH A . 
D 4 HOH 7   219 219 HOH HOH A . 
D 4 HOH 8   220 220 HOH HOH A . 
D 4 HOH 9   221 221 HOH HOH A . 
D 4 HOH 10  222 2   HOH HOH A . 
D 4 HOH 11  223 223 HOH HOH A . 
D 4 HOH 12  224 224 HOH HOH A . 
D 4 HOH 13  225 225 HOH HOH A . 
D 4 HOH 14  226 226 HOH HOH A . 
D 4 HOH 15  227 227 HOH HOH A . 
D 4 HOH 16  228 228 HOH HOH A . 
D 4 HOH 17  229 229 HOH HOH A . 
D 4 HOH 18  230 230 HOH HOH A . 
D 4 HOH 19  231 231 HOH HOH A . 
D 4 HOH 20  232 232 HOH HOH A . 
D 4 HOH 21  233 3   HOH HOH A . 
D 4 HOH 22  234 234 HOH HOH A . 
D 4 HOH 23  235 235 HOH HOH A . 
D 4 HOH 24  236 236 HOH HOH A . 
D 4 HOH 25  237 4   HOH HOH A . 
D 4 HOH 26  238 5   HOH HOH A . 
D 4 HOH 27  239 6   HOH HOH A . 
D 4 HOH 28  240 240 HOH HOH A . 
D 4 HOH 29  241 241 HOH HOH A . 
D 4 HOH 30  242 242 HOH HOH A . 
D 4 HOH 31  243 243 HOH HOH A . 
D 4 HOH 32  244 244 HOH HOH A . 
D 4 HOH 33  245 7   HOH HOH A . 
D 4 HOH 34  246 8   HOH HOH A . 
D 4 HOH 35  247 9   HOH HOH A . 
D 4 HOH 36  248 10  HOH HOH A . 
D 4 HOH 37  249 11  HOH HOH A . 
D 4 HOH 38  250 12  HOH HOH A . 
D 4 HOH 39  251 13  HOH HOH A . 
D 4 HOH 40  252 14  HOH HOH A . 
D 4 HOH 41  253 15  HOH HOH A . 
D 4 HOH 42  254 16  HOH HOH A . 
D 4 HOH 43  255 17  HOH HOH A . 
D 4 HOH 44  256 18  HOH HOH A . 
D 4 HOH 45  257 19  HOH HOH A . 
D 4 HOH 46  258 20  HOH HOH A . 
D 4 HOH 47  259 21  HOH HOH A . 
D 4 HOH 48  260 22  HOH HOH A . 
D 4 HOH 49  261 23  HOH HOH A . 
D 4 HOH 50  262 24  HOH HOH A . 
D 4 HOH 51  263 25  HOH HOH A . 
D 4 HOH 52  264 26  HOH HOH A . 
D 4 HOH 53  265 27  HOH HOH A . 
D 4 HOH 54  266 28  HOH HOH A . 
D 4 HOH 55  267 29  HOH HOH A . 
D 4 HOH 56  268 30  HOH HOH A . 
D 4 HOH 57  269 31  HOH HOH A . 
D 4 HOH 58  270 32  HOH HOH A . 
D 4 HOH 59  271 33  HOH HOH A . 
D 4 HOH 60  272 34  HOH HOH A . 
D 4 HOH 61  273 35  HOH HOH A . 
D 4 HOH 62  274 36  HOH HOH A . 
D 4 HOH 63  275 37  HOH HOH A . 
D 4 HOH 64  276 38  HOH HOH A . 
D 4 HOH 65  277 39  HOH HOH A . 
D 4 HOH 66  278 40  HOH HOH A . 
D 4 HOH 67  279 41  HOH HOH A . 
D 4 HOH 68  280 42  HOH HOH A . 
D 4 HOH 69  281 43  HOH HOH A . 
D 4 HOH 70  282 45  HOH HOH A . 
D 4 HOH 71  283 46  HOH HOH A . 
D 4 HOH 72  284 47  HOH HOH A . 
D 4 HOH 73  285 48  HOH HOH A . 
D 4 HOH 74  286 49  HOH HOH A . 
D 4 HOH 75  287 50  HOH HOH A . 
D 4 HOH 76  288 51  HOH HOH A . 
D 4 HOH 77  289 52  HOH HOH A . 
D 4 HOH 78  290 53  HOH HOH A . 
D 4 HOH 79  291 54  HOH HOH A . 
D 4 HOH 80  292 55  HOH HOH A . 
D 4 HOH 81  293 56  HOH HOH A . 
D 4 HOH 82  294 57  HOH HOH A . 
D 4 HOH 83  295 58  HOH HOH A . 
D 4 HOH 84  296 59  HOH HOH A . 
D 4 HOH 85  297 60  HOH HOH A . 
D 4 HOH 86  298 61  HOH HOH A . 
D 4 HOH 87  299 62  HOH HOH A . 
D 4 HOH 88  300 63  HOH HOH A . 
D 4 HOH 89  301 64  HOH HOH A . 
D 4 HOH 90  302 65  HOH HOH A . 
D 4 HOH 91  303 66  HOH HOH A . 
D 4 HOH 92  304 67  HOH HOH A . 
D 4 HOH 93  305 68  HOH HOH A . 
D 4 HOH 94  306 69  HOH HOH A . 
D 4 HOH 95  307 70  HOH HOH A . 
D 4 HOH 96  308 71  HOH HOH A . 
D 4 HOH 97  309 72  HOH HOH A . 
D 4 HOH 98  310 73  HOH HOH A . 
D 4 HOH 99  311 74  HOH HOH A . 
D 4 HOH 100 312 75  HOH HOH A . 
D 4 HOH 101 313 76  HOH HOH A . 
D 4 HOH 102 314 77  HOH HOH A . 
D 4 HOH 103 315 78  HOH HOH A . 
D 4 HOH 104 316 79  HOH HOH A . 
D 4 HOH 105 317 80  HOH HOH A . 
D 4 HOH 106 318 81  HOH HOH A . 
D 4 HOH 107 319 82  HOH HOH A . 
D 4 HOH 108 320 83  HOH HOH A . 
D 4 HOH 109 321 84  HOH HOH A . 
D 4 HOH 110 322 85  HOH HOH A . 
D 4 HOH 111 323 86  HOH HOH A . 
D 4 HOH 112 324 87  HOH HOH A . 
D 4 HOH 113 325 88  HOH HOH A . 
D 4 HOH 114 326 89  HOH HOH A . 
D 4 HOH 115 327 90  HOH HOH A . 
D 4 HOH 116 328 91  HOH HOH A . 
D 4 HOH 117 329 92  HOH HOH A . 
D 4 HOH 118 330 93  HOH HOH A . 
D 4 HOH 119 331 94  HOH HOH A . 
D 4 HOH 120 332 95  HOH HOH A . 
D 4 HOH 121 333 96  HOH HOH A . 
D 4 HOH 122 334 97  HOH HOH A . 
D 4 HOH 123 335 98  HOH HOH A . 
D 4 HOH 124 336 99  HOH HOH A . 
D 4 HOH 125 337 100 HOH HOH A . 
D 4 HOH 126 338 101 HOH HOH A . 
D 4 HOH 127 339 102 HOH HOH A . 
D 4 HOH 128 340 103 HOH HOH A . 
D 4 HOH 129 341 104 HOH HOH A . 
D 4 HOH 130 342 105 HOH HOH A . 
D 4 HOH 131 343 106 HOH HOH A . 
D 4 HOH 132 344 107 HOH HOH A . 
D 4 HOH 133 345 108 HOH HOH A . 
D 4 HOH 134 346 109 HOH HOH A . 
D 4 HOH 135 347 110 HOH HOH A . 
D 4 HOH 136 348 111 HOH HOH A . 
D 4 HOH 137 349 112 HOH HOH A . 
D 4 HOH 138 350 113 HOH HOH A . 
D 4 HOH 139 351 114 HOH HOH A . 
D 4 HOH 140 352 115 HOH HOH A . 
D 4 HOH 141 353 116 HOH HOH A . 
D 4 HOH 142 354 117 HOH HOH A . 
D 4 HOH 143 355 118 HOH HOH A . 
D 4 HOH 144 356 119 HOH HOH A . 
D 4 HOH 145 357 120 HOH HOH A . 
D 4 HOH 146 358 121 HOH HOH A . 
D 4 HOH 147 359 122 HOH HOH A . 
D 4 HOH 148 360 123 HOH HOH A . 
D 4 HOH 149 361 124 HOH HOH A . 
D 4 HOH 150 362 125 HOH HOH A . 
D 4 HOH 151 363 126 HOH HOH A . 
D 4 HOH 152 364 127 HOH HOH A . 
D 4 HOH 153 365 128 HOH HOH A . 
D 4 HOH 154 366 129 HOH HOH A . 
D 4 HOH 155 367 130 HOH HOH A . 
D 4 HOH 156 368 131 HOH HOH A . 
D 4 HOH 157 369 132 HOH HOH A . 
D 4 HOH 158 370 133 HOH HOH A . 
D 4 HOH 159 371 134 HOH HOH A . 
D 4 HOH 160 372 135 HOH HOH A . 
D 4 HOH 161 373 136 HOH HOH A . 
D 4 HOH 162 374 137 HOH HOH A . 
D 4 HOH 163 375 138 HOH HOH A . 
D 4 HOH 164 376 139 HOH HOH A . 
D 4 HOH 165 377 140 HOH HOH A . 
D 4 HOH 166 378 141 HOH HOH A . 
D 4 HOH 167 379 142 HOH HOH A . 
D 4 HOH 168 380 143 HOH HOH A . 
D 4 HOH 169 381 144 HOH HOH A . 
D 4 HOH 170 382 145 HOH HOH A . 
D 4 HOH 171 383 146 HOH HOH A . 
D 4 HOH 172 384 147 HOH HOH A . 
D 4 HOH 173 385 148 HOH HOH A . 
D 4 HOH 174 386 149 HOH HOH A . 
D 4 HOH 175 387 150 HOH HOH A . 
D 4 HOH 176 388 151 HOH HOH A . 
D 4 HOH 177 389 152 HOH HOH A . 
D 4 HOH 178 390 153 HOH HOH A . 
D 4 HOH 179 391 154 HOH HOH A . 
D 4 HOH 180 392 155 HOH HOH A . 
D 4 HOH 181 393 156 HOH HOH A . 
D 4 HOH 182 394 157 HOH HOH A . 
D 4 HOH 183 395 158 HOH HOH A . 
D 4 HOH 184 396 159 HOH HOH A . 
D 4 HOH 185 397 160 HOH HOH A . 
D 4 HOH 186 398 161 HOH HOH A . 
D 4 HOH 187 399 163 HOH HOH A . 
D 4 HOH 188 400 165 HOH HOH A . 
D 4 HOH 189 401 167 HOH HOH A . 
D 4 HOH 190 402 168 HOH HOH A . 
D 4 HOH 191 403 169 HOH HOH A . 
D 4 HOH 192 404 170 HOH HOH A . 
D 4 HOH 193 405 171 HOH HOH A . 
D 4 HOH 194 406 172 HOH HOH A . 
D 4 HOH 195 407 173 HOH HOH A . 
D 4 HOH 196 408 174 HOH HOH A . 
D 4 HOH 197 409 175 HOH HOH A . 
D 4 HOH 198 410 176 HOH HOH A . 
D 4 HOH 199 411 177 HOH HOH A . 
D 4 HOH 200 412 178 HOH HOH A . 
D 4 HOH 201 413 179 HOH HOH A . 
D 4 HOH 202 414 180 HOH HOH A . 
D 4 HOH 203 415 181 HOH HOH A . 
D 4 HOH 204 416 183 HOH HOH A . 
D 4 HOH 205 417 184 HOH HOH A . 
D 4 HOH 206 418 185 HOH HOH A . 
D 4 HOH 207 419 186 HOH HOH A . 
D 4 HOH 208 420 188 HOH HOH A . 
D 4 HOH 209 421 189 HOH HOH A . 
D 4 HOH 210 422 190 HOH HOH A . 
D 4 HOH 211 423 191 HOH HOH A . 
D 4 HOH 212 424 192 HOH HOH A . 
D 4 HOH 213 425 195 HOH HOH A . 
D 4 HOH 214 426 196 HOH HOH A . 
D 4 HOH 215 427 199 HOH HOH A . 
D 4 HOH 216 428 200 HOH HOH A . 
D 4 HOH 217 429 201 HOH HOH A . 
D 4 HOH 218 430 202 HOH HOH A . 
D 4 HOH 219 431 203 HOH HOH A . 
D 4 HOH 220 432 205 HOH HOH A . 
D 4 HOH 221 433 207 HOH HOH A . 
D 4 HOH 222 434 208 HOH HOH A . 
D 4 HOH 223 435 209 HOH HOH A . 
D 4 HOH 224 436 211 HOH HOH A . 
# 
loop_
_software.name 
_software.classification 
_software.version 
_software.citation_id 
_software.pdbx_ordinal 
RemDAq 'data collection' .                            ? 1 
SHELX  'model building'  C/D/E                        ? 2 
PHENIX refinement        '(phenix.refine: 1.6.4_486)' ? 3 
MOSFLM 'data reduction'  .                            ? 4 
SCALA  'data scaling'    .                            ? 5 
SHELX  phasing           C/D/E                        ? 6 
# 
_cell.entry_id           3QR8 
_cell.length_a           68.539 
_cell.length_b           68.539 
_cell.length_c           132.180 
_cell.angle_alpha        90.00 
_cell.angle_beta         90.00 
_cell.angle_gamma        120.00 
_cell.Z_PDB              6 
_cell.pdbx_unique_axis   ? 
_cell.length_a_esd       ? 
_cell.length_b_esd       ? 
_cell.length_c_esd       ? 
_cell.angle_alpha_esd    ? 
_cell.angle_beta_esd     ? 
_cell.angle_gamma_esd    ? 
# 
_symmetry.entry_id                         3QR8 
_symmetry.space_group_name_H-M             'P 3 2 1' 
_symmetry.pdbx_full_space_group_name_H-M   ? 
_symmetry.cell_setting                     ? 
_symmetry.Int_Tables_number                150 
_symmetry.space_group_name_Hall            ? 
# 
_exptl.entry_id          3QR8 
_exptl.method            'X-RAY DIFFRACTION' 
_exptl.crystals_number   1 
# 
_exptl_crystal.id                    1 
_exptl_crystal.density_meas          ? 
_exptl_crystal.density_Matthews      3.98 
_exptl_crystal.density_percent_sol   69.12 
_exptl_crystal.description           ? 
_exptl_crystal.F_000                 ? 
_exptl_crystal.preparation           ? 
# 
_exptl_crystal_grow.crystal_id      1 
_exptl_crystal_grow.method          'VAPOR DIFFUSION, HANGING DROP' 
_exptl_crystal_grow.temp            291 
_exptl_crystal_grow.temp_details    ? 
_exptl_crystal_grow.pH              8.5 
_exptl_crystal_grow.pdbx_pH_range   ? 
_exptl_crystal_grow.pdbx_details    
'30 mg/mL protein, 0.3-0.6 M lithium sulfate, 4-6% PEG8000, 0.1 M Tris, pH 8.5, VAPOR DIFFUSION, HANGING DROP, temperature 291K' 
# 
_diffrn.id                     1 
_diffrn.ambient_temp           100 
_diffrn.ambient_temp_details   ? 
_diffrn.crystal_id             1 
# 
_diffrn_detector.diffrn_id              1 
_diffrn_detector.detector               PIXEL 
_diffrn_detector.type                   'PSI PILATUS 6M' 
_diffrn_detector.pdbx_collection_date   2009-09-09 
_diffrn_detector.details                ? 
# 
_diffrn_radiation.diffrn_id                        1 
_diffrn_radiation.wavelength_id                    1 
_diffrn_radiation.pdbx_monochromatic_or_laue_m_l   M 
_diffrn_radiation.monochromator                    'Si 111' 
_diffrn_radiation.pdbx_diffrn_protocol             'SINGLE WAVELENGTH' 
_diffrn_radiation.pdbx_scattering_type             x-ray 
# 
_diffrn_radiation_wavelength.id           1 
_diffrn_radiation_wavelength.wavelength   0.9797 
_diffrn_radiation_wavelength.wt           1.0 
# 
_diffrn_source.diffrn_id                   1 
_diffrn_source.source                      SYNCHROTRON 
_diffrn_source.type                        'SLS BEAMLINE X06SA' 
_diffrn_source.pdbx_synchrotron_site       SLS 
_diffrn_source.pdbx_synchrotron_beamline   X06SA 
_diffrn_source.pdbx_wavelength             0.9797 
_diffrn_source.pdbx_wavelength_list        ? 
# 
_reflns.pdbx_diffrn_id               1 
_reflns.pdbx_ordinal                 1 
_reflns.entry_id                     3QR8 
_reflns.observed_criterion_sigma_I   2.0 
_reflns.observed_criterion_sigma_F   0.0 
_reflns.d_resolution_low             66.09 
_reflns.d_resolution_high            2.03 
_reflns.number_obs                   23833 
_reflns.number_all                   24080 
_reflns.percent_possible_obs         100.0 
_reflns.pdbx_Rmerge_I_obs            0.069 
_reflns.pdbx_Rsym_value              0.059 
_reflns.pdbx_netI_over_sigmaI        27.6 
_reflns.B_iso_Wilson_estimate        ? 
_reflns.pdbx_redundancy              17.4 
_reflns.R_free_details               ? 
_reflns.limit_h_max                  ? 
_reflns.limit_h_min                  ? 
_reflns.limit_k_max                  ? 
_reflns.limit_k_min                  ? 
_reflns.limit_l_max                  ? 
_reflns.limit_l_min                  ? 
_reflns.observed_criterion_F_max     ? 
_reflns.observed_criterion_F_min     ? 
_reflns.pdbx_chi_squared             ? 
_reflns.pdbx_scaling_rejects         ? 
# 
_reflns_shell.pdbx_diffrn_id         1 
_reflns_shell.pdbx_ordinal           1 
_reflns_shell.d_res_high             2.03 
_reflns_shell.d_res_low              2.14 
_reflns_shell.percent_possible_all   99.9 
_reflns_shell.Rmerge_I_obs           0.362 
_reflns_shell.pdbx_Rsym_value        0.343 
_reflns_shell.meanI_over_sigI_obs    7.5 
_reflns_shell.pdbx_redundancy        18.6 
_reflns_shell.percent_possible_obs   ? 
_reflns_shell.number_unique_all      ? 
_reflns_shell.number_measured_all    ? 
_reflns_shell.number_measured_obs    ? 
_reflns_shell.number_unique_obs      ? 
_reflns_shell.pdbx_chi_squared       ? 
# 
_refine.pdbx_refine_id                           'X-RAY DIFFRACTION' 
_refine.entry_id                                 3QR8 
_refine.pdbx_diffrn_id                           1 
_refine.pdbx_TLS_residual_ADP_flag               ? 
_refine.ls_number_reflns_obs                     23824 
_refine.ls_number_reflns_all                     24032 
_refine.pdbx_ls_sigma_I                          ? 
_refine.pdbx_ls_sigma_F                          0.11 
_refine.pdbx_data_cutoff_high_absF               ? 
_refine.pdbx_data_cutoff_low_absF                ? 
_refine.pdbx_data_cutoff_high_rms_absF           ? 
_refine.ls_d_res_low                             66.090 
_refine.ls_d_res_high                            2.030 
_refine.ls_percent_reflns_obs                    99.41 
_refine.ls_R_factor_obs                          0.2619 
_refine.ls_R_factor_all                          ? 
_refine.ls_R_factor_R_work                       0.2597 
_refine.ls_R_factor_R_free                       0.3050 
_refine.ls_R_factor_R_free_error                 ? 
_refine.ls_R_factor_R_free_error_details         ? 
_refine.ls_percent_reflns_R_free                 5.15 
_refine.ls_number_reflns_R_free                  1227 
_refine.ls_number_parameters                     ? 
_refine.ls_number_restraints                     ? 
_refine.occupancy_min                            ? 
_refine.occupancy_max                            ? 
_refine.correlation_coeff_Fo_to_Fc               ? 
_refine.correlation_coeff_Fo_to_Fc_free          ? 
_refine.B_iso_mean                               ? 
_refine.aniso_B[1][1]                            -0.7231 
_refine.aniso_B[2][2]                            -0.7231 
_refine.aniso_B[3][3]                            1.4462 
_refine.aniso_B[1][2]                            0.0000 
_refine.aniso_B[1][3]                            -0.0000 
_refine.aniso_B[2][3]                            -0.0000 
_refine.solvent_model_details                    'FLAT BULK SOLVENT MODEL' 
_refine.solvent_model_param_ksol                 0.354 
_refine.solvent_model_param_bsol                 124.318 
_refine.pdbx_solvent_vdw_probe_radii             1.00 
_refine.pdbx_solvent_ion_probe_radii             ? 
_refine.pdbx_solvent_shrinkage_radii             0.73 
_refine.pdbx_ls_cross_valid_method               ? 
_refine.details                                  ? 
_refine.pdbx_starting_model                      ? 
_refine.pdbx_method_to_determine_struct          SAD 
_refine.pdbx_isotropic_thermal_model             ? 
_refine.pdbx_stereochemistry_target_values       ML 
_refine.pdbx_stereochem_target_val_spec_case     ? 
_refine.pdbx_R_Free_selection_details            ? 
_refine.pdbx_overall_ESU_R                       ? 
_refine.pdbx_overall_ESU_R_Free                  ? 
_refine.overall_SU_ML                            0.47 
_refine.pdbx_overall_phase_error                 27.37 
_refine.overall_SU_B                             ? 
_refine.overall_SU_R_Cruickshank_DPI             ? 
_refine.pdbx_overall_SU_R_free_Cruickshank_DPI   ? 
_refine.pdbx_overall_SU_R_Blow_DPI               ? 
_refine.pdbx_overall_SU_R_free_Blow_DPI          ? 
_refine.ls_redundancy_reflns_obs                 ? 
_refine.B_iso_min                                ? 
_refine.B_iso_max                                ? 
_refine.overall_SU_R_free                        ? 
_refine.ls_wR_factor_R_free                      ? 
_refine.ls_wR_factor_R_work                      ? 
_refine.overall_FOM_free_R_set                   ? 
_refine.overall_FOM_work_R_set                   ? 
# 
_refine_hist.pdbx_refine_id                   'X-RAY DIFFRACTION' 
_refine_hist.cycle_id                         LAST 
_refine_hist.pdbx_number_atoms_protein        1175 
_refine_hist.pdbx_number_atoms_nucleic_acid   0 
_refine_hist.pdbx_number_atoms_ligand         7 
_refine_hist.number_atoms_solvent             224 
_refine_hist.number_atoms_total               1406 
_refine_hist.d_res_high                       2.030 
_refine_hist.d_res_low                        66.090 
# 
loop_
_refine_ls_restr.type 
_refine_ls_restr.dev_ideal 
_refine_ls_restr.dev_ideal_target 
_refine_ls_restr.weight 
_refine_ls_restr.number 
_refine_ls_restr.pdbx_refine_id 
_refine_ls_restr.pdbx_restraint_function 
f_bond_d           0.004  ? ? 1222 'X-RAY DIFFRACTION' ? 
f_angle_d          0.996  ? ? 1671 'X-RAY DIFFRACTION' ? 
f_dihedral_angle_d 16.977 ? ? 440  'X-RAY DIFFRACTION' ? 
f_chiral_restr     0.063  ? ? 203  'X-RAY DIFFRACTION' ? 
f_plane_restr      0.003  ? ? 213  'X-RAY DIFFRACTION' ? 
# 
loop_
_refine_ls_shell.pdbx_refine_id 
_refine_ls_shell.pdbx_total_number_of_bins_used 
_refine_ls_shell.d_res_high 
_refine_ls_shell.d_res_low 
_refine_ls_shell.number_reflns_R_work 
_refine_ls_shell.R_factor_R_work 
_refine_ls_shell.percent_reflns_obs 
_refine_ls_shell.R_factor_R_free 
_refine_ls_shell.R_factor_R_free_error 
_refine_ls_shell.percent_reflns_R_free 
_refine_ls_shell.number_reflns_R_free 
_refine_ls_shell.number_reflns_all 
_refine_ls_shell.R_factor_all 
_refine_ls_shell.redundancy_reflns_obs 
_refine_ls_shell.number_reflns_obs 
'X-RAY DIFFRACTION' . 2.030  2.1116  2456 0.2667 98.00  0.3048 . . 112 . . . . 
'X-RAY DIFFRACTION' . 2.1116 2.2077  2461 0.2511 99.00  0.2796 . . 134 . . . . 
'X-RAY DIFFRACTION' . 2.2077 2.3241  2431 0.2569 99.00  0.2767 . . 137 . . . . 
'X-RAY DIFFRACTION' . 2.3241 2.4697  2479 0.2365 100.00 0.2771 . . 136 . . . . 
'X-RAY DIFFRACTION' . 2.4697 2.6604  2466 0.2508 100.00 0.2706 . . 156 . . . . 
'X-RAY DIFFRACTION' . 2.6604 2.9281  2503 0.2563 100.00 0.3165 . . 131 . . . . 
'X-RAY DIFFRACTION' . 2.9281 3.3518  2544 0.2373 100.00 0.2758 . . 133 . . . . 
'X-RAY DIFFRACTION' . 3.3518 4.2228  2546 0.2383 100.00 0.2994 . . 157 . . . . 
'X-RAY DIFFRACTION' . 4.2228 66.1250 2711 0.2930 100.00 0.3516 . . 131 . . . . 
# 
_struct.entry_id                  3QR8 
_struct.title                     'Crystal structure of the bacteriophage P2 membrane-piercing protein gpV' 
_struct.pdbx_model_details        ? 
_struct.pdbx_CASP_flag            ? 
_struct.pdbx_model_type_details   ? 
# 
_struct_keywords.entry_id        3QR8 
_struct_keywords.pdbx_keywords   'VIRAL PROTEIN' 
_struct_keywords.text            
'Beta-Helix, OB-Fold, Phage Baseplate, Iron-Binding, Cell membrane piercing, Tail spike, VIRAL PROTEIN' 
# 
loop_
_struct_asym.id 
_struct_asym.pdbx_blank_PDB_chainid_flag 
_struct_asym.pdbx_modified 
_struct_asym.entity_id 
_struct_asym.details 
A N N 1 ? 
B N N 2 ? 
C N N 3 ? 
D N N 4 ? 
# 
_struct_ref.id                         1 
_struct_ref.db_name                    UNP 
_struct_ref.db_code                    VPV_BPP2 
_struct_ref.pdbx_db_accession          P31340 
_struct_ref.entity_id                  1 
_struct_ref.pdbx_seq_one_letter_code   
;MNTLANIQELARALRNMIRTGIIVETDLNAGRCRVQTGGMCTDWLQWLTHRAGRSRTWWAPSVGEQVLILAVGGELDTAF
VLPGIYSGDNPSPSVSADALHIRFPDGAVIEYEPETSALTVSGIKTASVTASGSVTATVPVVMVKASTRVTLDTPEVVCT
NRLITGTLEVQKGGTMRGNIEHTGGELSSNGKVLHTHKHPGDSGGTTGSPL
;
_struct_ref.pdbx_align_begin           1 
_struct_ref.pdbx_db_isoform            ? 
# 
_struct_ref_seq.align_id                      1 
_struct_ref_seq.ref_id                        1 
_struct_ref_seq.pdbx_PDB_id_code              3QR8 
_struct_ref_seq.pdbx_strand_id                A 
_struct_ref_seq.seq_align_beg                 1 
_struct_ref_seq.pdbx_seq_align_beg_ins_code   ? 
_struct_ref_seq.seq_align_end                 211 
_struct_ref_seq.pdbx_seq_align_end_ins_code   ? 
_struct_ref_seq.pdbx_db_accession             P31340 
_struct_ref_seq.db_align_beg                  1 
_struct_ref_seq.pdbx_db_align_beg_ins_code    ? 
_struct_ref_seq.db_align_end                  211 
_struct_ref_seq.pdbx_db_align_end_ins_code    ? 
_struct_ref_seq.pdbx_auth_seq_align_beg       1 
_struct_ref_seq.pdbx_auth_seq_align_end       211 
# 
_pdbx_struct_assembly.id                   1 
_pdbx_struct_assembly.details              author_and_software_defined_assembly 
_pdbx_struct_assembly.method_details       PISA 
_pdbx_struct_assembly.oligomeric_details   trimeric 
_pdbx_struct_assembly.oligomeric_count     3 
# 
loop_
_pdbx_struct_assembly_prop.biol_id 
_pdbx_struct_assembly_prop.type 
_pdbx_struct_assembly_prop.value 
_pdbx_struct_assembly_prop.details 
1 'ABSA (A^2)' 21670 ? 
1 MORE         -137  ? 
1 'SSA (A^2)'  18740 ? 
# 
_pdbx_struct_assembly_gen.assembly_id       1 
_pdbx_struct_assembly_gen.oper_expression   1,2,3 
_pdbx_struct_assembly_gen.asym_id_list      A,B,C,D 
# 
loop_
_pdbx_struct_oper_list.id 
_pdbx_struct_oper_list.type 
_pdbx_struct_oper_list.name 
_pdbx_struct_oper_list.symmetry_operation 
_pdbx_struct_oper_list.matrix[1][1] 
_pdbx_struct_oper_list.matrix[1][2] 
_pdbx_struct_oper_list.matrix[1][3] 
_pdbx_struct_oper_list.vector[1] 
_pdbx_struct_oper_list.matrix[2][1] 
_pdbx_struct_oper_list.matrix[2][2] 
_pdbx_struct_oper_list.matrix[2][3] 
_pdbx_struct_oper_list.vector[2] 
_pdbx_struct_oper_list.matrix[3][1] 
_pdbx_struct_oper_list.matrix[3][2] 
_pdbx_struct_oper_list.matrix[3][3] 
_pdbx_struct_oper_list.vector[3] 
1 'identity operation'         1_555 x,y,z        1.0000000000  0.0000000000  0.0000000000  0.0000000000  0.0000000000  1.0000000000 0.0000000000  0.0000000000 0.0000000000  0.0000000000  1.0000000000 0.0000000000 
2 'crystal symmetry operation' 2_665 -y+1,x-y+1,z -0.3159006365 -0.9104632985 -0.2669519992 8.5240163252  0.1836445430  0.2173646520 -0.9586591104 6.0196003851 0.9308498642  -0.3518653010 0.0985359844 1.8626758208 
3 'crystal symmetry operation' 3_565 -x+y,-x+1,z  -0.3159006365 0.1836445430  0.9308498642  -0.1465961133 -0.9104632985 0.2173646520 -0.3518653010 7.1077666653 -0.2669519992 -0.9586591104 0.0985359844 7.8627073532 
# 
_struct_biol.id        1 
_struct_biol.details   ? 
# 
_struct_conf.conf_type_id            HELX_P 
_struct_conf.id                      HELX_P1 
_struct_conf.pdbx_PDB_helix_id       1 
_struct_conf.beg_label_comp_id       GLU 
_struct_conf.beg_label_asym_id       A 
_struct_conf.beg_label_seq_id        9 
_struct_conf.pdbx_beg_PDB_ins_code   ? 
_struct_conf.end_label_comp_id       MSE 
_struct_conf.end_label_asym_id       A 
_struct_conf.end_label_seq_id        17 
_struct_conf.pdbx_end_PDB_ins_code   ? 
_struct_conf.beg_auth_comp_id        GLU 
_struct_conf.beg_auth_asym_id        A 
_struct_conf.beg_auth_seq_id         9 
_struct_conf.end_auth_comp_id        MSE 
_struct_conf.end_auth_asym_id        A 
_struct_conf.end_auth_seq_id         17 
_struct_conf.pdbx_PDB_helix_class    1 
_struct_conf.details                 ? 
_struct_conf.pdbx_PDB_helix_length   9 
# 
_struct_conf_type.id          HELX_P 
_struct_conf_type.criteria    ? 
_struct_conf_type.reference   ? 
# 
loop_
_struct_conn.id 
_struct_conn.conn_type_id 
_struct_conn.pdbx_leaving_atom_flag 
_struct_conn.pdbx_PDB_id 
_struct_conn.ptnr1_label_asym_id 
_struct_conn.ptnr1_label_comp_id 
_struct_conn.ptnr1_label_seq_id 
_struct_conn.ptnr1_label_atom_id 
_struct_conn.pdbx_ptnr1_label_alt_id 
_struct_conn.pdbx_ptnr1_PDB_ins_code 
_struct_conn.pdbx_ptnr1_standard_comp_id 
_struct_conn.ptnr1_symmetry 
_struct_conn.ptnr2_label_asym_id 
_struct_conn.ptnr2_label_comp_id 
_struct_conn.ptnr2_label_seq_id 
_struct_conn.ptnr2_label_atom_id 
_struct_conn.pdbx_ptnr2_label_alt_id 
_struct_conn.pdbx_ptnr2_PDB_ins_code 
_struct_conn.ptnr1_auth_asym_id 
_struct_conn.ptnr1_auth_comp_id 
_struct_conn.ptnr1_auth_seq_id 
_struct_conn.ptnr2_auth_asym_id 
_struct_conn.ptnr2_auth_comp_id 
_struct_conn.ptnr2_auth_seq_id 
_struct_conn.ptnr2_symmetry 
_struct_conn.pdbx_ptnr3_label_atom_id 
_struct_conn.pdbx_ptnr3_label_seq_id 
_struct_conn.pdbx_ptnr3_label_comp_id 
_struct_conn.pdbx_ptnr3_label_asym_id 
_struct_conn.pdbx_ptnr3_label_alt_id 
_struct_conn.pdbx_ptnr3_PDB_ins_code 
_struct_conn.details 
_struct_conn.pdbx_dist_value 
_struct_conn.pdbx_value_order 
_struct_conn.pdbx_role 
covale1 covale both ? A ASN 16  C ? ? ? 1_555 A MSE 17  N A ? A ASN 16  A MSE 17  1_555 ? ? ? ? ? ? ? 1.330 ? ? 
covale2 covale both ? A ASN 16  C ? ? ? 1_555 A MSE 17  N B ? A ASN 16  A MSE 17  1_555 ? ? ? ? ? ? ? 1.329 ? ? 
covale3 covale both ? A MSE 17  C A ? ? 1_555 A ILE 18  N ? ? A MSE 17  A ILE 18  1_555 ? ? ? ? ? ? ? 1.329 ? ? 
covale4 covale both ? A MSE 17  C B ? ? 1_555 A ILE 18  N ? ? A MSE 17  A ILE 18  1_555 ? ? ? ? ? ? ? 1.330 ? ? 
covale5 covale both ? A GLY 39  C ? ? ? 1_555 A MSE 40  N ? ? A GLY 39  A MSE 40  1_555 ? ? ? ? ? ? ? 1.331 ? ? 
covale6 covale both ? A MSE 40  C ? ? ? 1_555 A CYS 41  N ? ? A MSE 40  A CYS 41  1_555 ? ? ? ? ? ? ? 1.329 ? ? 
covale7 covale both ? A VAL 142 C ? ? ? 1_555 A MSE 143 N ? ? A VAL 142 A MSE 143 1_555 ? ? ? ? ? ? ? 1.329 ? ? 
covale8 covale both ? A MSE 143 C ? ? ? 1_555 A VAL 144 N ? ? A MSE 143 A VAL 144 1_555 ? ? ? ? ? ? ? 1.329 ? ? 
# 
_struct_conn_type.id          covale 
_struct_conn_type.criteria    ? 
_struct_conn_type.reference   ? 
# 
loop_
_pdbx_modification_feature.ordinal 
_pdbx_modification_feature.label_comp_id 
_pdbx_modification_feature.label_asym_id 
_pdbx_modification_feature.label_seq_id 
_pdbx_modification_feature.label_alt_id 
_pdbx_modification_feature.modified_residue_label_comp_id 
_pdbx_modification_feature.modified_residue_label_asym_id 
_pdbx_modification_feature.modified_residue_label_seq_id 
_pdbx_modification_feature.modified_residue_label_alt_id 
_pdbx_modification_feature.auth_comp_id 
_pdbx_modification_feature.auth_asym_id 
_pdbx_modification_feature.auth_seq_id 
_pdbx_modification_feature.PDB_ins_code 
_pdbx_modification_feature.symmetry 
_pdbx_modification_feature.modified_residue_auth_comp_id 
_pdbx_modification_feature.modified_residue_auth_asym_id 
_pdbx_modification_feature.modified_residue_auth_seq_id 
_pdbx_modification_feature.modified_residue_PDB_ins_code 
_pdbx_modification_feature.modified_residue_symmetry 
_pdbx_modification_feature.comp_id_linking_atom 
_pdbx_modification_feature.modified_residue_id_linking_atom 
_pdbx_modification_feature.modified_residue_id 
_pdbx_modification_feature.ref_pcm_id 
_pdbx_modification_feature.ref_comp_id 
_pdbx_modification_feature.type 
_pdbx_modification_feature.category 
1 MSE A 17  A . . . . MSE A 17  ? 1_555 . . . . . . . MET 1 MSE Selenomethionine 'Named protein modification' 
2 MSE A 17  B . . . . MSE A 17  ? 1_555 . . . . . . . MET 1 MSE Selenomethionine 'Named protein modification' 
3 MSE A 40  ? . . . . MSE A 40  ? 1_555 . . . . . . . MET 1 MSE Selenomethionine 'Named protein modification' 
4 MSE A 143 ? . . . . MSE A 143 ? 1_555 . . . . . . . MET 1 MSE Selenomethionine 'Named protein modification' 
# 
_struct_mon_prot_cis.pdbx_id                1 
_struct_mon_prot_cis.label_comp_id          PRO 
_struct_mon_prot_cis.label_seq_id           83 
_struct_mon_prot_cis.label_asym_id          A 
_struct_mon_prot_cis.label_alt_id           . 
_struct_mon_prot_cis.pdbx_PDB_ins_code      ? 
_struct_mon_prot_cis.auth_comp_id           PRO 
_struct_mon_prot_cis.auth_seq_id            83 
_struct_mon_prot_cis.auth_asym_id           A 
_struct_mon_prot_cis.pdbx_label_comp_id_2   GLY 
_struct_mon_prot_cis.pdbx_label_seq_id_2    84 
_struct_mon_prot_cis.pdbx_label_asym_id_2   A 
_struct_mon_prot_cis.pdbx_PDB_ins_code_2    ? 
_struct_mon_prot_cis.pdbx_auth_comp_id_2    GLY 
_struct_mon_prot_cis.pdbx_auth_seq_id_2     84 
_struct_mon_prot_cis.pdbx_auth_asym_id_2    A 
_struct_mon_prot_cis.pdbx_PDB_model_num     1 
_struct_mon_prot_cis.pdbx_omega_angle       0.73 
# 
loop_
_struct_sheet.id 
_struct_sheet.type 
_struct_sheet.number_strands 
_struct_sheet.details 
A ? 7 ? 
B ? 3 ? 
# 
loop_
_struct_sheet_order.sheet_id 
_struct_sheet_order.range_id_1 
_struct_sheet_order.range_id_2 
_struct_sheet_order.offset 
_struct_sheet_order.sense 
A 1 2 ? anti-parallel 
A 2 3 ? anti-parallel 
A 3 4 ? parallel      
A 4 5 ? anti-parallel 
A 5 6 ? anti-parallel 
A 6 7 ? anti-parallel 
B 1 2 ? anti-parallel 
B 2 3 ? anti-parallel 
# 
loop_
_struct_sheet_range.sheet_id 
_struct_sheet_range.id 
_struct_sheet_range.beg_label_comp_id 
_struct_sheet_range.beg_label_asym_id 
_struct_sheet_range.beg_label_seq_id 
_struct_sheet_range.pdbx_beg_PDB_ins_code 
_struct_sheet_range.end_label_comp_id 
_struct_sheet_range.end_label_asym_id 
_struct_sheet_range.end_label_seq_id 
_struct_sheet_range.pdbx_end_PDB_ins_code 
_struct_sheet_range.beg_auth_comp_id 
_struct_sheet_range.beg_auth_asym_id 
_struct_sheet_range.beg_auth_seq_id 
_struct_sheet_range.end_auth_comp_id 
_struct_sheet_range.end_auth_asym_id 
_struct_sheet_range.end_auth_seq_id 
A 1 MSE A 40  ? CYS A 41  ? MSE A 40  CYS A 41  
A 2 ARG A 32  ? THR A 37  ? ARG A 32  THR A 37  
A 3 LEU A 45  ? TRP A 47  ? LEU A 45  TRP A 47  
A 4 ALA A 79  ? ILE A 85  ? ALA A 79  ILE A 85  
A 5 GLN A 66  ? ALA A 71  ? GLN A 66  ALA A 71  
A 6 ILE A 18  ? ASP A 27  ? ILE A 18  ASP A 27  
A 7 ARG A 32  ? THR A 37  ? ARG A 32  THR A 37  
B 1 LEU A 100 ? ARG A 103 ? LEU A 100 ARG A 103 
B 2 VAL A 109 ? GLU A 113 ? VAL A 109 GLU A 113 
B 3 ALA A 118 ? SER A 122 ? ALA A 118 SER A 122 
# 
loop_
_pdbx_struct_sheet_hbond.sheet_id 
_pdbx_struct_sheet_hbond.range_id_1 
_pdbx_struct_sheet_hbond.range_id_2 
_pdbx_struct_sheet_hbond.range_1_label_atom_id 
_pdbx_struct_sheet_hbond.range_1_label_comp_id 
_pdbx_struct_sheet_hbond.range_1_label_asym_id 
_pdbx_struct_sheet_hbond.range_1_label_seq_id 
_pdbx_struct_sheet_hbond.range_1_PDB_ins_code 
_pdbx_struct_sheet_hbond.range_1_auth_atom_id 
_pdbx_struct_sheet_hbond.range_1_auth_comp_id 
_pdbx_struct_sheet_hbond.range_1_auth_asym_id 
_pdbx_struct_sheet_hbond.range_1_auth_seq_id 
_pdbx_struct_sheet_hbond.range_2_label_atom_id 
_pdbx_struct_sheet_hbond.range_2_label_comp_id 
_pdbx_struct_sheet_hbond.range_2_label_asym_id 
_pdbx_struct_sheet_hbond.range_2_label_seq_id 
_pdbx_struct_sheet_hbond.range_2_PDB_ins_code 
_pdbx_struct_sheet_hbond.range_2_auth_atom_id 
_pdbx_struct_sheet_hbond.range_2_auth_comp_id 
_pdbx_struct_sheet_hbond.range_2_auth_asym_id 
_pdbx_struct_sheet_hbond.range_2_auth_seq_id 
A 1 2 O MSE A 40  ? O MSE A 40  N THR A 37  ? N THR A 37  
A 2 3 N CYS A 33  ? N CYS A 33  O LEU A 45  ? O LEU A 45  
A 3 4 N GLN A 46  ? N GLN A 46  O VAL A 81  ? O VAL A 81  
A 4 5 O PHE A 80  ? O PHE A 80  N LEU A 70  ? N LEU A 70  
A 5 6 O VAL A 67  ? O VAL A 67  N GLY A 21  ? N GLY A 21  
A 6 7 N ASP A 27  ? N ASP A 27  O ARG A 32  ? O ARG A 32  
B 1 2 N ILE A 102 ? N ILE A 102 O ILE A 110 ? O ILE A 110 
B 2 3 N GLU A 111 ? N GLU A 111 O THR A 120 ? O THR A 120 
# 
loop_
_struct_site.id 
_struct_site.pdbx_evidence_code 
_struct_site.pdbx_auth_asym_id 
_struct_site.pdbx_auth_comp_id 
_struct_site.pdbx_auth_seq_id 
_struct_site.pdbx_auth_ins_code 
_struct_site.pdbx_num_residues 
_struct_site.details 
AC1 Software A CL  212 ? 3 'BINDING SITE FOR RESIDUE CL A 212'  
AC2 Software A GOL 604 ? 8 'BINDING SITE FOR RESIDUE GOL A 604' 
# 
loop_
_struct_site_gen.id 
_struct_site_gen.site_id 
_struct_site_gen.pdbx_num_res 
_struct_site_gen.label_comp_id 
_struct_site_gen.label_asym_id 
_struct_site_gen.label_seq_id 
_struct_site_gen.pdbx_auth_ins_code 
_struct_site_gen.auth_comp_id 
_struct_site_gen.auth_asym_id 
_struct_site_gen.auth_seq_id 
_struct_site_gen.label_atom_id 
_struct_site_gen.label_alt_id 
_struct_site_gen.symmetry 
_struct_site_gen.details 
1  AC1 3 HIS A 50 ? HIS A 50  . ? 1_555 ? 
2  AC1 3 HIS A 50 ? HIS A 50  . ? 2_665 ? 
3  AC1 3 HIS A 50 ? HIS A 50  . ? 3_565 ? 
4  AC2 8 ARG A 56 ? ARG A 56  . ? 6_556 ? 
5  AC2 8 GLU A 75 ? GLU A 75  . ? 1_555 ? 
6  AC2 8 PRO A 91 ? PRO A 91  . ? 5_566 ? 
7  AC2 8 SER A 92 ? SER A 92  . ? 5_566 ? 
8  AC2 8 PRO A 93 ? PRO A 93  . ? 5_566 ? 
9  AC2 8 HOH D .  ? HOH A 397 . ? 1_555 ? 
10 AC2 8 HOH D .  ? HOH A 398 . ? 1_555 ? 
11 AC2 8 HOH D .  ? HOH A 417 . ? 6_556 ? 
# 
_pdbx_entry_details.entry_id                   3QR8 
_pdbx_entry_details.compound_details           ? 
_pdbx_entry_details.source_details             ? 
_pdbx_entry_details.nonpolymer_details         ? 
_pdbx_entry_details.sequence_details           ? 
_pdbx_entry_details.has_ligand_of_interest     ? 
_pdbx_entry_details.has_protein_modification   Y 
# 
loop_
_pdbx_validate_torsion.id 
_pdbx_validate_torsion.PDB_model_num 
_pdbx_validate_torsion.auth_comp_id 
_pdbx_validate_torsion.auth_asym_id 
_pdbx_validate_torsion.auth_seq_id 
_pdbx_validate_torsion.PDB_ins_code 
_pdbx_validate_torsion.label_alt_id 
_pdbx_validate_torsion.phi 
_pdbx_validate_torsion.psi 
1 1 ALA A 52  ? ? -140.50 52.32   
2 1 TRP A 59  ? ? -161.23 82.82   
3 1 ALA A 127 ? ? -166.49 110.44  
4 1 LYS A 145 ? ? -113.46 75.56   
5 1 THR A 148 ? ? -106.79 -68.74  
6 1 LEU A 152 ? ? -108.31 75.38   
7 1 ASN A 161 ? ? -131.71 -107.04 
# 
loop_
_pdbx_struct_mod_residue.id 
_pdbx_struct_mod_residue.label_asym_id 
_pdbx_struct_mod_residue.label_comp_id 
_pdbx_struct_mod_residue.label_seq_id 
_pdbx_struct_mod_residue.auth_asym_id 
_pdbx_struct_mod_residue.auth_comp_id 
_pdbx_struct_mod_residue.auth_seq_id 
_pdbx_struct_mod_residue.PDB_ins_code 
_pdbx_struct_mod_residue.parent_comp_id 
_pdbx_struct_mod_residue.details 
1 A MSE 17  A MSE 17  ? MET SELENOMETHIONINE 
2 A MSE 40  A MSE 40  ? MET SELENOMETHIONINE 
3 A MSE 143 A MSE 143 ? MET SELENOMETHIONINE 
# 
loop_
_pdbx_struct_special_symmetry.id 
_pdbx_struct_special_symmetry.PDB_model_num 
_pdbx_struct_special_symmetry.auth_asym_id 
_pdbx_struct_special_symmetry.auth_comp_id 
_pdbx_struct_special_symmetry.auth_seq_id 
_pdbx_struct_special_symmetry.PDB_ins_code 
_pdbx_struct_special_symmetry.label_asym_id 
_pdbx_struct_special_symmetry.label_comp_id 
_pdbx_struct_special_symmetry.label_seq_id 
1 1 A MSE 17  ? A MSE 17 
2 1 A CL  212 ? B CL  .  
3 1 A HOH 243 ? D HOH .  
4 1 A HOH 320 ? D HOH .  
5 1 A HOH 331 ? D HOH .  
6 1 A HOH 342 ? D HOH .  
7 1 A HOH 347 ? D HOH .  
8 1 A HOH 384 ? D HOH .  
# 
loop_
_pdbx_unobs_or_zero_occ_residues.id 
_pdbx_unobs_or_zero_occ_residues.PDB_model_num 
_pdbx_unobs_or_zero_occ_residues.polymer_flag 
_pdbx_unobs_or_zero_occ_residues.occupancy_flag 
_pdbx_unobs_or_zero_occ_residues.auth_asym_id 
_pdbx_unobs_or_zero_occ_residues.auth_comp_id 
_pdbx_unobs_or_zero_occ_residues.auth_seq_id 
_pdbx_unobs_or_zero_occ_residues.PDB_ins_code 
_pdbx_unobs_or_zero_occ_residues.label_asym_id 
_pdbx_unobs_or_zero_occ_residues.label_comp_id 
_pdbx_unobs_or_zero_occ_residues.label_seq_id 
1  1 Y 1 A MSE 1   ? A MSE 1   
2  1 Y 1 A ASN 2   ? A ASN 2   
3  1 Y 1 A THR 3   ? A THR 3   
4  1 Y 1 A LEU 4   ? A LEU 4   
5  1 Y 1 A ALA 5   ? A ALA 5   
6  1 Y 1 A ASN 6   ? A ASN 6   
7  1 Y 1 A ILE 164 ? A ILE 164 
8  1 Y 1 A THR 165 ? A THR 165 
9  1 Y 1 A GLY 166 ? A GLY 166 
10 1 Y 1 A THR 167 ? A THR 167 
11 1 Y 1 A LEU 168 ? A LEU 168 
12 1 Y 1 A GLU 169 ? A GLU 169 
13 1 Y 1 A VAL 170 ? A VAL 170 
14 1 Y 1 A GLN 171 ? A GLN 171 
15 1 Y 1 A LYS 172 ? A LYS 172 
16 1 Y 1 A GLY 173 ? A GLY 173 
17 1 Y 1 A GLY 174 ? A GLY 174 
18 1 Y 1 A THR 175 ? A THR 175 
19 1 Y 1 A MSE 176 ? A MSE 176 
20 1 Y 1 A ARG 177 ? A ARG 177 
21 1 Y 1 A GLY 178 ? A GLY 178 
22 1 Y 1 A ASN 179 ? A ASN 179 
23 1 Y 1 A ILE 180 ? A ILE 180 
24 1 Y 1 A GLU 181 ? A GLU 181 
25 1 Y 1 A HIS 182 ? A HIS 182 
26 1 Y 1 A THR 183 ? A THR 183 
27 1 Y 1 A GLY 184 ? A GLY 184 
28 1 Y 1 A GLY 185 ? A GLY 185 
29 1 Y 1 A GLU 186 ? A GLU 186 
30 1 Y 1 A LEU 187 ? A LEU 187 
31 1 Y 1 A SER 188 ? A SER 188 
32 1 Y 1 A SER 189 ? A SER 189 
33 1 Y 1 A ASN 190 ? A ASN 190 
34 1 Y 1 A GLY 191 ? A GLY 191 
35 1 Y 1 A LYS 192 ? A LYS 192 
36 1 Y 1 A VAL 193 ? A VAL 193 
37 1 Y 1 A LEU 194 ? A LEU 194 
38 1 Y 1 A HIS 195 ? A HIS 195 
39 1 Y 1 A THR 196 ? A THR 196 
40 1 Y 1 A HIS 197 ? A HIS 197 
41 1 Y 1 A LYS 198 ? A LYS 198 
42 1 Y 1 A HIS 199 ? A HIS 199 
43 1 Y 1 A PRO 200 ? A PRO 200 
44 1 Y 1 A GLY 201 ? A GLY 201 
45 1 Y 1 A ASP 202 ? A ASP 202 
46 1 Y 1 A SER 203 ? A SER 203 
47 1 Y 1 A GLY 204 ? A GLY 204 
48 1 Y 1 A GLY 205 ? A GLY 205 
49 1 Y 1 A THR 206 ? A THR 206 
50 1 Y 1 A THR 207 ? A THR 207 
51 1 Y 1 A GLY 208 ? A GLY 208 
52 1 Y 1 A SER 209 ? A SER 209 
53 1 Y 1 A PRO 210 ? A PRO 210 
54 1 Y 1 A LEU 211 ? A LEU 211 
55 1 N 0 A HOH 426 ? D HOH ?   
# 
loop_
_chem_comp_atom.comp_id 
_chem_comp_atom.atom_id 
_chem_comp_atom.type_symbol 
_chem_comp_atom.pdbx_aromatic_flag 
_chem_comp_atom.pdbx_stereo_config 
_chem_comp_atom.pdbx_ordinal 
ALA N    N  N N 1   
ALA CA   C  N S 2   
ALA C    C  N N 3   
ALA O    O  N N 4   
ALA CB   C  N N 5   
ALA OXT  O  N N 6   
ALA H    H  N N 7   
ALA H2   H  N N 8   
ALA HA   H  N N 9   
ALA HB1  H  N N 10  
ALA HB2  H  N N 11  
ALA HB3  H  N N 12  
ALA HXT  H  N N 13  
ARG N    N  N N 14  
ARG CA   C  N S 15  
ARG C    C  N N 16  
ARG O    O  N N 17  
ARG CB   C  N N 18  
ARG CG   C  N N 19  
ARG CD   C  N N 20  
ARG NE   N  N N 21  
ARG CZ   C  N N 22  
ARG NH1  N  N N 23  
ARG NH2  N  N N 24  
ARG OXT  O  N N 25  
ARG H    H  N N 26  
ARG H2   H  N N 27  
ARG HA   H  N N 28  
ARG HB2  H  N N 29  
ARG HB3  H  N N 30  
ARG HG2  H  N N 31  
ARG HG3  H  N N 32  
ARG HD2  H  N N 33  
ARG HD3  H  N N 34  
ARG HE   H  N N 35  
ARG HH11 H  N N 36  
ARG HH12 H  N N 37  
ARG HH21 H  N N 38  
ARG HH22 H  N N 39  
ARG HXT  H  N N 40  
ASN N    N  N N 41  
ASN CA   C  N S 42  
ASN C    C  N N 43  
ASN O    O  N N 44  
ASN CB   C  N N 45  
ASN CG   C  N N 46  
ASN OD1  O  N N 47  
ASN ND2  N  N N 48  
ASN OXT  O  N N 49  
ASN H    H  N N 50  
ASN H2   H  N N 51  
ASN HA   H  N N 52  
ASN HB2  H  N N 53  
ASN HB3  H  N N 54  
ASN HD21 H  N N 55  
ASN HD22 H  N N 56  
ASN HXT  H  N N 57  
ASP N    N  N N 58  
ASP CA   C  N S 59  
ASP C    C  N N 60  
ASP O    O  N N 61  
ASP CB   C  N N 62  
ASP CG   C  N N 63  
ASP OD1  O  N N 64  
ASP OD2  O  N N 65  
ASP OXT  O  N N 66  
ASP H    H  N N 67  
ASP H2   H  N N 68  
ASP HA   H  N N 69  
ASP HB2  H  N N 70  
ASP HB3  H  N N 71  
ASP HD2  H  N N 72  
ASP HXT  H  N N 73  
CL  CL   CL N N 74  
CYS N    N  N N 75  
CYS CA   C  N R 76  
CYS C    C  N N 77  
CYS O    O  N N 78  
CYS CB   C  N N 79  
CYS SG   S  N N 80  
CYS OXT  O  N N 81  
CYS H    H  N N 82  
CYS H2   H  N N 83  
CYS HA   H  N N 84  
CYS HB2  H  N N 85  
CYS HB3  H  N N 86  
CYS HG   H  N N 87  
CYS HXT  H  N N 88  
GLN N    N  N N 89  
GLN CA   C  N S 90  
GLN C    C  N N 91  
GLN O    O  N N 92  
GLN CB   C  N N 93  
GLN CG   C  N N 94  
GLN CD   C  N N 95  
GLN OE1  O  N N 96  
GLN NE2  N  N N 97  
GLN OXT  O  N N 98  
GLN H    H  N N 99  
GLN H2   H  N N 100 
GLN HA   H  N N 101 
GLN HB2  H  N N 102 
GLN HB3  H  N N 103 
GLN HG2  H  N N 104 
GLN HG3  H  N N 105 
GLN HE21 H  N N 106 
GLN HE22 H  N N 107 
GLN HXT  H  N N 108 
GLU N    N  N N 109 
GLU CA   C  N S 110 
GLU C    C  N N 111 
GLU O    O  N N 112 
GLU CB   C  N N 113 
GLU CG   C  N N 114 
GLU CD   C  N N 115 
GLU OE1  O  N N 116 
GLU OE2  O  N N 117 
GLU OXT  O  N N 118 
GLU H    H  N N 119 
GLU H2   H  N N 120 
GLU HA   H  N N 121 
GLU HB2  H  N N 122 
GLU HB3  H  N N 123 
GLU HG2  H  N N 124 
GLU HG3  H  N N 125 
GLU HE2  H  N N 126 
GLU HXT  H  N N 127 
GLY N    N  N N 128 
GLY CA   C  N N 129 
GLY C    C  N N 130 
GLY O    O  N N 131 
GLY OXT  O  N N 132 
GLY H    H  N N 133 
GLY H2   H  N N 134 
GLY HA2  H  N N 135 
GLY HA3  H  N N 136 
GLY HXT  H  N N 137 
GOL C1   C  N N 138 
GOL O1   O  N N 139 
GOL C2   C  N N 140 
GOL O2   O  N N 141 
GOL C3   C  N N 142 
GOL O3   O  N N 143 
GOL H11  H  N N 144 
GOL H12  H  N N 145 
GOL HO1  H  N N 146 
GOL H2   H  N N 147 
GOL HO2  H  N N 148 
GOL H31  H  N N 149 
GOL H32  H  N N 150 
GOL HO3  H  N N 151 
HIS N    N  N N 152 
HIS CA   C  N S 153 
HIS C    C  N N 154 
HIS O    O  N N 155 
HIS CB   C  N N 156 
HIS CG   C  Y N 157 
HIS ND1  N  Y N 158 
HIS CD2  C  Y N 159 
HIS CE1  C  Y N 160 
HIS NE2  N  Y N 161 
HIS OXT  O  N N 162 
HIS H    H  N N 163 
HIS H2   H  N N 164 
HIS HA   H  N N 165 
HIS HB2  H  N N 166 
HIS HB3  H  N N 167 
HIS HD1  H  N N 168 
HIS HD2  H  N N 169 
HIS HE1  H  N N 170 
HIS HE2  H  N N 171 
HIS HXT  H  N N 172 
HOH O    O  N N 173 
HOH H1   H  N N 174 
HOH H2   H  N N 175 
ILE N    N  N N 176 
ILE CA   C  N S 177 
ILE C    C  N N 178 
ILE O    O  N N 179 
ILE CB   C  N S 180 
ILE CG1  C  N N 181 
ILE CG2  C  N N 182 
ILE CD1  C  N N 183 
ILE OXT  O  N N 184 
ILE H    H  N N 185 
ILE H2   H  N N 186 
ILE HA   H  N N 187 
ILE HB   H  N N 188 
ILE HG12 H  N N 189 
ILE HG13 H  N N 190 
ILE HG21 H  N N 191 
ILE HG22 H  N N 192 
ILE HG23 H  N N 193 
ILE HD11 H  N N 194 
ILE HD12 H  N N 195 
ILE HD13 H  N N 196 
ILE HXT  H  N N 197 
LEU N    N  N N 198 
LEU CA   C  N S 199 
LEU C    C  N N 200 
LEU O    O  N N 201 
LEU CB   C  N N 202 
LEU CG   C  N N 203 
LEU CD1  C  N N 204 
LEU CD2  C  N N 205 
LEU OXT  O  N N 206 
LEU H    H  N N 207 
LEU H2   H  N N 208 
LEU HA   H  N N 209 
LEU HB2  H  N N 210 
LEU HB3  H  N N 211 
LEU HG   H  N N 212 
LEU HD11 H  N N 213 
LEU HD12 H  N N 214 
LEU HD13 H  N N 215 
LEU HD21 H  N N 216 
LEU HD22 H  N N 217 
LEU HD23 H  N N 218 
LEU HXT  H  N N 219 
LYS N    N  N N 220 
LYS CA   C  N S 221 
LYS C    C  N N 222 
LYS O    O  N N 223 
LYS CB   C  N N 224 
LYS CG   C  N N 225 
LYS CD   C  N N 226 
LYS CE   C  N N 227 
LYS NZ   N  N N 228 
LYS OXT  O  N N 229 
LYS H    H  N N 230 
LYS H2   H  N N 231 
LYS HA   H  N N 232 
LYS HB2  H  N N 233 
LYS HB3  H  N N 234 
LYS HG2  H  N N 235 
LYS HG3  H  N N 236 
LYS HD2  H  N N 237 
LYS HD3  H  N N 238 
LYS HE2  H  N N 239 
LYS HE3  H  N N 240 
LYS HZ1  H  N N 241 
LYS HZ2  H  N N 242 
LYS HZ3  H  N N 243 
LYS HXT  H  N N 244 
MSE N    N  N N 245 
MSE CA   C  N S 246 
MSE C    C  N N 247 
MSE O    O  N N 248 
MSE OXT  O  N N 249 
MSE CB   C  N N 250 
MSE CG   C  N N 251 
MSE SE   SE N N 252 
MSE CE   C  N N 253 
MSE H    H  N N 254 
MSE H2   H  N N 255 
MSE HA   H  N N 256 
MSE HXT  H  N N 257 
MSE HB2  H  N N 258 
MSE HB3  H  N N 259 
MSE HG2  H  N N 260 
MSE HG3  H  N N 261 
MSE HE1  H  N N 262 
MSE HE2  H  N N 263 
MSE HE3  H  N N 264 
PHE N    N  N N 265 
PHE CA   C  N S 266 
PHE C    C  N N 267 
PHE O    O  N N 268 
PHE CB   C  N N 269 
PHE CG   C  Y N 270 
PHE CD1  C  Y N 271 
PHE CD2  C  Y N 272 
PHE CE1  C  Y N 273 
PHE CE2  C  Y N 274 
PHE CZ   C  Y N 275 
PHE OXT  O  N N 276 
PHE H    H  N N 277 
PHE H2   H  N N 278 
PHE HA   H  N N 279 
PHE HB2  H  N N 280 
PHE HB3  H  N N 281 
PHE HD1  H  N N 282 
PHE HD2  H  N N 283 
PHE HE1  H  N N 284 
PHE HE2  H  N N 285 
PHE HZ   H  N N 286 
PHE HXT  H  N N 287 
PRO N    N  N N 288 
PRO CA   C  N S 289 
PRO C    C  N N 290 
PRO O    O  N N 291 
PRO CB   C  N N 292 
PRO CG   C  N N 293 
PRO CD   C  N N 294 
PRO OXT  O  N N 295 
PRO H    H  N N 296 
PRO HA   H  N N 297 
PRO HB2  H  N N 298 
PRO HB3  H  N N 299 
PRO HG2  H  N N 300 
PRO HG3  H  N N 301 
PRO HD2  H  N N 302 
PRO HD3  H  N N 303 
PRO HXT  H  N N 304 
SER N    N  N N 305 
SER CA   C  N S 306 
SER C    C  N N 307 
SER O    O  N N 308 
SER CB   C  N N 309 
SER OG   O  N N 310 
SER OXT  O  N N 311 
SER H    H  N N 312 
SER H2   H  N N 313 
SER HA   H  N N 314 
SER HB2  H  N N 315 
SER HB3  H  N N 316 
SER HG   H  N N 317 
SER HXT  H  N N 318 
THR N    N  N N 319 
THR CA   C  N S 320 
THR C    C  N N 321 
THR O    O  N N 322 
THR CB   C  N R 323 
THR OG1  O  N N 324 
THR CG2  C  N N 325 
THR OXT  O  N N 326 
THR H    H  N N 327 
THR H2   H  N N 328 
THR HA   H  N N 329 
THR HB   H  N N 330 
THR HG1  H  N N 331 
THR HG21 H  N N 332 
THR HG22 H  N N 333 
THR HG23 H  N N 334 
THR HXT  H  N N 335 
TRP N    N  N N 336 
TRP CA   C  N S 337 
TRP C    C  N N 338 
TRP O    O  N N 339 
TRP CB   C  N N 340 
TRP CG   C  Y N 341 
TRP CD1  C  Y N 342 
TRP CD2  C  Y N 343 
TRP NE1  N  Y N 344 
TRP CE2  C  Y N 345 
TRP CE3  C  Y N 346 
TRP CZ2  C  Y N 347 
TRP CZ3  C  Y N 348 
TRP CH2  C  Y N 349 
TRP OXT  O  N N 350 
TRP H    H  N N 351 
TRP H2   H  N N 352 
TRP HA   H  N N 353 
TRP HB2  H  N N 354 
TRP HB3  H  N N 355 
TRP HD1  H  N N 356 
TRP HE1  H  N N 357 
TRP HE3  H  N N 358 
TRP HZ2  H  N N 359 
TRP HZ3  H  N N 360 
TRP HH2  H  N N 361 
TRP HXT  H  N N 362 
TYR N    N  N N 363 
TYR CA   C  N S 364 
TYR C    C  N N 365 
TYR O    O  N N 366 
TYR CB   C  N N 367 
TYR CG   C  Y N 368 
TYR CD1  C  Y N 369 
TYR CD2  C  Y N 370 
TYR CE1  C  Y N 371 
TYR CE2  C  Y N 372 
TYR CZ   C  Y N 373 
TYR OH   O  N N 374 
TYR OXT  O  N N 375 
TYR H    H  N N 376 
TYR H2   H  N N 377 
TYR HA   H  N N 378 
TYR HB2  H  N N 379 
TYR HB3  H  N N 380 
TYR HD1  H  N N 381 
TYR HD2  H  N N 382 
TYR HE1  H  N N 383 
TYR HE2  H  N N 384 
TYR HH   H  N N 385 
TYR HXT  H  N N 386 
VAL N    N  N N 387 
VAL CA   C  N S 388 
VAL C    C  N N 389 
VAL O    O  N N 390 
VAL CB   C  N N 391 
VAL CG1  C  N N 392 
VAL CG2  C  N N 393 
VAL OXT  O  N N 394 
VAL H    H  N N 395 
VAL H2   H  N N 396 
VAL HA   H  N N 397 
VAL HB   H  N N 398 
VAL HG11 H  N N 399 
VAL HG12 H  N N 400 
VAL HG13 H  N N 401 
VAL HG21 H  N N 402 
VAL HG22 H  N N 403 
VAL HG23 H  N N 404 
VAL HXT  H  N N 405 
# 
loop_
_chem_comp_bond.comp_id 
_chem_comp_bond.atom_id_1 
_chem_comp_bond.atom_id_2 
_chem_comp_bond.value_order 
_chem_comp_bond.pdbx_aromatic_flag 
_chem_comp_bond.pdbx_stereo_config 
_chem_comp_bond.pdbx_ordinal 
ALA N   CA   sing N N 1   
ALA N   H    sing N N 2   
ALA N   H2   sing N N 3   
ALA CA  C    sing N N 4   
ALA CA  CB   sing N N 5   
ALA CA  HA   sing N N 6   
ALA C   O    doub N N 7   
ALA C   OXT  sing N N 8   
ALA CB  HB1  sing N N 9   
ALA CB  HB2  sing N N 10  
ALA CB  HB3  sing N N 11  
ALA OXT HXT  sing N N 12  
ARG N   CA   sing N N 13  
ARG N   H    sing N N 14  
ARG N   H2   sing N N 15  
ARG CA  C    sing N N 16  
ARG CA  CB   sing N N 17  
ARG CA  HA   sing N N 18  
ARG C   O    doub N N 19  
ARG C   OXT  sing N N 20  
ARG CB  CG   sing N N 21  
ARG CB  HB2  sing N N 22  
ARG CB  HB3  sing N N 23  
ARG CG  CD   sing N N 24  
ARG CG  HG2  sing N N 25  
ARG CG  HG3  sing N N 26  
ARG CD  NE   sing N N 27  
ARG CD  HD2  sing N N 28  
ARG CD  HD3  sing N N 29  
ARG NE  CZ   sing N N 30  
ARG NE  HE   sing N N 31  
ARG CZ  NH1  sing N N 32  
ARG CZ  NH2  doub N N 33  
ARG NH1 HH11 sing N N 34  
ARG NH1 HH12 sing N N 35  
ARG NH2 HH21 sing N N 36  
ARG NH2 HH22 sing N N 37  
ARG OXT HXT  sing N N 38  
ASN N   CA   sing N N 39  
ASN N   H    sing N N 40  
ASN N   H2   sing N N 41  
ASN CA  C    sing N N 42  
ASN CA  CB   sing N N 43  
ASN CA  HA   sing N N 44  
ASN C   O    doub N N 45  
ASN C   OXT  sing N N 46  
ASN CB  CG   sing N N 47  
ASN CB  HB2  sing N N 48  
ASN CB  HB3  sing N N 49  
ASN CG  OD1  doub N N 50  
ASN CG  ND2  sing N N 51  
ASN ND2 HD21 sing N N 52  
ASN ND2 HD22 sing N N 53  
ASN OXT HXT  sing N N 54  
ASP N   CA   sing N N 55  
ASP N   H    sing N N 56  
ASP N   H2   sing N N 57  
ASP CA  C    sing N N 58  
ASP CA  CB   sing N N 59  
ASP CA  HA   sing N N 60  
ASP C   O    doub N N 61  
ASP C   OXT  sing N N 62  
ASP CB  CG   sing N N 63  
ASP CB  HB2  sing N N 64  
ASP CB  HB3  sing N N 65  
ASP CG  OD1  doub N N 66  
ASP CG  OD2  sing N N 67  
ASP OD2 HD2  sing N N 68  
ASP OXT HXT  sing N N 69  
CYS N   CA   sing N N 70  
CYS N   H    sing N N 71  
CYS N   H2   sing N N 72  
CYS CA  C    sing N N 73  
CYS CA  CB   sing N N 74  
CYS CA  HA   sing N N 75  
CYS C   O    doub N N 76  
CYS C   OXT  sing N N 77  
CYS CB  SG   sing N N 78  
CYS CB  HB2  sing N N 79  
CYS CB  HB3  sing N N 80  
CYS SG  HG   sing N N 81  
CYS OXT HXT  sing N N 82  
GLN N   CA   sing N N 83  
GLN N   H    sing N N 84  
GLN N   H2   sing N N 85  
GLN CA  C    sing N N 86  
GLN CA  CB   sing N N 87  
GLN CA  HA   sing N N 88  
GLN C   O    doub N N 89  
GLN C   OXT  sing N N 90  
GLN CB  CG   sing N N 91  
GLN CB  HB2  sing N N 92  
GLN CB  HB3  sing N N 93  
GLN CG  CD   sing N N 94  
GLN CG  HG2  sing N N 95  
GLN CG  HG3  sing N N 96  
GLN CD  OE1  doub N N 97  
GLN CD  NE2  sing N N 98  
GLN NE2 HE21 sing N N 99  
GLN NE2 HE22 sing N N 100 
GLN OXT HXT  sing N N 101 
GLU N   CA   sing N N 102 
GLU N   H    sing N N 103 
GLU N   H2   sing N N 104 
GLU CA  C    sing N N 105 
GLU CA  CB   sing N N 106 
GLU CA  HA   sing N N 107 
GLU C   O    doub N N 108 
GLU C   OXT  sing N N 109 
GLU CB  CG   sing N N 110 
GLU CB  HB2  sing N N 111 
GLU CB  HB3  sing N N 112 
GLU CG  CD   sing N N 113 
GLU CG  HG2  sing N N 114 
GLU CG  HG3  sing N N 115 
GLU CD  OE1  doub N N 116 
GLU CD  OE2  sing N N 117 
GLU OE2 HE2  sing N N 118 
GLU OXT HXT  sing N N 119 
GLY N   CA   sing N N 120 
GLY N   H    sing N N 121 
GLY N   H2   sing N N 122 
GLY CA  C    sing N N 123 
GLY CA  HA2  sing N N 124 
GLY CA  HA3  sing N N 125 
GLY C   O    doub N N 126 
GLY C   OXT  sing N N 127 
GLY OXT HXT  sing N N 128 
GOL C1  O1   sing N N 129 
GOL C1  C2   sing N N 130 
GOL C1  H11  sing N N 131 
GOL C1  H12  sing N N 132 
GOL O1  HO1  sing N N 133 
GOL C2  O2   sing N N 134 
GOL C2  C3   sing N N 135 
GOL C2  H2   sing N N 136 
GOL O2  HO2  sing N N 137 
GOL C3  O3   sing N N 138 
GOL C3  H31  sing N N 139 
GOL C3  H32  sing N N 140 
GOL O3  HO3  sing N N 141 
HIS N   CA   sing N N 142 
HIS N   H    sing N N 143 
HIS N   H2   sing N N 144 
HIS CA  C    sing N N 145 
HIS CA  CB   sing N N 146 
HIS CA  HA   sing N N 147 
HIS C   O    doub N N 148 
HIS C   OXT  sing N N 149 
HIS CB  CG   sing N N 150 
HIS CB  HB2  sing N N 151 
HIS CB  HB3  sing N N 152 
HIS CG  ND1  sing Y N 153 
HIS CG  CD2  doub Y N 154 
HIS ND1 CE1  doub Y N 155 
HIS ND1 HD1  sing N N 156 
HIS CD2 NE2  sing Y N 157 
HIS CD2 HD2  sing N N 158 
HIS CE1 NE2  sing Y N 159 
HIS CE1 HE1  sing N N 160 
HIS NE2 HE2  sing N N 161 
HIS OXT HXT  sing N N 162 
HOH O   H1   sing N N 163 
HOH O   H2   sing N N 164 
ILE N   CA   sing N N 165 
ILE N   H    sing N N 166 
ILE N   H2   sing N N 167 
ILE CA  C    sing N N 168 
ILE CA  CB   sing N N 169 
ILE CA  HA   sing N N 170 
ILE C   O    doub N N 171 
ILE C   OXT  sing N N 172 
ILE CB  CG1  sing N N 173 
ILE CB  CG2  sing N N 174 
ILE CB  HB   sing N N 175 
ILE CG1 CD1  sing N N 176 
ILE CG1 HG12 sing N N 177 
ILE CG1 HG13 sing N N 178 
ILE CG2 HG21 sing N N 179 
ILE CG2 HG22 sing N N 180 
ILE CG2 HG23 sing N N 181 
ILE CD1 HD11 sing N N 182 
ILE CD1 HD12 sing N N 183 
ILE CD1 HD13 sing N N 184 
ILE OXT HXT  sing N N 185 
LEU N   CA   sing N N 186 
LEU N   H    sing N N 187 
LEU N   H2   sing N N 188 
LEU CA  C    sing N N 189 
LEU CA  CB   sing N N 190 
LEU CA  HA   sing N N 191 
LEU C   O    doub N N 192 
LEU C   OXT  sing N N 193 
LEU CB  CG   sing N N 194 
LEU CB  HB2  sing N N 195 
LEU CB  HB3  sing N N 196 
LEU CG  CD1  sing N N 197 
LEU CG  CD2  sing N N 198 
LEU CG  HG   sing N N 199 
LEU CD1 HD11 sing N N 200 
LEU CD1 HD12 sing N N 201 
LEU CD1 HD13 sing N N 202 
LEU CD2 HD21 sing N N 203 
LEU CD2 HD22 sing N N 204 
LEU CD2 HD23 sing N N 205 
LEU OXT HXT  sing N N 206 
LYS N   CA   sing N N 207 
LYS N   H    sing N N 208 
LYS N   H2   sing N N 209 
LYS CA  C    sing N N 210 
LYS CA  CB   sing N N 211 
LYS CA  HA   sing N N 212 
LYS C   O    doub N N 213 
LYS C   OXT  sing N N 214 
LYS CB  CG   sing N N 215 
LYS CB  HB2  sing N N 216 
LYS CB  HB3  sing N N 217 
LYS CG  CD   sing N N 218 
LYS CG  HG2  sing N N 219 
LYS CG  HG3  sing N N 220 
LYS CD  CE   sing N N 221 
LYS CD  HD2  sing N N 222 
LYS CD  HD3  sing N N 223 
LYS CE  NZ   sing N N 224 
LYS CE  HE2  sing N N 225 
LYS CE  HE3  sing N N 226 
LYS NZ  HZ1  sing N N 227 
LYS NZ  HZ2  sing N N 228 
LYS NZ  HZ3  sing N N 229 
LYS OXT HXT  sing N N 230 
MSE N   CA   sing N N 231 
MSE N   H    sing N N 232 
MSE N   H2   sing N N 233 
MSE CA  C    sing N N 234 
MSE CA  CB   sing N N 235 
MSE CA  HA   sing N N 236 
MSE C   O    doub N N 237 
MSE C   OXT  sing N N 238 
MSE OXT HXT  sing N N 239 
MSE CB  CG   sing N N 240 
MSE CB  HB2  sing N N 241 
MSE CB  HB3  sing N N 242 
MSE CG  SE   sing N N 243 
MSE CG  HG2  sing N N 244 
MSE CG  HG3  sing N N 245 
MSE SE  CE   sing N N 246 
MSE CE  HE1  sing N N 247 
MSE CE  HE2  sing N N 248 
MSE CE  HE3  sing N N 249 
PHE N   CA   sing N N 250 
PHE N   H    sing N N 251 
PHE N   H2   sing N N 252 
PHE CA  C    sing N N 253 
PHE CA  CB   sing N N 254 
PHE CA  HA   sing N N 255 
PHE C   O    doub N N 256 
PHE C   OXT  sing N N 257 
PHE CB  CG   sing N N 258 
PHE CB  HB2  sing N N 259 
PHE CB  HB3  sing N N 260 
PHE CG  CD1  doub Y N 261 
PHE CG  CD2  sing Y N 262 
PHE CD1 CE1  sing Y N 263 
PHE CD1 HD1  sing N N 264 
PHE CD2 CE2  doub Y N 265 
PHE CD2 HD2  sing N N 266 
PHE CE1 CZ   doub Y N 267 
PHE CE1 HE1  sing N N 268 
PHE CE2 CZ   sing Y N 269 
PHE CE2 HE2  sing N N 270 
PHE CZ  HZ   sing N N 271 
PHE OXT HXT  sing N N 272 
PRO N   CA   sing N N 273 
PRO N   CD   sing N N 274 
PRO N   H    sing N N 275 
PRO CA  C    sing N N 276 
PRO CA  CB   sing N N 277 
PRO CA  HA   sing N N 278 
PRO C   O    doub N N 279 
PRO C   OXT  sing N N 280 
PRO CB  CG   sing N N 281 
PRO CB  HB2  sing N N 282 
PRO CB  HB3  sing N N 283 
PRO CG  CD   sing N N 284 
PRO CG  HG2  sing N N 285 
PRO CG  HG3  sing N N 286 
PRO CD  HD2  sing N N 287 
PRO CD  HD3  sing N N 288 
PRO OXT HXT  sing N N 289 
SER N   CA   sing N N 290 
SER N   H    sing N N 291 
SER N   H2   sing N N 292 
SER CA  C    sing N N 293 
SER CA  CB   sing N N 294 
SER CA  HA   sing N N 295 
SER C   O    doub N N 296 
SER C   OXT  sing N N 297 
SER CB  OG   sing N N 298 
SER CB  HB2  sing N N 299 
SER CB  HB3  sing N N 300 
SER OG  HG   sing N N 301 
SER OXT HXT  sing N N 302 
THR N   CA   sing N N 303 
THR N   H    sing N N 304 
THR N   H2   sing N N 305 
THR CA  C    sing N N 306 
THR CA  CB   sing N N 307 
THR CA  HA   sing N N 308 
THR C   O    doub N N 309 
THR C   OXT  sing N N 310 
THR CB  OG1  sing N N 311 
THR CB  CG2  sing N N 312 
THR CB  HB   sing N N 313 
THR OG1 HG1  sing N N 314 
THR CG2 HG21 sing N N 315 
THR CG2 HG22 sing N N 316 
THR CG2 HG23 sing N N 317 
THR OXT HXT  sing N N 318 
TRP N   CA   sing N N 319 
TRP N   H    sing N N 320 
TRP N   H2   sing N N 321 
TRP CA  C    sing N N 322 
TRP CA  CB   sing N N 323 
TRP CA  HA   sing N N 324 
TRP C   O    doub N N 325 
TRP C   OXT  sing N N 326 
TRP CB  CG   sing N N 327 
TRP CB  HB2  sing N N 328 
TRP CB  HB3  sing N N 329 
TRP CG  CD1  doub Y N 330 
TRP CG  CD2  sing Y N 331 
TRP CD1 NE1  sing Y N 332 
TRP CD1 HD1  sing N N 333 
TRP CD2 CE2  doub Y N 334 
TRP CD2 CE3  sing Y N 335 
TRP NE1 CE2  sing Y N 336 
TRP NE1 HE1  sing N N 337 
TRP CE2 CZ2  sing Y N 338 
TRP CE3 CZ3  doub Y N 339 
TRP CE3 HE3  sing N N 340 
TRP CZ2 CH2  doub Y N 341 
TRP CZ2 HZ2  sing N N 342 
TRP CZ3 CH2  sing Y N 343 
TRP CZ3 HZ3  sing N N 344 
TRP CH2 HH2  sing N N 345 
TRP OXT HXT  sing N N 346 
TYR N   CA   sing N N 347 
TYR N   H    sing N N 348 
TYR N   H2   sing N N 349 
TYR CA  C    sing N N 350 
TYR CA  CB   sing N N 351 
TYR CA  HA   sing N N 352 
TYR C   O    doub N N 353 
TYR C   OXT  sing N N 354 
TYR CB  CG   sing N N 355 
TYR CB  HB2  sing N N 356 
TYR CB  HB3  sing N N 357 
TYR CG  CD1  doub Y N 358 
TYR CG  CD2  sing Y N 359 
TYR CD1 CE1  sing Y N 360 
TYR CD1 HD1  sing N N 361 
TYR CD2 CE2  doub Y N 362 
TYR CD2 HD2  sing N N 363 
TYR CE1 CZ   doub Y N 364 
TYR CE1 HE1  sing N N 365 
TYR CE2 CZ   sing Y N 366 
TYR CE2 HE2  sing N N 367 
TYR CZ  OH   sing N N 368 
TYR OH  HH   sing N N 369 
TYR OXT HXT  sing N N 370 
VAL N   CA   sing N N 371 
VAL N   H    sing N N 372 
VAL N   H2   sing N N 373 
VAL CA  C    sing N N 374 
VAL CA  CB   sing N N 375 
VAL CA  HA   sing N N 376 
VAL C   O    doub N N 377 
VAL C   OXT  sing N N 378 
VAL CB  CG1  sing N N 379 
VAL CB  CG2  sing N N 380 
VAL CB  HB   sing N N 381 
VAL CG1 HG11 sing N N 382 
VAL CG1 HG12 sing N N 383 
VAL CG1 HG13 sing N N 384 
VAL CG2 HG21 sing N N 385 
VAL CG2 HG22 sing N N 386 
VAL CG2 HG23 sing N N 387 
VAL OXT HXT  sing N N 388 
# 
_atom_sites.entry_id                    3QR8 
_atom_sites.fract_transf_matrix[1][1]   0.01338974 
_atom_sites.fract_transf_matrix[1][2]   -0.00231419 
_atom_sites.fract_transf_matrix[1][3]   -0.00995948 
_atom_sites.fract_transf_matrix[2][1]   0.01392552 
_atom_sites.fract_transf_matrix[2][2]   0.00918913 
_atom_sites.fract_transf_matrix[2][3]   0.00233692 
_atom_sites.fract_transf_matrix[3][1]   0.00265027 
_atom_sites.fract_transf_matrix[3][2]   -0.00523159 
_atom_sites.fract_transf_matrix[3][3]   0.00477869 
_atom_sites.fract_transf_vector[1]      0.338369 
_atom_sites.fract_transf_vector[2]      0.579981 
_atom_sites.fract_transf_vector[3]      0.382415 
# 
loop_
_atom_type.symbol 
C  
CL 
N  
O  
S  
SE 
# 
loop_
_atom_site.group_PDB 
_atom_site.id 
_atom_site.type_symbol 
_atom_site.label_atom_id 
_atom_site.label_alt_id 
_atom_site.label_comp_id 
_atom_site.label_asym_id 
_atom_site.label_entity_id 
_atom_site.label_seq_id 
_atom_site.pdbx_PDB_ins_code 
_atom_site.Cartn_x 
_atom_site.Cartn_y 
_atom_site.Cartn_z 
_atom_site.occupancy 
_atom_site.B_iso_or_equiv 
_atom_site.pdbx_formal_charge 
_atom_site.auth_seq_id 
_atom_site.auth_comp_id 
_atom_site.auth_asym_id 
_atom_site.auth_atom_id 
_atom_site.pdbx_PDB_model_num 
ATOM   1    N  N   . ILE A 1 7   ? 15.700  -26.708 27.588  1.00 87.87  ? 7   ILE A N   1 
ATOM   2    C  CA  . ILE A 1 7   ? 14.480  -27.509 27.433  1.00 90.29  ? 7   ILE A CA  1 
ATOM   3    C  C   . ILE A 1 7   ? 13.992  -27.411 25.984  1.00 93.90  ? 7   ILE A C   1 
ATOM   4    O  O   . ILE A 1 7   ? 14.216  -26.413 25.315  1.00 78.21  ? 7   ILE A O   1 
ATOM   5    C  CB  . ILE A 1 7   ? 13.409  -27.130 28.518  1.00 79.02  ? 7   ILE A CB  1 
ATOM   6    C  CG1 . ILE A 1 7   ? 12.449  -28.268 28.814  1.00 96.27  ? 7   ILE A CG1 1 
ATOM   7    C  CG2 . ILE A 1 7   ? 12.636  -25.893 28.097  1.00 100.47 ? 7   ILE A CG2 1 
ATOM   8    C  CD1 . ILE A 1 7   ? 11.732  -28.084 30.105  1.00 84.79  ? 7   ILE A CD1 1 
ATOM   9    N  N   . GLN A 1 8   ? 13.333  -28.464 25.516  1.00 92.78  ? 8   GLN A N   1 
ATOM   10   C  CA  . GLN A 1 8   ? 13.153  -28.716 24.081  1.00 92.68  ? 8   GLN A CA  1 
ATOM   11   C  C   . GLN A 1 8   ? 12.094  -27.891 23.341  1.00 94.04  ? 8   GLN A C   1 
ATOM   12   O  O   . GLN A 1 8   ? 11.997  -27.949 22.114  1.00 79.07  ? 8   GLN A O   1 
ATOM   13   C  CB  . GLN A 1 8   ? 12.837  -30.193 23.844  1.00 100.68 ? 8   GLN A CB  1 
ATOM   14   C  CG  . GLN A 1 8   ? 13.903  -30.948 23.074  1.00 92.21  ? 8   GLN A CG  1 
ATOM   15   C  CD  . GLN A 1 8   ? 13.448  -32.340 22.675  1.00 99.59  ? 8   GLN A CD  1 
ATOM   16   O  OE1 . GLN A 1 8   ? 12.676  -32.983 23.387  1.00 107.11 ? 8   GLN A OE1 1 
ATOM   17   N  NE2 . GLN A 1 8   ? 13.916  -32.806 21.524  1.00 103.12 ? 8   GLN A NE2 1 
ATOM   18   N  N   . GLU A 1 9   ? 11.291  -27.144 24.090  1.00 88.52  ? 9   GLU A N   1 
ATOM   19   C  CA  . GLU A 1 9   ? 10.119  -26.442 23.551  1.00 83.01  ? 9   GLU A CA  1 
ATOM   20   C  C   . GLU A 1 9   ? 10.269  -24.954 23.811  1.00 79.54  ? 9   GLU A C   1 
ATOM   21   O  O   . GLU A 1 9   ? 9.454   -24.142 23.374  1.00 63.12  ? 9   GLU A O   1 
ATOM   22   C  CB  . GLU A 1 9   ? 8.813   -26.966 24.173  1.00 87.02  ? 9   GLU A CB  1 
ATOM   23   C  CG  . GLU A 1 9   ? 8.517   -26.509 25.574  1.00 89.95  ? 9   GLU A CG  1 
ATOM   24   C  CD  . GLU A 1 9   ? 9.530   -26.965 26.619  1.00 113.87 ? 9   GLU A CD  1 
ATOM   25   O  OE1 . GLU A 1 9   ? 10.605  -27.479 26.260  1.00 97.95  ? 9   GLU A OE1 1 
ATOM   26   O  OE2 . GLU A 1 9   ? 9.229   -26.836 27.822  1.00 119.75 ? 9   GLU A OE2 1 
ATOM   27   N  N   . LEU A 1 10  ? 11.317  -24.614 24.548  1.00 71.61  ? 10  LEU A N   1 
ATOM   28   C  CA  . LEU A 1 10  ? 11.710  -23.236 24.715  1.00 65.28  ? 10  LEU A CA  1 
ATOM   29   C  C   . LEU A 1 10  ? 12.293  -22.939 23.352  1.00 65.09  ? 10  LEU A C   1 
ATOM   30   O  O   . LEU A 1 10  ? 12.017  -21.910 22.742  1.00 67.82  ? 10  LEU A O   1 
ATOM   31   C  CB  . LEU A 1 10  ? 12.776  -23.151 25.800  1.00 57.10  ? 10  LEU A CB  1 
ATOM   32   C  CG  . LEU A 1 10  ? 12.877  -21.860 26.608  1.00 68.91  ? 10  LEU A CG  1 
ATOM   33   C  CD1 . LEU A 1 10  ? 11.536  -21.478 27.216  1.00 64.22  ? 10  LEU A CD1 1 
ATOM   34   C  CD2 . LEU A 1 10  ? 13.939  -21.991 27.689  1.00 92.06  ? 10  LEU A CD2 1 
ATOM   35   N  N   . ALA A 1 11  ? 13.060  -23.910 22.866  1.00 60.13  ? 11  ALA A N   1 
ATOM   36   C  CA  . ALA A 1 11  ? 13.657  -23.876 21.540  1.00 63.52  ? 11  ALA A CA  1 
ATOM   37   C  C   . ALA A 1 11  ? 12.600  -23.923 20.436  1.00 56.32  ? 11  ALA A C   1 
ATOM   38   O  O   . ALA A 1 11  ? 12.782  -23.332 19.374  1.00 57.24  ? 11  ALA A O   1 
ATOM   39   C  CB  . ALA A 1 11  ? 14.644  -25.026 21.381  1.00 67.56  ? 11  ALA A CB  1 
ATOM   40   N  N   . ARG A 1 12  ? 11.499  -24.631 20.685  1.00 59.47  ? 12  ARG A N   1 
ATOM   41   C  CA  . ARG A 1 12  ? 10.390  -24.683 19.730  1.00 64.83  ? 12  ARG A CA  1 
ATOM   42   C  C   . ARG A 1 12  ? 9.629   -23.362 19.709  1.00 53.66  ? 12  ARG A C   1 
ATOM   43   O  O   . ARG A 1 12  ? 9.194   -22.896 18.653  1.00 52.48  ? 12  ARG A O   1 
ATOM   44   C  CB  . ARG A 1 12  ? 9.437   -25.847 20.049  1.00 61.99  ? 12  ARG A CB  1 
ATOM   45   C  CG  . ARG A 1 12  ? 7.962   -25.460 20.186  1.00 78.55  ? 12  ARG A CG  1 
ATOM   46   C  CD  . ARG A 1 12  ? 7.047   -26.676 20.216  1.00 75.34  ? 12  ARG A CD  1 
ATOM   47   N  NE  . ARG A 1 12  ? 6.951   -27.317 18.907  1.00 78.67  ? 12  ARG A NE  1 
ATOM   48   C  CZ  . ARG A 1 12  ? 7.666   -28.375 18.538  1.00 82.52  ? 12  ARG A CZ  1 
ATOM   49   N  NH1 . ARG A 1 12  ? 8.527   -28.919 19.386  1.00 87.73  ? 12  ARG A NH1 1 
ATOM   50   N  NH2 . ARG A 1 12  ? 7.518   -28.891 17.325  1.00 73.62  ? 12  ARG A NH2 1 
ATOM   51   N  N   . ALA A 1 13  ? 9.480   -22.760 20.884  1.00 47.19  ? 13  ALA A N   1 
ATOM   52   C  CA  . ALA A 1 13  ? 8.799   -21.485 21.004  1.00 46.19  ? 13  ALA A CA  1 
ATOM   53   C  C   . ALA A 1 13  ? 9.653   -20.391 20.381  1.00 34.95  ? 13  ALA A C   1 
ATOM   54   O  O   . ALA A 1 13  ? 9.138   -19.478 19.736  1.00 45.51  ? 13  ALA A O   1 
ATOM   55   C  CB  . ALA A 1 13  ? 8.515   -21.172 22.462  1.00 50.76  ? 13  ALA A CB  1 
ATOM   56   N  N   . LEU A 1 14  ? 10.964  -20.497 20.567  1.00 40.00  ? 14  LEU A N   1 
ATOM   57   C  CA  . LEU A 1 14  ? 11.894  -19.514 20.032  1.00 42.57  ? 14  LEU A CA  1 
ATOM   58   C  C   . LEU A 1 14  ? 11.933  -19.547 18.509  1.00 42.98  ? 14  LEU A C   1 
ATOM   59   O  O   . LEU A 1 14  ? 11.959  -18.500 17.865  1.00 39.64  ? 14  LEU A O   1 
ATOM   60   C  CB  . LEU A 1 14  ? 13.297  -19.727 20.605  1.00 56.84  ? 14  LEU A CB  1 
ATOM   61   C  CG  . LEU A 1 14  ? 14.307  -18.603 20.362  1.00 50.97  ? 14  LEU A CG  1 
ATOM   62   C  CD1 . LEU A 1 14  ? 15.132  -18.353 21.611  1.00 62.84  ? 14  LEU A CD1 1 
ATOM   63   C  CD2 . LEU A 1 14  ? 15.214  -18.938 19.191  1.00 58.28  ? 14  LEU A CD2 1 
ATOM   64   N  N   . ARG A 1 15  ? 11.937  -20.741 17.928  1.00 37.62  ? 15  ARG A N   1 
ATOM   65   C  CA  . ARG A 1 15  ? 12.018  -20.846 16.470  1.00 42.01  ? 15  ARG A CA  1 
ATOM   66   C  C   . ARG A 1 15  ? 10.701  -20.458 15.800  1.00 41.42  ? 15  ARG A C   1 
ATOM   67   O  O   . ARG A 1 15  ? 10.687  -20.029 14.647  1.00 55.00  ? 15  ARG A O   1 
ATOM   68   C  CB  . ARG A 1 15  ? 12.444  -22.252 16.032  1.00 41.37  ? 15  ARG A CB  1 
ATOM   69   C  CG  . ARG A 1 15  ? 11.417  -23.340 16.315  1.00 55.15  ? 15  ARG A CG  1 
ATOM   70   C  CD  . ARG A 1 15  ? 11.831  -24.659 15.675  1.00 74.98  ? 15  ARG A CD  1 
ATOM   71   N  NE  . ARG A 1 15  ? 13.176  -25.048 16.089  1.00 80.30  ? 15  ARG A NE  1 
ATOM   72   C  CZ  . ARG A 1 15  ? 13.446  -25.901 17.072  1.00 63.29  ? 15  ARG A CZ  1 
ATOM   73   N  NH1 . ARG A 1 15  ? 12.461  -26.477 17.746  1.00 67.95  ? 15  ARG A NH1 1 
ATOM   74   N  NH2 . ARG A 1 15  ? 14.706  -26.181 17.372  1.00 82.32  ? 15  ARG A NH2 1 
ATOM   75   N  N   . ASN A 1 16  ? 9.600   -20.599 16.532  1.00 31.18  ? 16  ASN A N   1 
ATOM   76   C  CA  . ASN A 1 16  ? 8.287   -20.243 15.999  1.00 36.90  ? 16  ASN A CA  1 
ATOM   77   C  C   . ASN A 1 16  ? 7.889   -18.800 16.305  1.00 32.37  ? 16  ASN A C   1 
ATOM   78   O  O   . ASN A 1 16  ? 6.840   -18.329 15.863  1.00 28.82  ? 16  ASN A O   1 
ATOM   79   C  CB  . ASN A 1 16  ? 7.214   -21.214 16.501  1.00 43.70  ? 16  ASN A CB  1 
ATOM   80   C  CG  . ASN A 1 16  ? 7.361   -22.605 15.907  1.00 59.78  ? 16  ASN A CG  1 
ATOM   81   O  OD1 . ASN A 1 16  ? 7.646   -22.759 14.718  1.00 46.77  ? 16  ASN A OD1 1 
ATOM   82   N  ND2 . ASN A 1 16  ? 7.172   -23.625 16.736  1.00 56.25  ? 16  ASN A ND2 1 
HETATM 83   N  N   A MSE A 1 17  ? 8.736   -18.108 17.062  0.54 29.70  ? 17  MSE A N   1 
HETATM 84   N  N   B MSE A 1 17  ? 8.734   -18.098 17.054  0.46 29.72  ? 17  MSE A N   1 
HETATM 85   C  CA  A MSE A 1 17  ? 8.487   -16.721 17.441  0.54 27.56  ? 17  MSE A CA  1 
HETATM 86   C  CA  B MSE A 1 17  ? 8.450   -16.718 17.434  0.46 27.51  ? 17  MSE A CA  1 
HETATM 87   C  C   A MSE A 1 17  ? 8.420   -15.809 16.220  0.54 26.32  ? 17  MSE A C   1 
HETATM 88   C  C   B MSE A 1 17  ? 8.418   -15.796 16.218  0.46 26.32  ? 17  MSE A C   1 
HETATM 89   O  O   A MSE A 1 17  ? 7.519   -14.981 16.098  0.54 28.47  ? 17  MSE A O   1 
HETATM 90   O  O   B MSE A 1 17  ? 7.536   -14.947 16.094  0.46 28.37  ? 17  MSE A O   1 
HETATM 91   C  CB  A MSE A 1 17  ? 9.576   -16.223 18.392  0.54 26.86  ? 17  MSE A CB  1 
HETATM 92   C  CB  B MSE A 1 17  ? 9.475   -16.216 18.452  0.46 26.96  ? 17  MSE A CB  1 
HETATM 93   C  CG  A MSE A 1 17  ? 9.379   -14.792 18.855  0.54 45.46  ? 17  MSE A CG  1 
HETATM 94   C  CG  B MSE A 1 17  ? 9.012   -15.002 19.240  0.46 46.45  ? 17  MSE A CG  1 
HETATM 95   SE SE  A MSE A 1 17  ? 9.042   -14.676 20.769  0.54 71.65  ? 17  MSE A SE  1 
HETATM 96   SE SE  B MSE A 1 17  ? 10.276  -14.482 20.634  0.46 81.49  ? 17  MSE A SE  1 
HETATM 97   C  CE  A MSE A 1 17  ? 7.387   -15.699 20.860  0.54 23.57  ? 17  MSE A CE  1 
HETATM 98   C  CE  B MSE A 1 17  ? 11.641  -13.646 19.523  0.46 23.49  ? 17  MSE A CE  1 
ATOM   99   N  N   . ILE A 1 18  ? 9.390   -15.961 15.326  1.00 23.45  ? 18  ILE A N   1 
ATOM   100  C  CA  . ILE A 1 18  ? 9.419   -15.204 14.082  1.00 18.41  ? 18  ILE A CA  1 
ATOM   101  C  C   . ILE A 1 18  ? 9.525   -16.207 12.934  1.00 30.06  ? 18  ILE A C   1 
ATOM   102  O  O   . ILE A 1 18  ? 10.416  -17.052 12.919  1.00 27.10  ? 18  ILE A O   1 
ATOM   103  C  CB  . ILE A 1 18  ? 10.594  -14.197 14.039  1.00 20.63  ? 18  ILE A CB  1 
ATOM   104  C  CG1 . ILE A 1 18  ? 10.515  -13.221 15.221  1.00 23.56  ? 18  ILE A CG1 1 
ATOM   105  C  CG2 . ILE A 1 18  ? 10.593  -13.425 12.730  1.00 18.93  ? 18  ILE A CG2 1 
ATOM   106  C  CD1 . ILE A 1 18  ? 11.550  -12.108 15.164  1.00 26.73  ? 18  ILE A CD1 1 
ATOM   107  N  N   . ARG A 1 19  ? 8.593   -16.130 11.993  1.00 24.91  ? 19  ARG A N   1 
ATOM   108  C  CA  . ARG A 1 19  ? 8.576   -17.048 10.862  1.00 26.52  ? 19  ARG A CA  1 
ATOM   109  C  C   . ARG A 1 19  ? 8.307   -16.256 9.598   1.00 26.77  ? 19  ARG A C   1 
ATOM   110  O  O   . ARG A 1 19  ? 7.883   -15.106 9.661   1.00 27.42  ? 19  ARG A O   1 
ATOM   111  C  CB  . ARG A 1 19  ? 7.483   -18.109 11.045  1.00 25.69  ? 19  ARG A CB  1 
ATOM   112  C  CG  . ARG A 1 19  ? 7.721   -19.083 12.192  1.00 32.38  ? 19  ARG A CG  1 
ATOM   113  C  CD  . ARG A 1 19  ? 6.487   -19.945 12.455  1.00 33.86  ? 19  ARG A CD  1 
ATOM   114  N  NE  . ARG A 1 19  ? 5.367   -19.147 12.953  1.00 36.69  ? 19  ARG A NE  1 
ATOM   115  C  CZ  . ARG A 1 19  ? 4.160   -19.631 13.227  1.00 48.58  ? 19  ARG A CZ  1 
ATOM   116  N  NH1 . ARG A 1 19  ? 3.901   -20.920 13.050  1.00 37.58  ? 19  ARG A NH1 1 
ATOM   117  N  NH2 . ARG A 1 19  ? 3.208   -18.823 13.677  1.00 36.13  ? 19  ARG A NH2 1 
ATOM   118  N  N   . THR A 1 20  ? 8.561   -16.864 8.448   1.00 24.14  ? 20  THR A N   1 
ATOM   119  C  CA  . THR A 1 20  ? 8.149   -16.257 7.196   1.00 20.75  ? 20  THR A CA  1 
ATOM   120  C  C   . THR A 1 20  ? 7.257   -17.253 6.468   1.00 22.78  ? 20  THR A C   1 
ATOM   121  O  O   . THR A 1 20  ? 7.322   -18.456 6.721   1.00 25.52  ? 20  THR A O   1 
ATOM   122  C  CB  . THR A 1 20  ? 9.346   -15.843 6.324   1.00 29.19  ? 20  THR A CB  1 
ATOM   123  O  OG1 . THR A 1 20  ? 8.893   -14.997 5.258   1.00 27.82  ? 20  THR A OG1 1 
ATOM   124  C  CG2 . THR A 1 20  ? 10.040  -17.064 5.747   1.00 21.86  ? 20  THR A CG2 1 
ATOM   125  N  N   . GLY A 1 21  ? 6.409   -16.750 5.583   1.00 24.48  ? 21  GLY A N   1 
ATOM   126  C  CA  . GLY A 1 21  ? 5.469   -17.608 4.893   1.00 29.07  ? 21  GLY A CA  1 
ATOM   127  C  C   . GLY A 1 21  ? 4.705   -16.871 3.820   1.00 23.75  ? 21  GLY A C   1 
ATOM   128  O  O   . GLY A 1 21  ? 4.981   -15.706 3.534   1.00 31.00  ? 21  GLY A O   1 
ATOM   129  N  N   . ILE A 1 22  ? 3.731   -17.559 3.235   1.00 25.19  ? 22  ILE A N   1 
ATOM   130  C  CA  . ILE A 1 22  ? 2.972   -17.032 2.111   1.00 24.50  ? 22  ILE A CA  1 
ATOM   131  C  C   . ILE A 1 22  ? 1.490   -16.999 2.454   1.00 19.96  ? 22  ILE A C   1 
ATOM   132  O  O   . ILE A 1 22  ? 0.956   -17.976 2.970   1.00 23.20  ? 22  ILE A O   1 
ATOM   133  C  CB  . ILE A 1 22  ? 3.139   -17.939 0.874   1.00 22.68  ? 22  ILE A CB  1 
ATOM   134  C  CG1 . ILE A 1 22  ? 4.621   -18.175 0.567   1.00 35.16  ? 22  ILE A CG1 1 
ATOM   135  C  CG2 . ILE A 1 22  ? 2.414   -17.350 -0.322  1.00 24.49  ? 22  ILE A CG2 1 
ATOM   136  C  CD1 . ILE A 1 22  ? 5.337   -16.957 0.045   1.00 37.12  ? 22  ILE A CD1 1 
ATOM   137  N  N   . ILE A 1 23  ? 0.835   -15.878 2.164   1.00 25.64  ? 23  ILE A N   1 
ATOM   138  C  CA  . ILE A 1 23  ? -0.608  -15.749 2.341   1.00 29.61  ? 23  ILE A CA  1 
ATOM   139  C  C   . ILE A 1 23  ? -1.343  -16.735 1.445   1.00 34.08  ? 23  ILE A C   1 
ATOM   140  O  O   . ILE A 1 23  ? -1.147  -16.734 0.229   1.00 26.52  ? 23  ILE A O   1 
ATOM   141  C  CB  . ILE A 1 23  ? -1.089  -14.349 1.936   1.00 22.84  ? 23  ILE A CB  1 
ATOM   142  C  CG1 . ILE A 1 23  ? -0.300  -13.261 2.671   1.00 39.79  ? 23  ILE A CG1 1 
ATOM   143  C  CG2 . ILE A 1 23  ? -2.597  -14.217 2.161   1.00 28.13  ? 23  ILE A CG2 1 
ATOM   144  C  CD1 . ILE A 1 23  ? -0.858  -12.894 4.010   1.00 34.40  ? 23  ILE A CD1 1 
ATOM   145  N  N   . VAL A 1 24  ? -2.204  -17.562 2.032   1.00 30.15  ? 24  VAL A N   1 
ATOM   146  C  CA  . VAL A 1 24  ? -2.957  -18.541 1.251   1.00 32.23  ? 24  VAL A CA  1 
ATOM   147  C  C   . VAL A 1 24  ? -4.461  -18.271 1.223   1.00 43.54  ? 24  VAL A C   1 
ATOM   148  O  O   . VAL A 1 24  ? -5.176  -18.836 0.397   1.00 32.58  ? 24  VAL A O   1 
ATOM   149  C  CB  . VAL A 1 24  ? -2.716  -19.983 1.747   1.00 34.96  ? 24  VAL A CB  1 
ATOM   150  C  CG1 . VAL A 1 24  ? -1.250  -20.351 1.598   1.00 35.85  ? 24  VAL A CG1 1 
ATOM   151  C  CG2 . VAL A 1 24  ? -3.175  -20.139 3.191   1.00 29.56  ? 24  VAL A CG2 1 
ATOM   152  N  N   . GLU A 1 25  ? -4.936  -17.417 2.125   1.00 26.54  ? 25  GLU A N   1 
ATOM   153  C  CA  . GLU A 1 25  ? -6.357  -17.071 2.164   1.00 28.20  ? 25  GLU A CA  1 
ATOM   154  C  C   . GLU A 1 25  ? -6.568  -15.762 2.919   1.00 41.40  ? 25  GLU A C   1 
ATOM   155  O  O   . GLU A 1 25  ? -5.879  -15.493 3.900   1.00 32.80  ? 25  GLU A O   1 
ATOM   156  C  CB  . GLU A 1 25  ? -7.171  -18.198 2.812   1.00 29.68  ? 25  GLU A CB  1 
ATOM   157  C  CG  . GLU A 1 25  ? -8.666  -18.145 2.494   1.00 34.93  ? 25  GLU A CG  1 
ATOM   158  C  CD  . GLU A 1 25  ? -9.466  -19.229 3.197   1.00 30.39  ? 25  GLU A CD  1 
ATOM   159  O  OE1 . GLU A 1 25  ? -8.856  -20.169 3.747   1.00 35.21  ? 25  GLU A OE1 1 
ATOM   160  O  OE2 . GLU A 1 25  ? -10.710 -19.138 3.202   1.00 39.31  ? 25  GLU A OE2 1 
ATOM   161  N  N   . THR A 1 26  ? -7.512  -14.949 2.452   1.00 35.94  ? 26  THR A N   1 
ATOM   162  C  CA  . THR A 1 26  ? -7.835  -13.688 3.112   1.00 30.18  ? 26  THR A CA  1 
ATOM   163  C  C   . THR A 1 26  ? -9.314  -13.590 3.491   1.00 42.43  ? 26  THR A C   1 
ATOM   164  O  O   . THR A 1 26  ? -10.181 -14.167 2.828   1.00 35.73  ? 26  THR A O   1 
ATOM   165  C  CB  . THR A 1 26  ? -7.456  -12.468 2.240   1.00 34.66  ? 26  THR A CB  1 
ATOM   166  O  OG1 . THR A 1 26  ? -8.167  -12.523 0.997   1.00 39.95  ? 26  THR A OG1 1 
ATOM   167  C  CG2 . THR A 1 26  ? -5.953  -12.445 1.966   1.00 26.49  ? 26  THR A CG2 1 
ATOM   168  N  N   . ASP A 1 27  ? -9.585  -12.864 4.571   1.00 31.93  ? 27  ASP A N   1 
ATOM   169  C  CA  . ASP A 1 27  ? -10.948 -12.560 5.002   1.00 27.55  ? 27  ASP A CA  1 
ATOM   170  C  C   . ASP A 1 27  ? -11.049 -11.047 5.151   1.00 32.16  ? 27  ASP A C   1 
ATOM   171  O  O   . ASP A 1 27  ? -10.677 -10.490 6.185   1.00 31.19  ? 27  ASP A O   1 
ATOM   172  C  CB  . ASP A 1 27  ? -11.256 -13.253 6.333   1.00 32.39  ? 27  ASP A CB  1 
ATOM   173  C  CG  . ASP A 1 27  ? -12.722 -13.138 6.739   1.00 38.25  ? 27  ASP A CG  1 
ATOM   174  O  OD1 . ASP A 1 27  ? -13.450 -12.291 6.180   1.00 30.61  ? 27  ASP A OD1 1 
ATOM   175  O  OD2 . ASP A 1 27  ? -13.146 -13.896 7.634   1.00 33.00  ? 27  ASP A OD2 1 
ATOM   176  N  N   . LEU A 1 28  ? -11.549 -10.391 4.109   1.00 24.31  ? 28  LEU A N   1 
ATOM   177  C  CA  . LEU A 1 28  ? -11.582 -8.933  4.049   1.00 28.65  ? 28  LEU A CA  1 
ATOM   178  C  C   . LEU A 1 28  ? -12.508 -8.300  5.088   1.00 42.45  ? 28  LEU A C   1 
ATOM   179  O  O   . LEU A 1 28  ? -12.273 -7.177  5.535   1.00 39.36  ? 28  LEU A O   1 
ATOM   180  C  CB  . LEU A 1 28  ? -11.966 -8.472  2.643   1.00 28.94  ? 28  LEU A CB  1 
ATOM   181  C  CG  . LEU A 1 28  ? -11.005 -8.921  1.538   1.00 42.41  ? 28  LEU A CG  1 
ATOM   182  C  CD1 . LEU A 1 28  ? -11.551 -8.560  0.165   1.00 47.93  ? 28  LEU A CD1 1 
ATOM   183  C  CD2 . LEU A 1 28  ? -9.627  -8.307  1.749   1.00 30.10  ? 28  LEU A CD2 1 
ATOM   184  N  N   . ASN A 1 29  ? -13.560 -9.017  5.468   1.00 41.48  ? 29  ASN A N   1 
ATOM   185  C  CA  . ASN A 1 29  ? -14.480 -8.518  6.482   1.00 35.57  ? 29  ASN A CA  1 
ATOM   186  C  C   . ASN A 1 29  ? -13.846 -8.537  7.866   1.00 39.09  ? 29  ASN A C   1 
ATOM   187  O  O   . ASN A 1 29  ? -13.940 -7.570  8.620   1.00 46.62  ? 29  ASN A O   1 
ATOM   188  C  CB  . ASN A 1 29  ? -15.774 -9.333  6.488   1.00 45.08  ? 29  ASN A CB  1 
ATOM   189  C  CG  . ASN A 1 29  ? -16.664 -9.022  5.302   1.00 50.34  ? 29  ASN A CG  1 
ATOM   190  O  OD1 . ASN A 1 29  ? -16.865 -7.859  4.949   1.00 50.74  ? 29  ASN A OD1 1 
ATOM   191  N  ND2 . ASN A 1 29  ? -17.200 -10.063 4.676   1.00 49.56  ? 29  ASN A ND2 1 
ATOM   192  N  N   . ALA A 1 30  ? -13.196 -9.650  8.190   1.00 32.75  ? 30  ALA A N   1 
ATOM   193  C  CA  . ALA A 1 30  ? -12.554 -9.815  9.486   1.00 34.77  ? 30  ALA A CA  1 
ATOM   194  C  C   . ALA A 1 30  ? -11.189 -9.131  9.528   1.00 40.99  ? 30  ALA A C   1 
ATOM   195  O  O   . ALA A 1 30  ? -10.669 -8.837  10.604  1.00 35.61  ? 30  ALA A O   1 
ATOM   196  C  CB  . ALA A 1 30  ? -12.415 -11.295 9.816   1.00 39.30  ? 30  ALA A CB  1 
ATOM   197  N  N   . GLY A 1 31  ? -10.613 -8.877  8.357   1.00 33.99  ? 31  GLY A N   1 
ATOM   198  C  CA  . GLY A 1 31  ? -9.276  -8.314  8.282   1.00 33.82  ? 31  GLY A CA  1 
ATOM   199  C  C   . GLY A 1 31  ? -8.253  -9.315  8.781   1.00 42.69  ? 31  GLY A C   1 
ATOM   200  O  O   . GLY A 1 31  ? -7.321  -8.970  9.511   1.00 31.21  ? 31  GLY A O   1 
ATOM   201  N  N   . ARG A 1 32  ? -8.440  -10.571 8.391   1.00 27.12  ? 32  ARG A N   1 
ATOM   202  C  CA  . ARG A 1 32  ? -7.549  -11.643 8.809   1.00 30.91  ? 32  ARG A CA  1 
ATOM   203  C  C   . ARG A 1 32  ? -7.081  -12.456 7.610   1.00 32.14  ? 32  ARG A C   1 
ATOM   204  O  O   . ARG A 1 32  ? -7.696  -12.422 6.546   1.00 28.64  ? 32  ARG A O   1 
ATOM   205  C  CB  . ARG A 1 32  ? -8.240  -12.545 9.834   1.00 25.33  ? 32  ARG A CB  1 
ATOM   206  C  CG  . ARG A 1 32  ? -8.759  -11.786 11.051  1.00 35.98  ? 32  ARG A CG  1 
ATOM   207  C  CD  . ARG A 1 32  ? -8.856  -12.669 12.281  1.00 38.46  ? 32  ARG A CD  1 
ATOM   208  N  NE  . ARG A 1 32  ? -9.123  -11.878 13.481  1.00 33.09  ? 32  ARG A NE  1 
ATOM   209  C  CZ  . ARG A 1 32  ? -8.575  -12.107 14.670  1.00 36.80  ? 32  ARG A CZ  1 
ATOM   210  N  NH1 . ARG A 1 32  ? -7.723  -13.111 14.829  1.00 33.03  ? 32  ARG A NH1 1 
ATOM   211  N  NH2 . ARG A 1 32  ? -8.879  -11.330 15.702  1.00 30.25  ? 32  ARG A NH2 1 
ATOM   212  N  N   . CYS A 1 33  ? -5.980  -13.177 7.782   1.00 27.37  ? 33  CYS A N   1 
ATOM   213  C  CA  . CYS A 1 33  ? -5.474  -14.037 6.724   1.00 30.60  ? 33  CYS A CA  1 
ATOM   214  C  C   . CYS A 1 33  ? -4.901  -15.320 7.305   1.00 26.53  ? 33  CYS A C   1 
ATOM   215  O  O   . CYS A 1 33  ? -4.552  -15.378 8.484   1.00 29.83  ? 33  CYS A O   1 
ATOM   216  C  CB  . CYS A 1 33  ? -4.418  -13.308 5.886   1.00 26.24  ? 33  CYS A CB  1 
ATOM   217  S  SG  . CYS A 1 33  ? -2.902  -12.865 6.782   1.00 32.27  ? 33  CYS A SG  1 
ATOM   218  N  N   . ARG A 1 34  ? -4.833  -16.355 6.474   1.00 28.14  ? 34  ARG A N   1 
ATOM   219  C  CA  . ARG A 1 34  ? -4.173  -17.597 6.839   1.00 28.81  ? 34  ARG A CA  1 
ATOM   220  C  C   . ARG A 1 34  ? -2.879  -17.667 6.045   1.00 24.99  ? 34  ARG A C   1 
ATOM   221  O  O   . ARG A 1 34  ? -2.830  -17.240 4.893   1.00 26.37  ? 34  ARG A O   1 
ATOM   222  C  CB  . ARG A 1 34  ? -5.062  -18.803 6.529   1.00 28.19  ? 34  ARG A CB  1 
ATOM   223  C  CG  . ARG A 1 34  ? -6.430  -18.748 7.200   1.00 34.09  ? 34  ARG A CG  1 
ATOM   224  C  CD  . ARG A 1 34  ? -7.196  -20.055 7.026   1.00 37.98  ? 34  ARG A CD  1 
ATOM   225  N  NE  . ARG A 1 34  ? -6.671  -21.111 7.887   1.00 54.11  ? 34  ARG A NE  1 
ATOM   226  C  CZ  . ARG A 1 34  ? -6.143  -22.248 7.444   1.00 67.12  ? 34  ARG A CZ  1 
ATOM   227  N  NH1 . ARG A 1 34  ? -6.075  -22.488 6.142   1.00 62.79  ? 34  ARG A NH1 1 
ATOM   228  N  NH2 . ARG A 1 34  ? -5.690  -23.149 8.307   1.00 47.51  ? 34  ARG A NH2 1 
ATOM   229  N  N   . VAL A 1 35  ? -1.826  -18.186 6.664   1.00 23.99  ? 35  VAL A N   1 
ATOM   230  C  CA  . VAL A 1 35  ? -0.509  -18.171 6.040   1.00 25.23  ? 35  VAL A CA  1 
ATOM   231  C  C   . VAL A 1 35  ? 0.134   -19.543 6.088   1.00 23.92  ? 35  VAL A C   1 
ATOM   232  O  O   . VAL A 1 35  ? 0.145   -20.196 7.130   1.00 27.03  ? 35  VAL A O   1 
ATOM   233  C  CB  . VAL A 1 35  ? 0.441   -17.173 6.743   1.00 31.69  ? 35  VAL A CB  1 
ATOM   234  C  CG1 . VAL A 1 35  ? 1.768   -17.082 5.996   1.00 32.72  ? 35  VAL A CG1 1 
ATOM   235  C  CG2 . VAL A 1 35  ? -0.199  -15.800 6.844   1.00 25.28  ? 35  VAL A CG2 1 
ATOM   236  N  N   . GLN A 1 36  ? 0.666   -19.984 4.954   1.00 29.51  ? 36  GLN A N   1 
ATOM   237  C  CA  . GLN A 1 36  ? 1.453   -21.205 4.931   1.00 22.05  ? 36  GLN A CA  1 
ATOM   238  C  C   . GLN A 1 36  ? 2.864   -20.890 5.396   1.00 22.11  ? 36  GLN A C   1 
ATOM   239  O  O   . GLN A 1 36  ? 3.547   -20.054 4.810   1.00 25.48  ? 36  GLN A O   1 
ATOM   240  C  CB  . GLN A 1 36  ? 1.482   -21.812 3.524   1.00 20.29  ? 36  GLN A CB  1 
ATOM   241  C  CG  . GLN A 1 36  ? 2.391   -23.027 3.385   1.00 26.45  ? 36  GLN A CG  1 
ATOM   242  C  CD  . GLN A 1 36  ? 3.826   -22.653 3.056   1.00 30.11  ? 36  GLN A CD  1 
ATOM   243  O  OE1 . GLN A 1 36  ? 4.075   -21.771 2.236   1.00 28.93  ? 36  GLN A OE1 1 
ATOM   244  N  NE2 . GLN A 1 36  ? 4.776   -23.314 3.708   1.00 26.56  ? 36  GLN A NE2 1 
ATOM   245  N  N   . THR A 1 37  ? 3.306   -21.567 6.445   1.00 24.67  ? 37  THR A N   1 
ATOM   246  C  CA  . THR A 1 37  ? 4.668   -21.400 6.925   1.00 26.32  ? 37  THR A CA  1 
ATOM   247  C  C   . THR A 1 37  ? 5.175   -22.755 7.405   1.00 28.00  ? 37  THR A C   1 
ATOM   248  O  O   . THR A 1 37  ? 4.557   -23.394 8.254   1.00 34.85  ? 37  THR A O   1 
ATOM   249  C  CB  . THR A 1 37  ? 4.755   -20.311 8.026   1.00 30.22  ? 37  THR A CB  1 
ATOM   250  O  OG1 . THR A 1 37  ? 6.087   -20.250 8.553   1.00 32.06  ? 37  THR A OG1 1 
ATOM   251  C  CG2 . THR A 1 37  ? 3.760   -20.586 9.153   1.00 28.88  ? 37  THR A CG2 1 
ATOM   252  N  N   . GLY A 1 38  ? 6.281   -23.213 6.828   1.00 28.52  ? 38  GLY A N   1 
ATOM   253  C  CA  . GLY A 1 38  ? 6.767   -24.549 7.117   1.00 32.20  ? 38  GLY A CA  1 
ATOM   254  C  C   . GLY A 1 38  ? 5.720   -25.580 6.735   1.00 32.34  ? 38  GLY A C   1 
ATOM   255  O  O   . GLY A 1 38  ? 5.038   -25.433 5.721   1.00 30.76  ? 38  GLY A O   1 
ATOM   256  N  N   . GLY A 1 39  ? 5.567   -26.612 7.558   1.00 30.28  ? 39  GLY A N   1 
ATOM   257  C  CA  . GLY A 1 39  ? 4.626   -27.675 7.257   1.00 33.76  ? 39  GLY A CA  1 
ATOM   258  C  C   . GLY A 1 39  ? 3.211   -27.472 7.767   1.00 31.57  ? 39  GLY A C   1 
ATOM   259  O  O   . GLY A 1 39  ? 2.506   -28.445 8.033   1.00 39.10  ? 39  GLY A O   1 
HETATM 260  N  N   . MSE A 1 40  ? 2.781   -26.219 7.900   1.00 30.29  ? 40  MSE A N   1 
HETATM 261  C  CA  . MSE A 1 40  ? 1.428   -25.937 8.380   1.00 38.26  ? 40  MSE A CA  1 
HETATM 262  C  C   . MSE A 1 40  ? 0.854   -24.632 7.829   1.00 39.72  ? 40  MSE A C   1 
HETATM 263  O  O   . MSE A 1 40  ? 1.583   -23.793 7.304   1.00 28.89  ? 40  MSE A O   1 
HETATM 264  C  CB  . MSE A 1 40  ? 1.396   -25.921 9.916   1.00 36.90  ? 40  MSE A CB  1 
HETATM 265  C  CG  . MSE A 1 40  ? 2.331   -24.901 10.560  1.00 47.70  ? 40  MSE A CG  1 
HETATM 266  SE SE  . MSE A 1 40  ? 1.497   -23.168 10.886  0.30 30.43  ? 40  MSE A SE  1 
HETATM 267  C  CE  . MSE A 1 40  ? 0.455   -23.631 12.467  1.00 45.12  ? 40  MSE A CE  1 
ATOM   268  N  N   . CYS A 1 41  ? -0.461  -24.482 7.940   1.00 23.20  ? 41  CYS A N   1 
ATOM   269  C  CA  . CYS A 1 41  ? -1.124  -23.221 7.638   1.00 23.07  ? 41  CYS A CA  1 
ATOM   270  C  C   . CYS A 1 41  ? -1.676  -22.656 8.941   1.00 37.70  ? 41  CYS A C   1 
ATOM   271  O  O   . CYS A 1 41  ? -2.303  -23.378 9.712   1.00 31.34  ? 41  CYS A O   1 
ATOM   272  C  CB  . CYS A 1 41  ? -2.251  -23.421 6.619   1.00 31.34  ? 41  CYS A CB  1 
ATOM   273  S  SG  . CYS A 1 41  ? -1.689  -23.827 4.938   1.00 36.89  ? 41  CYS A SG  1 
ATOM   274  N  N   . THR A 1 42  ? -1.432  -21.374 9.193   1.00 24.80  ? 42  THR A N   1 
ATOM   275  C  CA  . THR A 1 42  ? -1.886  -20.753 10.434  1.00 23.15  ? 42  THR A CA  1 
ATOM   276  C  C   . THR A 1 42  ? -3.402  -20.632 10.485  1.00 30.88  ? 42  THR A C   1 
ATOM   277  O  O   . THR A 1 42  ? -4.085  -20.791 9.474   1.00 32.32  ? 42  THR A O   1 
ATOM   278  C  CB  . THR A 1 42  ? -1.317  -19.335 10.598  1.00 23.10  ? 42  THR A CB  1 
ATOM   279  O  OG1 . THR A 1 42  ? -1.916  -18.464 9.629   1.00 24.06  ? 42  THR A OG1 1 
ATOM   280  C  CG2 . THR A 1 42  ? 0.193   -19.331 10.422  1.00 24.09  ? 42  THR A CG2 1 
ATOM   281  N  N   . ASP A 1 43  ? -3.915  -20.330 11.675  1.00 29.39  ? 43  ASP A N   1 
ATOM   282  C  CA  . ASP A 1 43  ? -5.308  -19.947 11.853  1.00 31.64  ? 43  ASP A CA  1 
ATOM   283  C  C   . ASP A 1 43  ? -5.482  -18.541 11.278  1.00 34.20  ? 43  ASP A C   1 
ATOM   284  O  O   . ASP A 1 43  ? -4.547  -17.980 10.704  1.00 28.00  ? 43  ASP A O   1 
ATOM   285  C  CB  . ASP A 1 43  ? -5.660  -19.958 13.343  1.00 43.46  ? 43  ASP A CB  1 
ATOM   286  C  CG  . ASP A 1 43  ? -7.110  -20.318 13.605  1.00 49.08  ? 43  ASP A CG  1 
ATOM   287  O  OD1 . ASP A 1 43  ? -8.002  -19.755 12.935  1.00 40.77  ? 43  ASP A OD1 1 
ATOM   288  O  OD2 . ASP A 1 43  ? -7.357  -21.172 14.485  1.00 69.71  ? 43  ASP A OD2 1 
ATOM   289  N  N   . TRP A 1 44  ? -6.671  -17.968 11.430  1.00 25.73  ? 44  TRP A N   1 
ATOM   290  C  CA  . TRP A 1 44  ? -6.924  -16.618 10.935  1.00 31.15  ? 44  TRP A CA  1 
ATOM   291  C  C   . TRP A 1 44  ? -6.197  -15.566 11.773  1.00 34.66  ? 44  TRP A C   1 
ATOM   292  O  O   . TRP A 1 44  ? -6.535  -15.344 12.933  1.00 26.55  ? 44  TRP A O   1 
ATOM   293  C  CB  . TRP A 1 44  ? -8.424  -16.335 10.911  1.00 25.37  ? 44  TRP A CB  1 
ATOM   294  C  CG  . TRP A 1 44  ? -9.154  -17.171 9.911   1.00 31.97  ? 44  TRP A CG  1 
ATOM   295  C  CD1 . TRP A 1 44  ? -9.851  -18.320 10.151  1.00 31.16  ? 44  TRP A CD1 1 
ATOM   296  C  CD2 . TRP A 1 44  ? -9.246  -16.933 8.502   1.00 33.17  ? 44  TRP A CD2 1 
ATOM   297  N  NE1 . TRP A 1 44  ? -10.379 -18.806 8.979   1.00 39.24  ? 44  TRP A NE1 1 
ATOM   298  C  CE2 . TRP A 1 44  ? -10.020 -17.972 7.951   1.00 43.17  ? 44  TRP A CE2 1 
ATOM   299  C  CE3 . TRP A 1 44  ? -8.748  -15.938 7.653   1.00 32.52  ? 44  TRP A CE3 1 
ATOM   300  C  CZ2 . TRP A 1 44  ? -10.311 -18.045 6.591   1.00 34.90  ? 44  TRP A CZ2 1 
ATOM   301  C  CZ3 . TRP A 1 44  ? -9.037  -16.013 6.305   1.00 32.54  ? 44  TRP A CZ3 1 
ATOM   302  C  CH2 . TRP A 1 44  ? -9.814  -17.058 5.787   1.00 37.64  ? 44  TRP A CH2 1 
ATOM   303  N  N   . LEU A 1 45  ? -5.204  -14.915 11.175  1.00 24.63  ? 45  LEU A N   1 
ATOM   304  C  CA  . LEU A 1 45  ? -4.385  -13.939 11.894  1.00 22.94  ? 45  LEU A CA  1 
ATOM   305  C  C   . LEU A 1 45  ? -4.631  -12.526 11.382  1.00 22.06  ? 45  LEU A C   1 
ATOM   306  O  O   . LEU A 1 45  ? -4.827  -12.318 10.190  1.00 30.65  ? 45  LEU A O   1 
ATOM   307  C  CB  . LEU A 1 45  ? -2.898  -14.282 11.748  1.00 28.34  ? 45  LEU A CB  1 
ATOM   308  C  CG  . LEU A 1 45  ? -2.461  -15.700 12.125  1.00 31.13  ? 45  LEU A CG  1 
ATOM   309  C  CD1 . LEU A 1 45  ? -0.970  -15.880 11.879  1.00 25.66  ? 45  LEU A CD1 1 
ATOM   310  C  CD2 . LEU A 1 45  ? -2.806  -16.004 13.573  1.00 27.22  ? 45  LEU A CD2 1 
ATOM   311  N  N   . GLN A 1 46  ? -4.628  -11.550 12.283  1.00 23.78  ? 46  GLN A N   1 
ATOM   312  C  CA  . GLN A 1 46  ? -4.703  -10.161 11.859  1.00 17.80  ? 46  GLN A CA  1 
ATOM   313  C  C   . GLN A 1 46  ? -3.373  -9.778  11.239  1.00 21.45  ? 46  GLN A C   1 
ATOM   314  O  O   . GLN A 1 46  ? -2.333  -10.296 11.632  1.00 20.98  ? 46  GLN A O   1 
ATOM   315  C  CB  . GLN A 1 46  ? -4.975  -9.239  13.048  1.00 21.15  ? 46  GLN A CB  1 
ATOM   316  C  CG  . GLN A 1 46  ? -6.384  -9.307  13.606  1.00 20.57  ? 46  GLN A CG  1 
ATOM   317  C  CD  . GLN A 1 46  ? -6.592  -8.298  14.714  1.00 22.33  ? 46  GLN A CD  1 
ATOM   318  O  OE1 . GLN A 1 46  ? -7.132  -7.214  14.490  1.00 29.97  ? 46  GLN A OE1 1 
ATOM   319  N  NE2 . GLN A 1 46  ? -6.140  -8.638  15.913  1.00 22.84  ? 46  GLN A NE2 1 
ATOM   320  N  N   . TRP A 1 47  ? -3.400  -8.867  10.275  1.00 23.90  ? 47  TRP A N   1 
ATOM   321  C  CA  . TRP A 1 47  ? -2.157  -8.315  9.760   1.00 25.08  ? 47  TRP A CA  1 
ATOM   322  C  C   . TRP A 1 47  ? -1.934  -6.918  10.318  1.00 32.13  ? 47  TRP A C   1 
ATOM   323  O  O   . TRP A 1 47  ? -2.881  -6.243  10.720  1.00 32.67  ? 47  TRP A O   1 
ATOM   324  C  CB  . TRP A 1 47  ? -2.136  -8.303  8.232   1.00 26.07  ? 47  TRP A CB  1 
ATOM   325  C  CG  . TRP A 1 47  ? -3.224  -7.490  7.594   1.00 24.94  ? 47  TRP A CG  1 
ATOM   326  C  CD1 . TRP A 1 47  ? -3.274  -6.132  7.480   1.00 36.75  ? 47  TRP A CD1 1 
ATOM   327  C  CD2 . TRP A 1 47  ? -4.407  -7.990  6.952   1.00 37.69  ? 47  TRP A CD2 1 
ATOM   328  N  NE1 . TRP A 1 47  ? -4.418  -5.753  6.819   1.00 28.83  ? 47  TRP A NE1 1 
ATOM   329  C  CE2 . TRP A 1 47  ? -5.129  -6.875  6.486   1.00 28.93  ? 47  TRP A CE2 1 
ATOM   330  C  CE3 . TRP A 1 47  ? -4.920  -9.273  6.732   1.00 31.84  ? 47  TRP A CE3 1 
ATOM   331  C  CZ2 . TRP A 1 47  ? -6.343  -7.003  5.813   1.00 31.29  ? 47  TRP A CZ2 1 
ATOM   332  C  CZ3 . TRP A 1 47  ? -6.125  -9.396  6.061   1.00 31.83  ? 47  TRP A CZ3 1 
ATOM   333  C  CH2 . TRP A 1 47  ? -6.823  -8.268  5.609   1.00 29.84  ? 47  TRP A CH2 1 
ATOM   334  N  N   . LEU A 1 48  ? -0.680  -6.494  10.364  1.00 26.11  ? 48  LEU A N   1 
ATOM   335  C  CA  . LEU A 1 48  ? -0.373  -5.132  10.762  1.00 26.55  ? 48  LEU A CA  1 
ATOM   336  C  C   . LEU A 1 48  ? -0.638  -4.195  9.595   1.00 38.00  ? 48  LEU A C   1 
ATOM   337  O  O   . LEU A 1 48  ? -0.369  -4.533  8.442   1.00 38.06  ? 48  LEU A O   1 
ATOM   338  C  CB  . LEU A 1 48  ? 1.082   -5.006  11.210  1.00 25.56  ? 48  LEU A CB  1 
ATOM   339  C  CG  . LEU A 1 48  ? 1.323   -5.063  12.719  1.00 44.00  ? 48  LEU A CG  1 
ATOM   340  C  CD1 . LEU A 1 48  ? 0.899   -6.402  13.291  1.00 31.57  ? 48  LEU A CD1 1 
ATOM   341  C  CD2 . LEU A 1 48  ? 2.778   -4.789  13.028  1.00 44.23  ? 48  LEU A CD2 1 
ATOM   342  N  N   . THR A 1 49  ? -1.183  -3.023  9.896   1.00 25.49  ? 49  THR A N   1 
ATOM   343  C  CA  . THR A 1 49  ? -1.367  -1.991  8.885   1.00 27.97  ? 49  THR A CA  1 
ATOM   344  C  C   . THR A 1 49  ? -0.561  -0.774  9.316   1.00 34.34  ? 49  THR A C   1 
ATOM   345  O  O   . THR A 1 49  ? -0.015  -0.752  10.419  1.00 29.33  ? 49  THR A O   1 
ATOM   346  C  CB  . THR A 1 49  ? -2.856  -1.634  8.692   1.00 29.79  ? 49  THR A CB  1 
ATOM   347  O  OG1 . THR A 1 49  ? -3.012  -0.789  7.544   1.00 35.51  ? 49  THR A OG1 1 
ATOM   348  C  CG2 . THR A 1 49  ? -3.402  -0.928  9.923   1.00 29.88  ? 49  THR A CG2 1 
ATOM   349  N  N   . HIS A 1 50  ? -0.470  0.227   8.448   1.00 26.71  ? 50  HIS A N   1 
ATOM   350  C  CA  . HIS A 1 50  ? 0.356   1.400   8.724   1.00 32.43  ? 50  HIS A CA  1 
ATOM   351  C  C   . HIS A 1 50  ? -0.145  2.156   9.955   1.00 34.86  ? 50  HIS A C   1 
ATOM   352  O  O   . HIS A 1 50  ? 0.629   2.480   10.859  1.00 29.03  ? 50  HIS A O   1 
ATOM   353  C  CB  . HIS A 1 50  ? 0.393   2.320   7.502   1.00 38.63  ? 50  HIS A CB  1 
ATOM   354  C  CG  . HIS A 1 50  ? 1.550   3.279   7.498   1.00 51.21  ? 50  HIS A CG  1 
ATOM   355  N  ND1 . HIS A 1 50  ? 1.897   4.009   6.388   1.00 76.66  ? 50  HIS A ND1 1 
ATOM   356  C  CD2 . HIS A 1 50  ? 2.427   3.615   8.470   1.00 61.88  ? 50  HIS A CD2 1 
ATOM   357  C  CE1 . HIS A 1 50  ? 2.949   4.764   6.671   1.00 70.89  ? 50  HIS A CE1 1 
ATOM   358  N  NE2 . HIS A 1 50  ? 3.288   4.543   7.930   1.00 53.70  ? 50  HIS A NE2 1 
ATOM   359  N  N   . ARG A 1 51  ? -1.446  2.428   9.987   1.00 29.65  ? 51  ARG A N   1 
ATOM   360  C  CA  . ARG A 1 51  ? -2.051  3.152   11.099  1.00 33.92  ? 51  ARG A CA  1 
ATOM   361  C  C   . ARG A 1 51  ? -3.421  2.585   11.452  1.00 30.50  ? 51  ARG A C   1 
ATOM   362  O  O   . ARG A 1 51  ? -4.217  2.262   10.570  1.00 33.67  ? 51  ARG A O   1 
ATOM   363  C  CB  . ARG A 1 51  ? -2.183  4.640   10.764  1.00 36.92  ? 51  ARG A CB  1 
ATOM   364  C  CG  . ARG A 1 51  ? -0.863  5.398   10.688  1.00 33.64  ? 51  ARG A CG  1 
ATOM   365  C  CD  . ARG A 1 51  ? -0.173  5.452   12.041  1.00 29.40  ? 51  ARG A CD  1 
ATOM   366  N  NE  . ARG A 1 51  ? -1.093  5.811   13.118  1.00 33.52  ? 51  ARG A NE  1 
ATOM   367  C  CZ  . ARG A 1 51  ? -1.520  7.048   13.361  1.00 43.62  ? 51  ARG A CZ  1 
ATOM   368  N  NH1 . ARG A 1 51  ? -1.120  8.056   12.596  1.00 37.43  ? 51  ARG A NH1 1 
ATOM   369  N  NH2 . ARG A 1 51  ? -2.354  7.274   14.366  1.00 32.37  ? 51  ARG A NH2 1 
ATOM   370  N  N   . ALA A 1 52  ? -3.688  2.466   12.748  1.00 26.50  ? 52  ALA A N   1 
ATOM   371  C  CA  . ALA A 1 52  ? -4.979  1.992   13.234  1.00 34.05  ? 52  ALA A CA  1 
ATOM   372  C  C   . ALA A 1 52  ? -5.377  2.801   14.463  1.00 23.41  ? 52  ALA A C   1 
ATOM   373  O  O   . ALA A 1 52  ? -5.683  2.246   15.517  1.00 29.81  ? 52  ALA A O   1 
ATOM   374  C  CB  . ALA A 1 52  ? -4.917  0.507   13.563  1.00 24.39  ? 52  ALA A CB  1 
ATOM   375  N  N   . GLY A 1 53  ? -5.346  4.121   14.315  1.00 29.25  ? 53  GLY A N   1 
ATOM   376  C  CA  . GLY A 1 53  ? -5.651  5.031   15.403  1.00 41.57  ? 53  GLY A CA  1 
ATOM   377  C  C   . GLY A 1 53  ? -6.495  6.180   14.897  1.00 41.88  ? 53  GLY A C   1 
ATOM   378  O  O   . GLY A 1 53  ? -7.473  5.956   14.191  1.00 29.54  ? 53  GLY A O   1 
ATOM   379  N  N   . ARG A 1 54  ? -6.123  7.411   15.244  1.00 33.06  ? 54  ARG A N   1 
ATOM   380  C  CA  . ARG A 1 54  ? -6.866  8.579   14.771  1.00 29.76  ? 54  ARG A CA  1 
ATOM   381  C  C   . ARG A 1 54  ? -6.850  8.658   13.244  1.00 56.78  ? 54  ARG A C   1 
ATOM   382  O  O   . ARG A 1 54  ? -7.831  9.062   12.626  1.00 35.61  ? 54  ARG A O   1 
ATOM   383  C  CB  . ARG A 1 54  ? -6.331  9.867   15.406  1.00 43.48  ? 54  ARG A CB  1 
ATOM   384  C  CG  . ARG A 1 54  ? -6.749  10.055  16.861  1.00 30.79  ? 54  ARG A CG  1 
ATOM   385  C  CD  . ARG A 1 54  ? -6.116  11.302  17.455  1.00 41.72  ? 54  ARG A CD  1 
ATOM   386  N  NE  . ARG A 1 54  ? -6.324  12.476  16.609  1.00 35.15  ? 54  ARG A NE  1 
ATOM   387  C  CZ  . ARG A 1 54  ? -7.414  13.239  16.634  1.00 62.18  ? 54  ARG A CZ  1 
ATOM   388  N  NH1 . ARG A 1 54  ? -8.407  12.959  17.464  1.00 49.55  ? 54  ARG A NH1 1 
ATOM   389  N  NH2 . ARG A 1 54  ? -7.508  14.286  15.823  1.00 44.91  ? 54  ARG A NH2 1 
ATOM   390  N  N   . SER A 1 55  ? -5.728  8.267   12.647  1.00 35.60  ? 55  SER A N   1 
ATOM   391  C  CA  . SER A 1 55  ? -5.697  7.945   11.226  1.00 38.72  ? 55  SER A CA  1 
ATOM   392  C  C   . SER A 1 55  ? -5.770  6.430   11.099  1.00 34.17  ? 55  SER A C   1 
ATOM   393  O  O   . SER A 1 55  ? -5.235  5.707   11.940  1.00 36.60  ? 55  SER A O   1 
ATOM   394  C  CB  . SER A 1 55  ? -4.423  8.458   10.555  1.00 38.03  ? 55  SER A CB  1 
ATOM   395  O  OG  . SER A 1 55  ? -4.506  9.845   10.282  1.00 41.49  ? 55  SER A OG  1 
ATOM   396  N  N   A ARG A 1 56  ? -6.433  5.952   10.052  0.52 31.71  ? 56  ARG A N   1 
ATOM   397  N  N   B ARG A 1 56  ? -6.444  5.952   10.059  0.48 31.76  ? 56  ARG A N   1 
ATOM   398  C  CA  A ARG A 1 56  ? -6.556  4.517   9.823   0.52 34.51  ? 56  ARG A CA  1 
ATOM   399  C  CA  B ARG A 1 56  ? -6.561  4.518   9.822   0.48 34.51  ? 56  ARG A CA  1 
ATOM   400  C  C   A ARG A 1 56  ? -6.254  4.182   8.370   0.52 40.22  ? 56  ARG A C   1 
ATOM   401  C  C   B ARG A 1 56  ? -6.226  4.206   8.370   0.48 40.23  ? 56  ARG A C   1 
ATOM   402  O  O   A ARG A 1 56  ? -6.793  4.807   7.457   0.52 37.38  ? 56  ARG A O   1 
ATOM   403  O  O   B ARG A 1 56  ? -6.717  4.870   7.456   0.48 37.16  ? 56  ARG A O   1 
ATOM   404  C  CB  A ARG A 1 56  ? -7.958  4.030   10.197  0.52 37.35  ? 56  ARG A CB  1 
ATOM   405  C  CB  B ARG A 1 56  ? -7.977  4.030   10.140  0.48 37.36  ? 56  ARG A CB  1 
ATOM   406  C  CG  A ARG A 1 56  ? -8.301  4.165   11.673  0.52 40.61  ? 56  ARG A CG  1 
ATOM   407  C  CG  B ARG A 1 56  ? -8.436  4.233   11.582  0.48 40.86  ? 56  ARG A CG  1 
ATOM   408  C  CD  A ARG A 1 56  ? -9.734  3.740   11.948  0.52 45.00  ? 56  ARG A CD  1 
ATOM   409  C  CD  B ARG A 1 56  ? -9.894  4.680   11.606  0.48 46.55  ? 56  ARG A CD  1 
ATOM   410  N  NE  A ARG A 1 56  ? -10.699 4.647   11.331  0.52 46.78  ? 56  ARG A NE  1 
ATOM   411  N  NE  B ARG A 1 56  ? -10.627 4.251   12.797  0.48 46.54  ? 56  ARG A NE  1 
ATOM   412  C  CZ  A ARG A 1 56  ? -11.926 4.293   10.964  0.52 44.28  ? 56  ARG A CZ  1 
ATOM   413  C  CZ  B ARG A 1 56  ? -10.799 4.998   13.884  0.48 55.44  ? 56  ARG A CZ  1 
ATOM   414  N  NH1 A ARG A 1 56  ? -12.340 3.046   11.140  0.52 30.79  ? 56  ARG A NH1 1 
ATOM   415  N  NH1 B ARG A 1 56  ? -10.275 6.215   13.946  0.48 34.47  ? 56  ARG A NH1 1 
ATOM   416  N  NH2 A ARG A 1 56  ? -12.736 5.185   10.410  0.52 43.99  ? 56  ARG A NH2 1 
ATOM   417  N  NH2 B ARG A 1 56  ? -11.492 4.528   14.912  0.48 35.54  ? 56  ARG A NH2 1 
ATOM   418  N  N   . THR A 1 57  ? -5.387  3.198   8.158   1.00 29.85  ? 57  THR A N   1 
ATOM   419  C  CA  . THR A 1 57  ? -5.054  2.767   6.811   1.00 31.54  ? 57  THR A CA  1 
ATOM   420  C  C   . THR A 1 57  ? -5.662  1.405   6.531   1.00 31.56  ? 57  THR A C   1 
ATOM   421  O  O   . THR A 1 57  ? -5.901  0.619   7.446   1.00 32.23  ? 57  THR A O   1 
ATOM   422  C  CB  . THR A 1 57  ? -3.530  2.687   6.582   1.00 29.76  ? 57  THR A CB  1 
ATOM   423  O  OG1 . THR A 1 57  ? -2.939  1.830   7.567   1.00 30.69  ? 57  THR A OG1 1 
ATOM   424  C  CG2 . THR A 1 57  ? -2.906  4.068   6.675   1.00 38.95  ? 57  THR A CG2 1 
ATOM   425  N  N   . TRP A 1 58  ? -5.918  1.140   5.259   1.00 35.48  ? 58  TRP A N   1 
ATOM   426  C  CA  . TRP A 1 58  ? -6.320  -0.182  4.816   1.00 28.71  ? 58  TRP A CA  1 
ATOM   427  C  C   . TRP A 1 58  ? -5.680  -0.456  3.469   1.00 35.66  ? 58  TRP A C   1 
ATOM   428  O  O   . TRP A 1 58  ? -5.795  0.344   2.539   1.00 31.87  ? 58  TRP A O   1 
ATOM   429  C  CB  . TRP A 1 58  ? -7.841  -0.287  4.714   1.00 39.73  ? 58  TRP A CB  1 
ATOM   430  C  CG  . TRP A 1 58  ? -8.326  -1.520  4.007   1.00 35.86  ? 58  TRP A CG  1 
ATOM   431  C  CD1 . TRP A 1 58  ? -8.582  -1.650  2.672   1.00 34.72  ? 58  TRP A CD1 1 
ATOM   432  C  CD2 . TRP A 1 58  ? -8.626  -2.794  4.596   1.00 28.82  ? 58  TRP A CD2 1 
ATOM   433  N  NE1 . TRP A 1 58  ? -9.018  -2.923  2.395   1.00 38.21  ? 58  TRP A NE1 1 
ATOM   434  C  CE2 . TRP A 1 58  ? -9.055  -3.644  3.558   1.00 34.65  ? 58  TRP A CE2 1 
ATOM   435  C  CE3 . TRP A 1 58  ? -8.566  -3.296  5.900   1.00 29.74  ? 58  TRP A CE3 1 
ATOM   436  C  CZ2 . TRP A 1 58  ? -9.425  -4.969  3.784   1.00 29.36  ? 58  TRP A CZ2 1 
ATOM   437  C  CZ3 . TRP A 1 58  ? -8.940  -4.609  6.123   1.00 33.95  ? 58  TRP A CZ3 1 
ATOM   438  C  CH2 . TRP A 1 58  ? -9.362  -5.432  5.070   1.00 36.75  ? 58  TRP A CH2 1 
ATOM   439  N  N   . TRP A 1 59  ? -4.988  -1.586  3.380   1.00 27.07  ? 59  TRP A N   1 
ATOM   440  C  CA  . TRP A 1 59  ? -4.364  -2.027  2.141   1.00 34.16  ? 59  TRP A CA  1 
ATOM   441  C  C   . TRP A 1 59  ? -4.091  -3.515  2.289   1.00 32.44  ? 59  TRP A C   1 
ATOM   442  O  O   . TRP A 1 59  ? -2.987  -3.920  2.644   1.00 35.38  ? 59  TRP A O   1 
ATOM   443  C  CB  . TRP A 1 59  ? -3.061  -1.264  1.898   1.00 27.51  ? 59  TRP A CB  1 
ATOM   444  C  CG  . TRP A 1 59  ? -2.692  -1.138  0.447   1.00 34.99  ? 59  TRP A CG  1 
ATOM   445  C  CD1 . TRP A 1 59  ? -3.411  -1.588  -0.624  1.00 37.12  ? 59  TRP A CD1 1 
ATOM   446  C  CD2 . TRP A 1 59  ? -1.518  -0.517  -0.091  1.00 36.52  ? 59  TRP A CD2 1 
ATOM   447  N  NE1 . TRP A 1 59  ? -2.754  -1.288  -1.794  1.00 37.58  ? 59  TRP A NE1 1 
ATOM   448  C  CE2 . TRP A 1 59  ? -1.589  -0.631  -1.495  1.00 39.31  ? 59  TRP A CE2 1 
ATOM   449  C  CE3 . TRP A 1 59  ? -0.410  0.122   0.476   1.00 30.64  ? 59  TRP A CE3 1 
ATOM   450  C  CZ2 . TRP A 1 59  ? -0.599  -0.130  -2.337  1.00 36.16  ? 59  TRP A CZ2 1 
ATOM   451  C  CZ3 . TRP A 1 59  ? 0.573   0.620   -0.362  1.00 38.90  ? 59  TRP A CZ3 1 
ATOM   452  C  CH2 . TRP A 1 59  ? 0.471   0.491   -1.754  1.00 42.27  ? 59  TRP A CH2 1 
ATOM   453  N  N   . ALA A 1 60  ? -5.114  -4.323  2.030   1.00 30.95  ? 60  ALA A N   1 
ATOM   454  C  CA  . ALA A 1 60  ? -5.068  -5.752  2.326   1.00 27.97  ? 60  ALA A CA  1 
ATOM   455  C  C   . ALA A 1 60  ? -3.976  -6.496  1.567   1.00 32.69  ? 60  ALA A C   1 
ATOM   456  O  O   . ALA A 1 60  ? -3.794  -6.285  0.368   1.00 37.43  ? 60  ALA A O   1 
ATOM   457  C  CB  . ALA A 1 60  ? -6.427  -6.390  2.050   1.00 37.33  ? 60  ALA A CB  1 
ATOM   458  N  N   . PRO A 1 61  ? -3.245  -7.379  2.268   1.00 23.85  ? 61  PRO A N   1 
ATOM   459  C  CA  . PRO A 1 61  ? -2.275  -8.272  1.628   1.00 24.77  ? 61  PRO A CA  1 
ATOM   460  C  C   . PRO A 1 61  ? -3.030  -9.268  0.759   1.00 30.96  ? 61  PRO A C   1 
ATOM   461  O  O   . PRO A 1 61  ? -4.221  -9.482  0.983   1.00 29.62  ? 61  PRO A O   1 
ATOM   462  C  CB  . PRO A 1 61  ? -1.621  -8.986  2.813   1.00 26.17  ? 61  PRO A CB  1 
ATOM   463  C  CG  . PRO A 1 61  ? -2.659  -8.958  3.880   1.00 38.30  ? 61  PRO A CG  1 
ATOM   464  C  CD  . PRO A 1 61  ? -3.375  -7.650  3.710   1.00 24.38  ? 61  PRO A CD  1 
ATOM   465  N  N   . SER A 1 62  ? -2.357  -9.864  -0.217  1.00 33.05  ? 62  SER A N   1 
ATOM   466  C  CA  . SER A 1 62  ? -3.038  -10.730 -1.174  1.00 31.94  ? 62  SER A CA  1 
ATOM   467  C  C   . SER A 1 62  ? -2.478  -12.143 -1.144  1.00 29.32  ? 62  SER A C   1 
ATOM   468  O  O   . SER A 1 62  ? -1.351  -12.358 -0.703  1.00 28.25  ? 62  SER A O   1 
ATOM   469  C  CB  . SER A 1 62  ? -2.931  -10.143 -2.583  1.00 37.94  ? 62  SER A CB  1 
ATOM   470  O  OG  . SER A 1 62  ? -1.595  -9.772  -2.882  1.00 32.85  ? 62  SER A OG  1 
ATOM   471  N  N   . VAL A 1 63  ? -3.278  -13.108 -1.594  1.00 25.60  ? 63  VAL A N   1 
ATOM   472  C  CA  . VAL A 1 63  ? -2.808  -14.480 -1.727  1.00 24.58  ? 63  VAL A CA  1 
ATOM   473  C  C   . VAL A 1 63  ? -1.545  -14.484 -2.583  1.00 18.81  ? 63  VAL A C   1 
ATOM   474  O  O   . VAL A 1 63  ? -1.489  -13.819 -3.618  1.00 23.95  ? 63  VAL A O   1 
ATOM   475  C  CB  . VAL A 1 63  ? -3.883  -15.392 -2.363  1.00 27.67  ? 63  VAL A CB  1 
ATOM   476  C  CG1 . VAL A 1 63  ? -3.325  -16.785 -2.623  1.00 28.78  ? 63  VAL A CG1 1 
ATOM   477  C  CG2 . VAL A 1 63  ? -5.112  -15.465 -1.464  1.00 25.75  ? 63  VAL A CG2 1 
ATOM   478  N  N   . GLY A 1 64  ? -0.523  -15.200 -2.126  1.00 25.20  ? 64  GLY A N   1 
ATOM   479  C  CA  . GLY A 1 64  ? 0.747   -15.253 -2.830  1.00 28.00  ? 64  GLY A CA  1 
ATOM   480  C  C   . GLY A 1 64  ? 1.797   -14.300 -2.276  1.00 30.05  ? 64  GLY A C   1 
ATOM   481  O  O   . GLY A 1 64  ? 2.966   -14.370 -2.651  1.00 31.06  ? 64  GLY A O   1 
ATOM   482  N  N   . GLU A 1 65  ? 1.386   -13.413 -1.377  1.00 23.84  ? 65  GLU A N   1 
ATOM   483  C  CA  . GLU A 1 65  ? 2.295   -12.410 -0.816  1.00 24.16  ? 65  GLU A CA  1 
ATOM   484  C  C   . GLU A 1 65  ? 3.127   -13.015 0.314   1.00 30.64  ? 65  GLU A C   1 
ATOM   485  O  O   . GLU A 1 65  ? 2.587   -13.660 1.209   1.00 26.79  ? 65  GLU A O   1 
ATOM   486  C  CB  . GLU A 1 65  ? 1.492   -11.207 -0.312  1.00 29.69  ? 65  GLU A CB  1 
ATOM   487  C  CG  . GLU A 1 65  ? 2.308   -9.995  0.120   1.00 23.64  ? 65  GLU A CG  1 
ATOM   488  C  CD  . GLU A 1 65  ? 1.485   -8.718  0.089   1.00 34.72  ? 65  GLU A CD  1 
ATOM   489  O  OE1 . GLU A 1 65  ? 0.303   -8.786  -0.311  1.00 30.05  ? 65  GLU A OE1 1 
ATOM   490  O  OE2 . GLU A 1 65  ? 2.016   -7.647  0.460   1.00 33.94  ? 65  GLU A OE2 1 
ATOM   491  N  N   . GLN A 1 66  ? 4.443   -12.816 0.270   1.00 27.52  ? 66  GLN A N   1 
ATOM   492  C  CA  . GLN A 1 66  ? 5.321   -13.346 1.311   1.00 28.96  ? 66  GLN A CA  1 
ATOM   493  C  C   . GLN A 1 66  ? 5.381   -12.382 2.499   1.00 26.30  ? 66  GLN A C   1 
ATOM   494  O  O   . GLN A 1 66  ? 5.482   -11.168 2.319   1.00 25.16  ? 66  GLN A O   1 
ATOM   495  C  CB  . GLN A 1 66  ? 6.724   -13.626 0.759   1.00 27.51  ? 66  GLN A CB  1 
ATOM   496  C  CG  . GLN A 1 66  ? 7.584   -14.490 1.677   1.00 29.02  ? 66  GLN A CG  1 
ATOM   497  C  CD  . GLN A 1 66  ? 9.001   -14.676 1.160   1.00 31.55  ? 66  GLN A CD  1 
ATOM   498  O  OE1 . GLN A 1 66  ? 9.280   -14.466 -0.019  1.00 36.02  ? 66  GLN A OE1 1 
ATOM   499  N  NE2 . GLN A 1 66  ? 9.905   -15.068 2.050   1.00 35.38  ? 66  GLN A NE2 1 
ATOM   500  N  N   . VAL A 1 67  ? 5.310   -12.926 3.711   1.00 24.15  ? 67  VAL A N   1 
ATOM   501  C  CA  . VAL A 1 67  ? 5.183   -12.107 4.914   1.00 27.06  ? 67  VAL A CA  1 
ATOM   502  C  C   . VAL A 1 67  ? 5.972   -12.686 6.075   1.00 34.62  ? 67  VAL A C   1 
ATOM   503  O  O   . VAL A 1 67  ? 6.414   -13.832 6.026   1.00 25.60  ? 67  VAL A O   1 
ATOM   504  C  CB  . VAL A 1 67  ? 3.706   -12.016 5.385   1.00 18.61  ? 67  VAL A CB  1 
ATOM   505  C  CG1 . VAL A 1 67  ? 2.829   -11.333 4.339   1.00 22.62  ? 67  VAL A CG1 1 
ATOM   506  C  CG2 . VAL A 1 67  ? 3.172   -13.399 5.717   1.00 20.63  ? 67  VAL A CG2 1 
ATOM   507  N  N   . LEU A 1 68  ? 6.143   -11.880 7.121   1.00 25.65  ? 68  LEU A N   1 
ATOM   508  C  CA  . LEU A 1 68  ? 6.629   -12.375 8.401   1.00 19.70  ? 68  LEU A CA  1 
ATOM   509  C  C   . LEU A 1 68  ? 5.435   -12.683 9.292   1.00 23.08  ? 68  LEU A C   1 
ATOM   510  O  O   . LEU A 1 68  ? 4.390   -12.048 9.180   1.00 19.25  ? 68  LEU A O   1 
ATOM   511  C  CB  . LEU A 1 68  ? 7.495   -11.325 9.103   1.00 19.92  ? 68  LEU A CB  1 
ATOM   512  C  CG  . LEU A 1 68  ? 8.855   -10.970 8.505   1.00 25.08  ? 68  LEU A CG  1 
ATOM   513  C  CD1 . LEU A 1 68  ? 9.616   -10.087 9.486   1.00 23.61  ? 68  LEU A CD1 1 
ATOM   514  C  CD2 . LEU A 1 68  ? 9.644   -12.223 8.181   1.00 33.07  ? 68  LEU A CD2 1 
ATOM   515  N  N   . ILE A 1 69  ? 5.591   -13.655 10.180  1.00 21.05  ? 69  ILE A N   1 
ATOM   516  C  CA  . ILE A 1 69  ? 4.583   -13.912 11.197  1.00 25.92  ? 69  ILE A CA  1 
ATOM   517  C  C   . ILE A 1 69  ? 5.244   -13.777 12.558  1.00 30.32  ? 69  ILE A C   1 
ATOM   518  O  O   . ILE A 1 69  ? 6.252   -14.425 12.833  1.00 23.05  ? 69  ILE A O   1 
ATOM   519  C  CB  . ILE A 1 69  ? 3.952   -15.310 11.053  1.00 31.00  ? 69  ILE A CB  1 
ATOM   520  C  CG1 . ILE A 1 69  ? 3.438   -15.516 9.630   1.00 26.04  ? 69  ILE A CG1 1 
ATOM   521  C  CG2 . ILE A 1 69  ? 2.816   -15.485 12.049  1.00 32.68  ? 69  ILE A CG2 1 
ATOM   522  C  CD1 . ILE A 1 69  ? 4.319   -16.406 8.782   1.00 43.43  ? 69  ILE A CD1 1 
ATOM   523  N  N   . LEU A 1 70  ? 4.688   -12.916 13.402  1.00 26.00  ? 70  LEU A N   1 
ATOM   524  C  CA  . LEU A 1 70  ? 5.270   -12.651 14.710  1.00 25.45  ? 70  LEU A CA  1 
ATOM   525  C  C   . LEU A 1 70  ? 4.341   -13.132 15.815  1.00 22.65  ? 70  LEU A C   1 
ATOM   526  O  O   . LEU A 1 70  ? 3.235   -12.619 15.964  1.00 24.50  ? 70  LEU A O   1 
ATOM   527  C  CB  . LEU A 1 70  ? 5.536   -11.153 14.872  1.00 23.85  ? 70  LEU A CB  1 
ATOM   528  C  CG  . LEU A 1 70  ? 6.290   -10.461 13.733  1.00 37.43  ? 70  LEU A CG  1 
ATOM   529  C  CD1 . LEU A 1 70  ? 6.415   -8.966  13.991  1.00 41.02  ? 70  LEU A CD1 1 
ATOM   530  C  CD2 . LEU A 1 70  ? 7.662   -11.081 13.529  1.00 31.01  ? 70  LEU A CD2 1 
ATOM   531  N  N   . ALA A 1 71  ? 4.792   -14.117 16.586  1.00 25.82  ? 71  ALA A N   1 
ATOM   532  C  CA  . ALA A 1 71  ? 3.996   -14.648 17.685  1.00 26.98  ? 71  ALA A CA  1 
ATOM   533  C  C   . ALA A 1 71  ? 4.310   -13.897 18.974  1.00 31.29  ? 71  ALA A C   1 
ATOM   534  O  O   . ALA A 1 71  ? 5.469   -13.609 19.264  1.00 29.71  ? 71  ALA A O   1 
ATOM   535  C  CB  . ALA A 1 71  ? 4.264   -16.132 17.859  1.00 31.33  ? 71  ALA A CB  1 
ATOM   536  N  N   . VAL A 1 72  ? 3.278   -13.576 19.747  1.00 28.00  ? 72  VAL A N   1 
ATOM   537  C  CA  . VAL A 1 72  ? 3.477   -12.853 20.997  1.00 35.70  ? 72  VAL A CA  1 
ATOM   538  C  C   . VAL A 1 72  ? 3.715   -13.814 22.158  1.00 41.10  ? 72  VAL A C   1 
ATOM   539  O  O   . VAL A 1 72  ? 4.297   -13.439 23.175  1.00 37.21  ? 72  VAL A O   1 
ATOM   540  C  CB  . VAL A 1 72  ? 2.288   -11.921 21.324  1.00 45.78  ? 72  VAL A CB  1 
ATOM   541  C  CG1 . VAL A 1 72  ? 1.995   -11.001 20.148  1.00 38.37  ? 72  VAL A CG1 1 
ATOM   542  C  CG2 . VAL A 1 72  ? 1.054   -12.729 21.695  1.00 42.77  ? 72  VAL A CG2 1 
ATOM   543  N  N   . GLY A 1 73  ? 3.275   -15.060 21.991  1.00 34.13  ? 73  GLY A N   1 
ATOM   544  C  CA  . GLY A 1 73  ? 3.402   -16.063 23.033  1.00 41.17  ? 73  GLY A CA  1 
ATOM   545  C  C   . GLY A 1 73  ? 2.628   -15.691 24.285  1.00 63.58  ? 73  GLY A C   1 
ATOM   546  O  O   . GLY A 1 73  ? 1.696   -14.888 24.233  1.00 56.40  ? 73  GLY A O   1 
ATOM   547  N  N   . GLY A 1 74  ? 3.013   -16.281 25.414  1.00 61.86  ? 74  GLY A N   1 
ATOM   548  C  CA  . GLY A 1 74  ? 2.415   -15.950 26.697  1.00 55.70  ? 74  GLY A CA  1 
ATOM   549  C  C   . GLY A 1 74  ? 0.989   -16.437 26.885  1.00 62.02  ? 74  GLY A C   1 
ATOM   550  O  O   . GLY A 1 74  ? 0.574   -17.427 26.283  1.00 63.31  ? 74  GLY A O   1 
ATOM   551  N  N   . GLU A 1 75  ? 0.244   -15.736 27.738  1.00 66.61  ? 75  GLU A N   1 
ATOM   552  C  CA  . GLU A 1 75  ? -1.151  -16.063 28.023  1.00 51.11  ? 75  GLU A CA  1 
ATOM   553  C  C   . GLU A 1 75  ? -1.985  -15.892 26.760  1.00 75.80  ? 75  GLU A C   1 
ATOM   554  O  O   . GLU A 1 75  ? -2.878  -16.688 26.466  1.00 71.88  ? 75  GLU A O   1 
ATOM   555  C  CB  . GLU A 1 75  ? -1.685  -15.132 29.116  1.00 63.27  ? 75  GLU A CB  1 
ATOM   556  C  CG  . GLU A 1 75  ? -3.180  -15.249 29.383  1.00 47.49  ? 75  GLU A CG  1 
ATOM   557  C  CD  . GLU A 1 75  ? -3.515  -16.331 30.392  1.00 79.91  ? 75  GLU A CD  1 
ATOM   558  O  OE1 . GLU A 1 75  ? -3.436  -16.056 31.609  1.00 65.46  ? 75  GLU A OE1 1 
ATOM   559  O  OE2 . GLU A 1 75  ? -3.860  -17.455 29.969  1.00 71.98  ? 75  GLU A OE2 1 
ATOM   560  N  N   . LEU A 1 76  ? -1.671  -14.837 26.018  1.00 81.11  ? 76  LEU A N   1 
ATOM   561  C  CA  . LEU A 1 76  ? -2.364  -14.490 24.786  1.00 74.23  ? 76  LEU A CA  1 
ATOM   562  C  C   . LEU A 1 76  ? -2.035  -15.458 23.642  1.00 66.98  ? 76  LEU A C   1 
ATOM   563  O  O   . LEU A 1 76  ? -2.926  -16.091 23.091  1.00 67.33  ? 76  LEU A O   1 
ATOM   564  C  CB  . LEU A 1 76  ? -2.017  -13.056 24.398  1.00 61.25  ? 76  LEU A CB  1 
ATOM   565  C  CG  . LEU A 1 76  ? -2.828  -12.451 23.259  1.00 72.42  ? 76  LEU A CG  1 
ATOM   566  C  CD1 . LEU A 1 76  ? -4.309  -12.485 23.600  1.00 61.43  ? 76  LEU A CD1 1 
ATOM   567  C  CD2 . LEU A 1 76  ? -2.364  -11.032 23.003  1.00 38.69  ? 76  LEU A CD2 1 
ATOM   568  N  N   . ASP A 1 77  ? -0.762  -15.565 23.275  1.00 64.61  ? 77  ASP A N   1 
ATOM   569  C  CA  . ASP A 1 77  ? -0.314  -16.604 22.333  1.00 55.55  ? 77  ASP A CA  1 
ATOM   570  C  C   . ASP A 1 77  ? -0.788  -16.354 20.879  1.00 61.69  ? 77  ASP A C   1 
ATOM   571  O  O   . ASP A 1 77  ? -0.578  -17.176 19.986  1.00 84.41  ? 77  ASP A O   1 
ATOM   572  C  CB  . ASP A 1 77  ? -0.589  -18.026 22.921  1.00 86.61  ? 77  ASP A CB  1 
ATOM   573  C  CG  . ASP A 1 77  ? -1.146  -19.019 21.909  1.00 96.96  ? 77  ASP A CG  1 
ATOM   574  O  OD1 . ASP A 1 77  ? -2.378  -19.004 21.705  1.00 96.44  ? 77  ASP A OD1 1 
ATOM   575  O  OD2 . ASP A 1 77  ? -0.365  -19.809 21.323  1.00 68.70  ? 77  ASP A OD2 1 
ATOM   576  N  N   . THR A 1 78  ? -1.351  -15.173 20.624  1.00 60.62  ? 78  THR A N   1 
ATOM   577  C  CA  . THR A 1 78  ? -1.727  -14.799 19.255  1.00 38.68  ? 78  THR A CA  1 
ATOM   578  C  C   . THR A 1 78  ? -0.488  -14.600 18.377  1.00 39.20  ? 78  THR A C   1 
ATOM   579  O  O   . THR A 1 78  ? 0.646   -14.671 18.857  1.00 27.00  ? 78  THR A O   1 
ATOM   580  C  CB  . THR A 1 78  ? -2.603  -13.521 19.207  1.00 40.29  ? 78  THR A CB  1 
ATOM   581  O  OG1 . THR A 1 78  ? -1.978  -12.482 19.968  1.00 41.02  ? 78  THR A OG1 1 
ATOM   582  C  CG2 . THR A 1 78  ? -3.996  -13.792 19.765  1.00 51.16  ? 78  THR A CG2 1 
ATOM   583  N  N   . ALA A 1 79  ? -0.717  -14.361 17.091  1.00 22.71  ? 79  ALA A N   1 
ATOM   584  C  CA  . ALA A 1 79  ? 0.354   -14.053 16.152  1.00 30.34  ? 79  ALA A CA  1 
ATOM   585  C  C   . ALA A 1 79  ? -0.163  -13.031 15.147  1.00 24.55  ? 79  ALA A C   1 
ATOM   586  O  O   . ALA A 1 79  ? -1.365  -12.959 14.892  1.00 31.53  ? 79  ALA A O   1 
ATOM   587  C  CB  . ALA A 1 79  ? 0.826   -15.316 15.439  1.00 21.63  ? 79  ALA A CB  1 
ATOM   588  N  N   . PHE A 1 80  ? 0.740   -12.238 14.585  1.00 16.87  ? 80  PHE A N   1 
ATOM   589  C  CA  . PHE A 1 80  ? 0.354   -11.188 13.652  1.00 19.76  ? 80  PHE A CA  1 
ATOM   590  C  C   . PHE A 1 80  ? 1.171   -11.263 12.374  1.00 26.36  ? 80  PHE A C   1 
ATOM   591  O  O   . PHE A 1 80  ? 2.327   -11.684 12.387  1.00 25.27  ? 80  PHE A O   1 
ATOM   592  C  CB  . PHE A 1 80  ? 0.511   -9.814  14.306  1.00 20.82  ? 80  PHE A CB  1 
ATOM   593  C  CG  . PHE A 1 80  ? -0.371  -9.622  15.502  1.00 25.42  ? 80  PHE A CG  1 
ATOM   594  C  CD1 . PHE A 1 80  ? -1.629  -9.058  15.368  1.00 22.32  ? 80  PHE A CD1 1 
ATOM   595  C  CD2 . PHE A 1 80  ? 0.042   -10.040 16.756  1.00 26.48  ? 80  PHE A CD2 1 
ATOM   596  C  CE1 . PHE A 1 80  ? -2.454  -8.899  16.469  1.00 26.50  ? 80  PHE A CE1 1 
ATOM   597  C  CE2 . PHE A 1 80  ? -0.779  -9.882  17.862  1.00 38.23  ? 80  PHE A CE2 1 
ATOM   598  C  CZ  . PHE A 1 80  ? -2.028  -9.313  17.715  1.00 19.67  ? 80  PHE A CZ  1 
ATOM   599  N  N   . VAL A 1 81  ? 0.564   -10.841 11.273  1.00 24.58  ? 81  VAL A N   1 
ATOM   600  C  CA  . VAL A 1 81  ? 1.191   -10.943 9.961   1.00 20.98  ? 81  VAL A CA  1 
ATOM   601  C  C   . VAL A 1 81  ? 1.732   -9.588  9.520   1.00 27.56  ? 81  VAL A C   1 
ATOM   602  O  O   . VAL A 1 81  ? 1.047   -8.572  9.631   1.00 27.60  ? 81  VAL A O   1 
ATOM   603  C  CB  . VAL A 1 81  ? 0.184   -11.470 8.915   1.00 26.85  ? 81  VAL A CB  1 
ATOM   604  C  CG1 . VAL A 1 81  ? 0.749   -11.358 7.511   1.00 31.07  ? 81  VAL A CG1 1 
ATOM   605  C  CG2 . VAL A 1 81  ? -0.206  -12.908 9.232   1.00 28.68  ? 81  VAL A CG2 1 
ATOM   606  N  N   . LEU A 1 82  ? 2.967   -9.572  9.027   1.00 26.37  ? 82  LEU A N   1 
ATOM   607  C  CA  . LEU A 1 82  ? 3.580   -8.333  8.562   1.00 24.07  ? 82  LEU A CA  1 
ATOM   608  C  C   . LEU A 1 82  ? 4.127   -8.442  7.140   1.00 28.72  ? 82  LEU A C   1 
ATOM   609  O  O   . LEU A 1 82  ? 5.187   -9.024  6.927   1.00 26.10  ? 82  LEU A O   1 
ATOM   610  C  CB  . LEU A 1 82  ? 4.697   -7.900  9.520   1.00 30.18  ? 82  LEU A CB  1 
ATOM   611  C  CG  . LEU A 1 82  ? 5.414   -6.582  9.203   1.00 38.67  ? 82  LEU A CG  1 
ATOM   612  C  CD1 . LEU A 1 82  ? 4.417   -5.449  9.029   1.00 34.66  ? 82  LEU A CD1 1 
ATOM   613  C  CD2 . LEU A 1 82  ? 6.424   -6.246  10.296  1.00 49.13  ? 82  LEU A CD2 1 
ATOM   614  N  N   . PRO A 1 83  ? 3.392   -7.886  6.162   1.00 26.23  ? 83  PRO A N   1 
ATOM   615  C  CA  . PRO A 1 83  ? 3.867   -7.729  4.782   1.00 25.56  ? 83  PRO A CA  1 
ATOM   616  C  C   . PRO A 1 83  ? 4.960   -6.667  4.730   1.00 29.70  ? 83  PRO A C   1 
ATOM   617  O  O   . PRO A 1 83  ? 4.968   -5.795  5.594   1.00 31.70  ? 83  PRO A O   1 
ATOM   618  C  CB  . PRO A 1 83  ? 2.624   -7.213  4.041   1.00 23.98  ? 83  PRO A CB  1 
ATOM   619  C  CG  . PRO A 1 83  ? 1.469   -7.542  4.924   1.00 33.59  ? 83  PRO A CG  1 
ATOM   620  C  CD  . PRO A 1 83  ? 2.002   -7.434  6.314   1.00 28.33  ? 83  PRO A CD  1 
ATOM   621  N  N   . GLY A 1 84  ? 5.859   -6.721  3.751   1.00 29.36  ? 84  GLY A N   1 
ATOM   622  C  CA  . GLY A 1 84  ? 5.853   -7.732  2.710   1.00 25.44  ? 84  GLY A CA  1 
ATOM   623  C  C   . GLY A 1 84  ? 7.271   -7.948  2.220   1.00 30.73  ? 84  GLY A C   1 
ATOM   624  O  O   . GLY A 1 84  ? 8.134   -7.092  2.411   1.00 31.26  ? 84  GLY A O   1 
ATOM   625  N  N   . ILE A 1 85  ? 7.514   -9.092  1.593   1.00 25.69  ? 85  ILE A N   1 
ATOM   626  C  CA  . ILE A 1 85  ? 8.856   -9.459  1.164   1.00 20.59  ? 85  ILE A CA  1 
ATOM   627  C  C   . ILE A 1 85  ? 8.860   -9.824  -0.317  1.00 39.39  ? 85  ILE A C   1 
ATOM   628  O  O   . ILE A 1 85  ? 8.040   -10.629 -0.768  1.00 28.89  ? 85  ILE A O   1 
ATOM   629  C  CB  . ILE A 1 85  ? 9.383   -10.660 1.982   1.00 23.89  ? 85  ILE A CB  1 
ATOM   630  C  CG1 . ILE A 1 85  ? 9.399   -10.325 3.477   1.00 27.17  ? 85  ILE A CG1 1 
ATOM   631  C  CG2 . ILE A 1 85  ? 10.773  -11.065 1.503   1.00 21.75  ? 85  ILE A CG2 1 
ATOM   632  C  CD1 . ILE A 1 85  ? 9.506   -11.544 4.388   1.00 25.46  ? 85  ILE A CD1 1 
ATOM   633  N  N   . TYR A 1 86  ? 9.778   -9.224  -1.070  1.00 27.98  ? 86  TYR A N   1 
ATOM   634  C  CA  . TYR A 1 86  ? 9.866   -9.463  -2.508  1.00 27.26  ? 86  TYR A CA  1 
ATOM   635  C  C   . TYR A 1 86  ? 10.158  -10.929 -2.816  1.00 18.98  ? 86  TYR A C   1 
ATOM   636  O  O   . TYR A 1 86  ? 10.898  -11.597 -2.089  1.00 26.37  ? 86  TYR A O   1 
ATOM   637  C  CB  . TYR A 1 86  ? 10.935  -8.567  -3.145  1.00 35.31  ? 86  TYR A CB  1 
ATOM   638  C  CG  . TYR A 1 86  ? 10.669  -7.086  -2.996  1.00 32.12  ? 86  TYR A CG  1 
ATOM   639  C  CD1 . TYR A 1 86  ? 9.453   -6.533  -3.377  1.00 30.76  ? 86  TYR A CD1 1 
ATOM   640  C  CD2 . TYR A 1 86  ? 11.632  -6.241  -2.461  1.00 30.53  ? 86  TYR A CD2 1 
ATOM   641  C  CE1 . TYR A 1 86  ? 9.210   -5.176  -3.238  1.00 26.15  ? 86  TYR A CE1 1 
ATOM   642  C  CE2 . TYR A 1 86  ? 11.396  -4.890  -2.315  1.00 31.37  ? 86  TYR A CE2 1 
ATOM   643  C  CZ  . TYR A 1 86  ? 10.187  -4.362  -2.704  1.00 30.43  ? 86  TYR A CZ  1 
ATOM   644  O  OH  . TYR A 1 86  ? 9.958   -3.012  -2.556  1.00 32.75  ? 86  TYR A OH  1 
ATOM   645  N  N   . SER A 1 87  ? 9.568   -11.422 -3.901  1.00 35.96  ? 87  SER A N   1 
ATOM   646  C  CA  . SER A 1 87  ? 9.760   -12.801 -4.329  1.00 26.95  ? 87  SER A CA  1 
ATOM   647  C  C   . SER A 1 87  ? 9.839   -12.869 -5.849  1.00 26.10  ? 87  SER A C   1 
ATOM   648  O  O   . SER A 1 87  ? 9.694   -11.854 -6.528  1.00 32.42  ? 87  SER A O   1 
ATOM   649  C  CB  . SER A 1 87  ? 8.600   -13.673 -3.850  1.00 34.40  ? 87  SER A CB  1 
ATOM   650  O  OG  . SER A 1 87  ? 7.452   -13.467 -4.658  1.00 31.70  ? 87  SER A OG  1 
ATOM   651  N  N   . GLY A 1 88  ? 10.065  -14.068 -6.380  1.00 39.71  ? 88  GLY A N   1 
ATOM   652  C  CA  . GLY A 1 88  ? 10.059  -14.272 -7.818  1.00 35.68  ? 88  GLY A CA  1 
ATOM   653  C  C   . GLY A 1 88  ? 8.718   -13.903 -8.426  1.00 35.19  ? 88  GLY A C   1 
ATOM   654  O  O   . GLY A 1 88  ? 8.654   -13.238 -9.459  1.00 36.04  ? 88  GLY A O   1 
ATOM   655  N  N   . ASP A 1 89  ? 7.643   -14.336 -7.772  1.00 31.16  ? 89  ASP A N   1 
ATOM   656  C  CA  . ASP A 1 89  ? 6.287   -14.010 -8.201  1.00 33.50  ? 89  ASP A CA  1 
ATOM   657  C  C   . ASP A 1 89  ? 5.994   -12.527 -8.044  1.00 34.75  ? 89  ASP A C   1 
ATOM   658  O  O   . ASP A 1 89  ? 5.316   -11.923 -8.876  1.00 42.88  ? 89  ASP A O   1 
ATOM   659  C  CB  . ASP A 1 89  ? 5.261   -14.807 -7.391  1.00 34.95  ? 89  ASP A CB  1 
ATOM   660  C  CG  . ASP A 1 89  ? 5.223   -16.269 -7.777  1.00 43.10  ? 89  ASP A CG  1 
ATOM   661  O  OD1 . ASP A 1 89  ? 5.750   -16.611 -8.856  1.00 38.48  ? 89  ASP A OD1 1 
ATOM   662  O  OD2 . ASP A 1 89  ? 4.656   -17.073 -7.005  1.00 52.22  ? 89  ASP A OD2 1 
ATOM   663  N  N   . ASN A 1 90  ? 6.496   -11.942 -6.963  1.00 32.20  ? 90  ASN A N   1 
ATOM   664  C  CA  . ASN A 1 90  ? 6.245   -10.533 -6.694  1.00 29.57  ? 90  ASN A CA  1 
ATOM   665  C  C   . ASN A 1 90  ? 7.534   -9.748  -6.492  1.00 37.67  ? 90  ASN A C   1 
ATOM   666  O  O   . ASN A 1 90  ? 7.918   -9.453  -5.361  1.00 30.59  ? 90  ASN A O   1 
ATOM   667  C  CB  . ASN A 1 90  ? 5.314   -10.381 -5.490  1.00 35.36  ? 90  ASN A CB  1 
ATOM   668  C  CG  . ASN A 1 90  ? 3.963   -11.032 -5.720  1.00 39.30  ? 90  ASN A CG  1 
ATOM   669  O  OD1 . ASN A 1 90  ? 3.168   -10.562 -6.534  1.00 37.06  ? 90  ASN A OD1 1 
ATOM   670  N  ND2 . ASN A 1 90  ? 3.695   -12.117 -5.000  1.00 32.88  ? 90  ASN A ND2 1 
ATOM   671  N  N   . PRO A 1 91  ? 8.207   -9.409  -7.601  1.00 41.45  ? 91  PRO A N   1 
ATOM   672  C  CA  . PRO A 1 91  ? 9.500   -8.724  -7.553  1.00 32.95  ? 91  PRO A CA  1 
ATOM   673  C  C   . PRO A 1 91  ? 9.335   -7.231  -7.335  1.00 26.82  ? 91  PRO A C   1 
ATOM   674  O  O   . PRO A 1 91  ? 8.240   -6.697  -7.507  1.00 34.48  ? 91  PRO A O   1 
ATOM   675  C  CB  . PRO A 1 91  ? 10.068  -8.976  -8.950  1.00 37.97  ? 91  PRO A CB  1 
ATOM   676  C  CG  . PRO A 1 91  ? 8.858   -9.027  -9.820  1.00 46.29  ? 91  PRO A CG  1 
ATOM   677  C  CD  . PRO A 1 91  ? 7.776   -9.672  -8.986  1.00 47.41  ? 91  PRO A CD  1 
ATOM   678  N  N   . SER A 1 92  ? 10.424  -6.571  -6.953  1.00 30.51  ? 92  SER A N   1 
ATOM   679  C  CA  . SER A 1 92  ? 10.441  -5.121  -6.825  1.00 34.26  ? 92  SER A CA  1 
ATOM   680  C  C   . SER A 1 92  ? 10.063  -4.458  -8.144  1.00 32.73  ? 92  SER A C   1 
ATOM   681  O  O   . SER A 1 92  ? 10.558  -4.847  -9.201  1.00 38.83  ? 92  SER A O   1 
ATOM   682  C  CB  . SER A 1 92  ? 11.829  -4.651  -6.397  1.00 41.37  ? 92  SER A CB  1 
ATOM   683  O  OG  . SER A 1 92  ? 12.113  -3.382  -6.958  1.00 60.17  ? 92  SER A OG  1 
ATOM   684  N  N   . PRO A 1 93  ? 9.175   -3.456  -8.085  1.00 41.15  ? 93  PRO A N   1 
ATOM   685  C  CA  . PRO A 1 93  ? 8.732   -2.737  -9.282  1.00 38.37  ? 93  PRO A CA  1 
ATOM   686  C  C   . PRO A 1 93  ? 9.693   -1.622  -9.682  1.00 43.58  ? 93  PRO A C   1 
ATOM   687  O  O   . PRO A 1 93  ? 9.379   -0.848  -10.586 1.00 46.08  ? 93  PRO A O   1 
ATOM   688  C  CB  . PRO A 1 93  ? 7.402   -2.134  -8.839  1.00 33.53  ? 93  PRO A CB  1 
ATOM   689  C  CG  . PRO A 1 93  ? 7.595   -1.882  -7.381  1.00 36.41  ? 93  PRO A CG  1 
ATOM   690  C  CD  . PRO A 1 93  ? 8.441   -3.025  -6.881  1.00 44.11  ? 93  PRO A CD  1 
ATOM   691  N  N   . SER A 1 94  ? 10.843  -1.544  -9.018  1.00 36.49  ? 94  SER A N   1 
ATOM   692  C  CA  . SER A 1 94  ? 11.813  -0.489  -9.293  1.00 40.62  ? 94  SER A CA  1 
ATOM   693  C  C   . SER A 1 94  ? 13.202  -0.820  -8.753  1.00 52.10  ? 94  SER A C   1 
ATOM   694  O  O   . SER A 1 94  ? 13.368  -1.739  -7.947  1.00 38.31  ? 94  SER A O   1 
ATOM   695  C  CB  . SER A 1 94  ? 11.329  0.841   -8.705  1.00 43.20  ? 94  SER A CB  1 
ATOM   696  O  OG  . SER A 1 94  ? 12.313  1.854   -8.835  1.00 52.97  ? 94  SER A OG  1 
ATOM   697  N  N   . VAL A 1 95  ? 14.195  -0.065  -9.214  1.00 37.76  ? 95  VAL A N   1 
ATOM   698  C  CA  . VAL A 1 95  ? 15.560  -0.173  -8.711  1.00 25.89  ? 95  VAL A CA  1 
ATOM   699  C  C   . VAL A 1 95  ? 16.054  1.203   -8.279  1.00 40.52  ? 95  VAL A C   1 
ATOM   700  O  O   . VAL A 1 95  ? 17.231  1.388   -7.979  1.00 36.55  ? 95  VAL A O   1 
ATOM   701  C  CB  . VAL A 1 95  ? 16.524  -0.731  -9.777  1.00 36.16  ? 95  VAL A CB  1 
ATOM   702  C  CG1 . VAL A 1 95  ? 16.140  -2.152  -10.148 1.00 50.36  ? 95  VAL A CG1 1 
ATOM   703  C  CG2 . VAL A 1 95  ? 16.533  0.163   -11.008 1.00 47.03  ? 95  VAL A CG2 1 
ATOM   704  N  N   . SER A 1 96  ? 15.136  2.164   -8.241  1.00 38.07  ? 96  SER A N   1 
ATOM   705  C  CA  . SER A 1 96  ? 15.483  3.549   -7.944  1.00 46.28  ? 96  SER A CA  1 
ATOM   706  C  C   . SER A 1 96  ? 16.032  3.765   -6.531  1.00 55.19  ? 96  SER A C   1 
ATOM   707  O  O   . SER A 1 96  ? 15.465  3.288   -5.543  1.00 43.25  ? 96  SER A O   1 
ATOM   708  C  CB  . SER A 1 96  ? 14.277  4.458   -8.176  1.00 47.15  ? 96  SER A CB  1 
ATOM   709  O  OG  . SER A 1 96  ? 14.591  5.789   -7.797  1.00 51.29  ? 96  SER A OG  1 
ATOM   710  N  N   . ALA A 1 97  ? 17.133  4.507   -6.458  1.00 44.05  ? 97  ALA A N   1 
ATOM   711  C  CA  . ALA A 1 97  ? 17.824  4.791   -5.204  1.00 39.77  ? 97  ALA A CA  1 
ATOM   712  C  C   . ALA A 1 97  ? 16.963  5.507   -4.165  1.00 28.48  ? 97  ALA A C   1 
ATOM   713  O  O   . ALA A 1 97  ? 17.034  5.193   -2.974  1.00 40.14  ? 97  ALA A O   1 
ATOM   714  C  CB  . ALA A 1 97  ? 19.088  5.606   -5.480  1.00 36.88  ? 97  ALA A CB  1 
ATOM   715  N  N   . ASP A 1 98  ? 16.150  6.463   -4.605  1.00 33.18  ? 98  ASP A N   1 
ATOM   716  C  CA  . ASP A 1 98  ? 15.430  7.323   -3.665  1.00 37.66  ? 98  ASP A CA  1 
ATOM   717  C  C   . ASP A 1 98  ? 13.919  7.390   -3.868  1.00 34.97  ? 98  ASP A C   1 
ATOM   718  O  O   . ASP A 1 98  ? 13.204  7.943   -3.032  1.00 35.29  ? 98  ASP A O   1 
ATOM   719  C  CB  . ASP A 1 98  ? 16.002  8.742   -3.719  1.00 39.01  ? 98  ASP A CB  1 
ATOM   720  C  CG  . ASP A 1 98  ? 17.425  8.815   -3.209  1.00 41.33  ? 98  ASP A CG  1 
ATOM   721  O  OD1 . ASP A 1 98  ? 17.729  8.145   -2.199  1.00 41.00  ? 98  ASP A OD1 1 
ATOM   722  O  OD2 . ASP A 1 98  ? 18.239  9.540   -3.817  1.00 53.13  ? 98  ASP A OD2 1 
ATOM   723  N  N   . ALA A 1 99  ? 13.429  6.836   -4.969  1.00 38.20  ? 99  ALA A N   1 
ATOM   724  C  CA  . ALA A 1 99  ? 12.023  7.011   -5.312  1.00 55.61  ? 99  ALA A CA  1 
ATOM   725  C  C   . ALA A 1 99  ? 11.082  6.160   -4.475  1.00 37.82  ? 99  ALA A C   1 
ATOM   726  O  O   . ALA A 1 99  ? 11.385  5.015   -4.141  1.00 36.47  ? 99  ALA A O   1 
ATOM   727  C  CB  . ALA A 1 99  ? 11.790  6.744   -6.796  1.00 42.82  ? 99  ALA A CB  1 
ATOM   728  N  N   . LEU A 1 100 ? 9.945   6.748   -4.124  1.00 40.26  ? 100 LEU A N   1 
ATOM   729  C  CA  . LEU A 1 100 ? 8.808   5.988   -3.645  1.00 35.70  ? 100 LEU A CA  1 
ATOM   730  C  C   . LEU A 1 100 ? 8.052   5.536   -4.883  1.00 41.24  ? 100 LEU A C   1 
ATOM   731  O  O   . LEU A 1 100 ? 7.638   6.361   -5.696  1.00 40.68  ? 100 LEU A O   1 
ATOM   732  C  CB  . LEU A 1 100 ? 7.902   6.859   -2.777  1.00 28.44  ? 100 LEU A CB  1 
ATOM   733  C  CG  . LEU A 1 100 ? 6.487   6.319   -2.556  1.00 43.82  ? 100 LEU A CG  1 
ATOM   734  C  CD1 . LEU A 1 100 ? 6.533   4.966   -1.858  1.00 35.05  ? 100 LEU A CD1 1 
ATOM   735  C  CD2 . LEU A 1 100 ? 5.649   7.311   -1.761  1.00 44.84  ? 100 LEU A CD2 1 
ATOM   736  N  N   . HIS A 1 101 ? 7.883   4.231   -5.039  1.00 33.37  ? 101 HIS A N   1 
ATOM   737  C  CA  . HIS A 1 101 ? 7.204   3.709   -6.215  1.00 31.33  ? 101 HIS A CA  1 
ATOM   738  C  C   . HIS A 1 101 ? 6.097   2.741   -5.824  1.00 37.04  ? 101 HIS A C   1 
ATOM   739  O  O   . HIS A 1 101 ? 6.345   1.741   -5.151  1.00 39.84  ? 101 HIS A O   1 
ATOM   740  C  CB  . HIS A 1 101 ? 8.204   3.025   -7.143  1.00 39.29  ? 101 HIS A CB  1 
ATOM   741  C  CG  . HIS A 1 101 ? 7.595   2.531   -8.434  1.00 55.03  ? 101 HIS A CG  1 
ATOM   742  N  ND1 . HIS A 1 101 ? 7.664   3.250   -9.594  1.00 61.24  ? 101 HIS A ND1 1 
ATOM   743  C  CD2 . HIS A 1 101 ? 6.919   1.400   -8.705  1.00 56.19  ? 101 HIS A CD2 1 
ATOM   744  C  CE1 . HIS A 1 101 ? 7.047   2.574   -10.561 1.00 54.54  ? 101 HIS A CE1 1 
ATOM   745  N  NE2 . HIS A 1 101 ? 6.586   1.448   -10.043 1.00 43.45  ? 101 HIS A NE2 1 
ATOM   746  N  N   . ILE A 1 102 ? 4.875   3.048   -6.246  1.00 36.79  ? 102 ILE A N   1 
ATOM   747  C  CA  . ILE A 1 102 ? 3.723   2.205   -5.945  1.00 37.52  ? 102 ILE A CA  1 
ATOM   748  C  C   . ILE A 1 102 ? 3.091   1.664   -7.225  1.00 47.93  ? 102 ILE A C   1 
ATOM   749  O  O   . ILE A 1 102 ? 2.693   2.431   -8.102  1.00 50.32  ? 102 ILE A O   1 
ATOM   750  C  CB  . ILE A 1 102 ? 2.659   2.978   -5.143  1.00 34.00  ? 102 ILE A CB  1 
ATOM   751  C  CG1 . ILE A 1 102 ? 3.279   3.590   -3.885  1.00 41.19  ? 102 ILE A CG1 1 
ATOM   752  C  CG2 . ILE A 1 102 ? 1.498   2.064   -4.785  1.00 38.76  ? 102 ILE A CG2 1 
ATOM   753  C  CD1 . ILE A 1 102 ? 2.363   4.546   -3.152  1.00 53.49  ? 102 ILE A CD1 1 
ATOM   754  N  N   . ARG A 1 103 ? 3.007   0.340   -7.326  1.00 41.17  ? 103 ARG A N   1 
ATOM   755  C  CA  . ARG A 1 103 ? 2.422   -0.314  -8.494  1.00 40.54  ? 103 ARG A CA  1 
ATOM   756  C  C   . ARG A 1 103 ? 1.144   -1.057  -8.128  1.00 49.34  ? 103 ARG A C   1 
ATOM   757  O  O   . ARG A 1 103 ? 1.184   -2.057  -7.413  1.00 43.39  ? 103 ARG A O   1 
ATOM   758  C  CB  . ARG A 1 103 ? 3.417   -1.301  -9.105  1.00 39.14  ? 103 ARG A CB  1 
ATOM   759  C  CG  . ARG A 1 103 ? 2.927   -1.976  -10.381 1.00 46.18  ? 103 ARG A CG  1 
ATOM   760  C  CD  . ARG A 1 103 ? 3.120   -1.066  -11.577 1.00 66.68  ? 103 ARG A CD  1 
ATOM   761  N  NE  . ARG A 1 103 ? 4.502   -0.602  -11.663 1.00 74.31  ? 103 ARG A NE  1 
ATOM   762  C  CZ  . ARG A 1 103 ? 5.252   -0.669  -12.758 1.00 84.92  ? 103 ARG A CZ  1 
ATOM   763  N  NH1 . ARG A 1 103 ? 4.753   -1.176  -13.878 1.00 89.89  ? 103 ARG A NH1 1 
ATOM   764  N  NH2 . ARG A 1 103 ? 6.500   -0.224  -12.732 1.00 61.38  ? 103 ARG A NH2 1 
ATOM   765  N  N   . PHE A 1 104 ? 0.013   -0.568  -8.626  1.00 38.47  ? 104 PHE A N   1 
ATOM   766  C  CA  . PHE A 1 104 ? -1.277  -1.198  -8.367  1.00 45.65  ? 104 PHE A CA  1 
ATOM   767  C  C   . PHE A 1 104 ? -1.546  -2.305  -9.388  1.00 51.64  ? 104 PHE A C   1 
ATOM   768  O  O   . PHE A 1 104 ? -0.968  -2.295  -10.476 1.00 39.48  ? 104 PHE A O   1 
ATOM   769  C  CB  . PHE A 1 104 ? -2.387  -0.142  -8.382  1.00 41.15  ? 104 PHE A CB  1 
ATOM   770  C  CG  . PHE A 1 104 ? -2.309  0.832   -7.240  1.00 49.15  ? 104 PHE A CG  1 
ATOM   771  C  CD1 . PHE A 1 104 ? -2.822  0.502   -5.997  1.00 47.73  ? 104 PHE A CD1 1 
ATOM   772  C  CD2 . PHE A 1 104 ? -1.723  2.074   -7.410  1.00 48.73  ? 104 PHE A CD2 1 
ATOM   773  C  CE1 . PHE A 1 104 ? -2.752  1.392   -4.943  1.00 43.01  ? 104 PHE A CE1 1 
ATOM   774  C  CE2 . PHE A 1 104 ? -1.649  2.971   -6.358  1.00 54.46  ? 104 PHE A CE2 1 
ATOM   775  C  CZ  . PHE A 1 104 ? -2.163  2.630   -5.124  1.00 48.38  ? 104 PHE A CZ  1 
ATOM   776  N  N   . PRO A 1 105 ? -2.415  -3.275  -9.039  1.00 48.57  ? 105 PRO A N   1 
ATOM   777  C  CA  . PRO A 1 105 ? -2.644  -4.411  -9.941  1.00 51.25  ? 105 PRO A CA  1 
ATOM   778  C  C   . PRO A 1 105 ? -3.398  -4.042  -11.218 1.00 44.75  ? 105 PRO A C   1 
ATOM   779  O  O   . PRO A 1 105 ? -3.551  -4.895  -12.093 1.00 42.45  ? 105 PRO A O   1 
ATOM   780  C  CB  . PRO A 1 105 ? -3.485  -5.368  -9.090  1.00 41.03  ? 105 PRO A CB  1 
ATOM   781  C  CG  . PRO A 1 105 ? -4.177  -4.488  -8.112  1.00 39.34  ? 105 PRO A CG  1 
ATOM   782  C  CD  . PRO A 1 105 ? -3.185  -3.407  -7.789  1.00 40.60  ? 105 PRO A CD  1 
ATOM   783  N  N   . ASP A 1 106 ? -3.867  -2.802  -11.322 1.00 43.68  ? 106 ASP A N   1 
ATOM   784  C  CA  . ASP A 1 106 ? -4.514  -2.344  -12.546 1.00 45.17  ? 106 ASP A CA  1 
ATOM   785  C  C   . ASP A 1 106 ? -3.489  -1.697  -13.473 1.00 63.13  ? 106 ASP A C   1 
ATOM   786  O  O   . ASP A 1 106 ? -3.828  -1.201  -14.547 1.00 61.24  ? 106 ASP A O   1 
ATOM   787  C  CB  . ASP A 1 106 ? -5.665  -1.380  -12.235 1.00 45.89  ? 106 ASP A CB  1 
ATOM   788  C  CG  . ASP A 1 106 ? -5.201  -0.115  -11.539 1.00 54.37  ? 106 ASP A CG  1 
ATOM   789  O  OD1 . ASP A 1 106 ? -5.995  0.848   -11.473 1.00 47.93  ? 106 ASP A OD1 1 
ATOM   790  O  OD2 . ASP A 1 106 ? -4.048  -0.077  -11.063 1.00 58.32  ? 106 ASP A OD2 1 
ATOM   791  N  N   . GLY A 1 107 ? -2.230  -1.710  -13.044 1.00 41.42  ? 107 GLY A N   1 
ATOM   792  C  CA  . GLY A 1 107 ? -1.145  -1.167  -13.836 1.00 41.25  ? 107 GLY A CA  1 
ATOM   793  C  C   . GLY A 1 107 ? -0.853  0.287   -13.524 1.00 58.54  ? 107 GLY A C   1 
ATOM   794  O  O   . GLY A 1 107 ? 0.094   0.867   -14.058 1.00 54.91  ? 107 GLY A O   1 
ATOM   795  N  N   . ALA A 1 108 ? -1.669  0.884   -12.661 1.00 36.98  ? 108 ALA A N   1 
ATOM   796  C  CA  . ALA A 1 108 ? -1.467  2.273   -12.269 1.00 55.90  ? 108 ALA A CA  1 
ATOM   797  C  C   . ALA A 1 108 ? -0.187  2.421   -11.459 1.00 56.03  ? 108 ALA A C   1 
ATOM   798  O  O   . ALA A 1 108 ? 0.234   1.491   -10.771 1.00 45.96  ? 108 ALA A O   1 
ATOM   799  C  CB  . ALA A 1 108 ? -2.656  2.782   -11.474 1.00 50.39  ? 108 ALA A CB  1 
ATOM   800  N  N   . VAL A 1 109 ? 0.433   3.591   -11.547 1.00 44.55  ? 109 VAL A N   1 
ATOM   801  C  CA  . VAL A 1 109 ? 1.644   3.862   -10.791 1.00 37.92  ? 109 VAL A CA  1 
ATOM   802  C  C   . VAL A 1 109 ? 1.522   5.196   -10.063 1.00 66.89  ? 109 VAL A C   1 
ATOM   803  O  O   . VAL A 1 109 ? 1.110   6.195   -10.650 1.00 54.84  ? 109 VAL A O   1 
ATOM   804  C  CB  . VAL A 1 109 ? 2.893   3.888   -11.709 1.00 44.26  ? 109 VAL A CB  1 
ATOM   805  C  CG1 . VAL A 1 109 ? 4.098   4.473   -10.980 1.00 51.70  ? 109 VAL A CG1 1 
ATOM   806  C  CG2 . VAL A 1 109 ? 3.201   2.494   -12.234 1.00 54.63  ? 109 VAL A CG2 1 
ATOM   807  N  N   . ILE A 1 110 ? 1.841   5.202   -8.775  1.00 51.95  ? 110 ILE A N   1 
ATOM   808  C  CA  . ILE A 1 110 ? 2.070   6.456   -8.075  1.00 42.24  ? 110 ILE A CA  1 
ATOM   809  C  C   . ILE A 1 110 ? 3.556   6.491   -7.760  1.00 37.06  ? 110 ILE A C   1 
ATOM   810  O  O   . ILE A 1 110 ? 4.112   5.513   -7.263  1.00 49.77  ? 110 ILE A O   1 
ATOM   811  C  CB  . ILE A 1 110 ? 1.237   6.581   -6.790  1.00 53.92  ? 110 ILE A CB  1 
ATOM   812  C  CG1 . ILE A 1 110 ? -0.256  6.519   -7.116  1.00 50.10  ? 110 ILE A CG1 1 
ATOM   813  C  CG2 . ILE A 1 110 ? 1.557   7.888   -6.079  1.00 55.40  ? 110 ILE A CG2 1 
ATOM   814  C  CD1 . ILE A 1 110 ? -1.149  6.857   -5.944  1.00 64.49  ? 110 ILE A CD1 1 
ATOM   815  N  N   . GLU A 1 111 ? 4.212   7.598   -8.076  1.00 41.67  ? 111 GLU A N   1 
ATOM   816  C  CA  . GLU A 1 111 ? 5.655   7.656   -7.906  1.00 36.89  ? 111 GLU A CA  1 
ATOM   817  C  C   . GLU A 1 111 ? 6.174   9.074   -7.742  1.00 58.65  ? 111 GLU A C   1 
ATOM   818  O  O   . GLU A 1 111 ? 5.772   9.983   -8.468  1.00 45.80  ? 111 GLU A O   1 
ATOM   819  C  CB  . GLU A 1 111 ? 6.356   6.983   -9.093  1.00 47.72  ? 111 GLU A CB  1 
ATOM   820  C  CG  . GLU A 1 111 ? 7.878   7.088   -9.066  1.00 45.02  ? 111 GLU A CG  1 
ATOM   821  C  CD  . GLU A 1 111 ? 8.530   6.468   -10.287 1.00 54.16  ? 111 GLU A CD  1 
ATOM   822  O  OE1 . GLU A 1 111 ? 8.730   5.234   -10.298 1.00 60.09  ? 111 GLU A OE1 1 
ATOM   823  O  OE2 . GLU A 1 111 ? 8.846   7.214   -11.238 1.00 74.16  ? 111 GLU A OE2 1 
ATOM   824  N  N   . TYR A 1 112 ? 7.056   9.259   -6.768  1.00 47.91  ? 112 TYR A N   1 
ATOM   825  C  CA  . TYR A 1 112 ? 7.881   10.453  -6.731  1.00 49.19  ? 112 TYR A CA  1 
ATOM   826  C  C   . TYR A 1 112 ? 9.339   10.041  -6.840  1.00 59.00  ? 112 TYR A C   1 
ATOM   827  O  O   . TYR A 1 112 ? 9.805   9.171   -6.106  1.00 46.66  ? 112 TYR A O   1 
ATOM   828  C  CB  . TYR A 1 112 ? 7.658   11.278  -5.465  1.00 45.72  ? 112 TYR A CB  1 
ATOM   829  C  CG  . TYR A 1 112 ? 8.405   12.590  -5.512  1.00 69.08  ? 112 TYR A CG  1 
ATOM   830  C  CD1 . TYR A 1 112 ? 7.957   13.629  -6.315  1.00 63.31  ? 112 TYR A CD1 1 
ATOM   831  C  CD2 . TYR A 1 112 ? 9.565   12.783  -4.774  1.00 50.14  ? 112 TYR A CD2 1 
ATOM   832  C  CE1 . TYR A 1 112 ? 8.635   14.825  -6.375  1.00 46.47  ? 112 TYR A CE1 1 
ATOM   833  C  CE2 . TYR A 1 112 ? 10.250  13.980  -4.826  1.00 56.79  ? 112 TYR A CE2 1 
ATOM   834  C  CZ  . TYR A 1 112 ? 9.778   14.998  -5.629  1.00 51.20  ? 112 TYR A CZ  1 
ATOM   835  O  OH  . TYR A 1 112 ? 10.451  16.196  -5.692  1.00 62.18  ? 112 TYR A OH  1 
ATOM   836  N  N   . GLU A 1 113 ? 10.051  10.665  -7.769  1.00 51.16  ? 113 GLU A N   1 
ATOM   837  C  CA  . GLU A 1 113 ? 11.464  10.386  -7.966  1.00 44.37  ? 113 GLU A CA  1 
ATOM   838  C  C   . GLU A 1 113 ? 12.255  11.643  -7.641  1.00 60.49  ? 113 GLU A C   1 
ATOM   839  O  O   . GLU A 1 113 ? 12.268  12.591  -8.424  1.00 59.56  ? 113 GLU A O   1 
ATOM   840  C  CB  . GLU A 1 113 ? 11.721  9.939   -9.407  1.00 57.34  ? 113 GLU A CB  1 
ATOM   841  C  CG  . GLU A 1 113 ? 13.189  9.794   -9.778  1.00 50.00  ? 113 GLU A CG  1 
ATOM   842  C  CD  . GLU A 1 113 ? 13.892  8.706   -8.993  1.00 51.23  ? 113 GLU A CD  1 
ATOM   843  O  OE1 . GLU A 1 113 ? 14.459  9.018   -7.924  1.00 57.83  ? 113 GLU A OE1 1 
ATOM   844  O  OE2 . GLU A 1 113 ? 13.886  7.542   -9.446  1.00 45.11  ? 113 GLU A OE2 1 
ATOM   845  N  N   . PRO A 1 114 ? 12.908  11.659  -6.468  1.00 60.41  ? 114 PRO A N   1 
ATOM   846  C  CA  . PRO A 1 114 ? 13.640  12.834  -5.982  1.00 47.34  ? 114 PRO A CA  1 
ATOM   847  C  C   . PRO A 1 114 ? 14.808  13.213  -6.887  1.00 59.98  ? 114 PRO A C   1 
ATOM   848  O  O   . PRO A 1 114 ? 15.251  14.360  -6.853  1.00 54.27  ? 114 PRO A O   1 
ATOM   849  C  CB  . PRO A 1 114 ? 14.161  12.381  -4.613  1.00 58.53  ? 114 PRO A CB  1 
ATOM   850  C  CG  . PRO A 1 114 ? 13.276  11.242  -4.218  1.00 52.54  ? 114 PRO A CG  1 
ATOM   851  C  CD  . PRO A 1 114 ? 12.941  10.551  -5.499  1.00 58.27  ? 114 PRO A CD  1 
ATOM   852  N  N   . GLU A 1 115 ? 15.298  12.263  -7.678  1.00 54.29  ? 115 GLU A N   1 
ATOM   853  C  CA  . GLU A 1 115 ? 16.407  12.527  -8.591  1.00 59.80  ? 115 GLU A CA  1 
ATOM   854  C  C   . GLU A 1 115 ? 16.030  13.577  -9.627  1.00 60.40  ? 115 GLU A C   1 
ATOM   855  O  O   . GLU A 1 115 ? 16.791  14.507  -9.891  1.00 60.70  ? 115 GLU A O   1 
ATOM   856  C  CB  . GLU A 1 115 ? 16.860  11.241  -9.286  1.00 65.78  ? 115 GLU A CB  1 
ATOM   857  C  CG  . GLU A 1 115 ? 17.854  11.476  -10.414 1.00 75.97  ? 115 GLU A CG  1 
ATOM   858  C  CD  . GLU A 1 115 ? 18.629  10.226  -10.786 1.00 95.26  ? 115 GLU A CD  1 
ATOM   859  O  OE1 . GLU A 1 115 ? 18.004  9.245   -11.241 1.00 102.70 ? 115 GLU A OE1 1 
ATOM   860  O  OE2 . GLU A 1 115 ? 19.866  10.227  -10.616 1.00 103.55 ? 115 GLU A OE2 1 
ATOM   861  N  N   . THR A 1 116 ? 14.846  13.418  -10.210 1.00 62.45  ? 116 THR A N   1 
ATOM   862  C  CA  . THR A 1 116 ? 14.340  14.364  -11.192 1.00 63.13  ? 116 THR A CA  1 
ATOM   863  C  C   . THR A 1 116 ? 13.301  15.278  -10.560 1.00 69.99  ? 116 THR A C   1 
ATOM   864  O  O   . THR A 1 116 ? 12.763  16.168  -11.220 1.00 63.89  ? 116 THR A O   1 
ATOM   865  C  CB  . THR A 1 116 ? 13.701  13.636  -12.387 1.00 60.62  ? 116 THR A CB  1 
ATOM   866  O  OG1 . THR A 1 116 ? 12.678  12.751  -11.914 1.00 64.78  ? 116 THR A OG1 1 
ATOM   867  C  CG2 . THR A 1 116 ? 14.747  12.831  -13.137 1.00 72.34  ? 116 THR A CG2 1 
ATOM   868  N  N   . SER A 1 117 ? 13.032  15.051  -9.276  1.00 46.63  ? 117 SER A N   1 
ATOM   869  C  CA  . SER A 1 117 ? 11.984  15.764  -8.555  1.00 38.95  ? 117 SER A CA  1 
ATOM   870  C  C   . SER A 1 117 ? 10.656  15.671  -9.299  1.00 56.84  ? 117 SER A C   1 
ATOM   871  O  O   . SER A 1 117 ? 9.905   16.642  -9.378  1.00 67.60  ? 117 SER A O   1 
ATOM   872  C  CB  . SER A 1 117 ? 12.374  17.225  -8.317  1.00 55.63  ? 117 SER A CB  1 
ATOM   873  O  OG  . SER A 1 117 ? 13.500  17.312  -7.464  1.00 48.86  ? 117 SER A OG  1 
ATOM   874  N  N   . ALA A 1 118 ? 10.377  14.491  -9.843  1.00 50.30  ? 118 ALA A N   1 
ATOM   875  C  CA  . ALA A 1 118 ? 9.182   14.280  -10.648 1.00 50.37  ? 118 ALA A CA  1 
ATOM   876  C  C   . ALA A 1 118 ? 8.119   13.490  -9.894  1.00 58.86  ? 118 ALA A C   1 
ATOM   877  O  O   . ALA A 1 118 ? 8.366   12.367  -9.454  1.00 54.84  ? 118 ALA A O   1 
ATOM   878  C  CB  . ALA A 1 118 ? 9.539   13.566  -11.945 1.00 49.88  ? 118 ALA A CB  1 
ATOM   879  N  N   . LEU A 1 119 ? 6.938   14.084  -9.748  1.00 52.63  ? 119 LEU A N   1 
ATOM   880  C  CA  . LEU A 1 119 ? 5.795   13.394  -9.152  1.00 56.17  ? 119 LEU A CA  1 
ATOM   881  C  C   . LEU A 1 119 ? 4.929   12.786  -10.254 1.00 75.72  ? 119 LEU A C   1 
ATOM   882  O  O   . LEU A 1 119 ? 4.423   13.504  -11.114 1.00 77.98  ? 119 LEU A O   1 
ATOM   883  C  CB  . LEU A 1 119 ? 4.956   14.363  -8.310  1.00 45.75  ? 119 LEU A CB  1 
ATOM   884  C  CG  . LEU A 1 119 ? 3.572   13.859  -7.874  1.00 61.48  ? 119 LEU A CG  1 
ATOM   885  C  CD1 . LEU A 1 119 ? 3.718   12.687  -6.926  1.00 65.85  ? 119 LEU A CD1 1 
ATOM   886  C  CD2 . LEU A 1 119 ? 2.733   14.963  -7.236  1.00 54.15  ? 119 LEU A CD2 1 
ATOM   887  N  N   . THR A 1 120 ? 4.748   11.469  -10.221 1.00 54.64  ? 120 THR A N   1 
ATOM   888  C  CA  . THR A 1 120 ? 4.069   10.771  -11.307 1.00 42.97  ? 120 THR A CA  1 
ATOM   889  C  C   . THR A 1 120 ? 2.836   9.976   -10.872 1.00 58.55  ? 120 THR A C   1 
ATOM   890  O  O   . THR A 1 120 ? 2.923   9.106   -10.006 1.00 63.51  ? 120 THR A O   1 
ATOM   891  C  CB  . THR A 1 120 ? 5.050   9.824   -12.029 1.00 60.29  ? 120 THR A CB  1 
ATOM   892  O  OG1 . THR A 1 120 ? 6.131   10.593  -12.566 1.00 83.38  ? 120 THR A OG1 1 
ATOM   893  C  CG2 . THR A 1 120 ? 4.368   9.093   -13.167 1.00 79.43  ? 120 THR A CG2 1 
ATOM   894  N  N   . VAL A 1 121 ? 1.694   10.299  -11.474 1.00 58.63  ? 121 VAL A N   1 
ATOM   895  C  CA  . VAL A 1 121 ? 0.492   9.475   -11.388 1.00 54.09  ? 121 VAL A CA  1 
ATOM   896  C  C   . VAL A 1 121 ? 0.095   9.115   -12.814 1.00 75.92  ? 121 VAL A C   1 
ATOM   897  O  O   . VAL A 1 121 ? -0.027  9.992   -13.669 1.00 64.13  ? 121 VAL A O   1 
ATOM   898  C  CB  . VAL A 1 121 ? -0.673  10.213  -10.704 1.00 52.13  ? 121 VAL A CB  1 
ATOM   899  C  CG1 . VAL A 1 121 ? -1.910  9.324   -10.666 1.00 58.13  ? 121 VAL A CG1 1 
ATOM   900  C  CG2 . VAL A 1 121 ? -0.279  10.649  -9.303  1.00 57.38  ? 121 VAL A CG2 1 
ATOM   901  N  N   . SER A 1 122 ? -0.081  7.825   -13.078 1.00 60.97  ? 122 SER A N   1 
ATOM   902  C  CA  . SER A 1 122 ? -0.395  7.365   -14.425 1.00 57.56  ? 122 SER A CA  1 
ATOM   903  C  C   . SER A 1 122 ? -1.110  6.025   -14.395 1.00 58.15  ? 122 SER A C   1 
ATOM   904  O  O   . SER A 1 122 ? -1.046  5.298   -13.405 1.00 58.52  ? 122 SER A O   1 
ATOM   905  C  CB  . SER A 1 122 ? 0.880   7.230   -15.259 1.00 62.23  ? 122 SER A CB  1 
ATOM   906  O  OG  . SER A 1 122 ? 1.444   5.937   -15.109 1.00 72.38  ? 122 SER A OG  1 
ATOM   907  N  N   . GLY A 1 123 ? -1.787  5.703   -15.492 1.00 53.46  ? 123 GLY A N   1 
ATOM   908  C  CA  . GLY A 1 123 ? -2.430  4.412   -15.646 1.00 40.49  ? 123 GLY A CA  1 
ATOM   909  C  C   . GLY A 1 123 ? -3.774  4.292   -14.956 1.00 47.31  ? 123 GLY A C   1 
ATOM   910  O  O   . GLY A 1 123 ? -4.272  3.186   -14.749 1.00 57.52  ? 123 GLY A O   1 
ATOM   911  N  N   . ILE A 1 124 ? -4.367  5.427   -14.603 1.00 50.48  ? 124 ILE A N   1 
ATOM   912  C  CA  . ILE A 1 124 ? -5.656  5.432   -13.920 1.00 62.81  ? 124 ILE A CA  1 
ATOM   913  C  C   . ILE A 1 124 ? -6.784  5.848   -14.863 1.00 67.83  ? 124 ILE A C   1 
ATOM   914  O  O   . ILE A 1 124 ? -6.532  6.292   -15.985 1.00 58.17  ? 124 ILE A O   1 
ATOM   915  C  CB  . ILE A 1 124 ? -5.636  6.375   -12.700 1.00 72.15  ? 124 ILE A CB  1 
ATOM   916  C  CG1 . ILE A 1 124 ? -5.809  7.827   -13.144 1.00 66.14  ? 124 ILE A CG1 1 
ATOM   917  C  CG2 . ILE A 1 124 ? -4.342  6.200   -11.914 1.00 66.90  ? 124 ILE A CG2 1 
ATOM   918  C  CD1 . ILE A 1 124 ? -5.741  8.826   -12.010 1.00 55.02  ? 124 ILE A CD1 1 
ATOM   919  N  N   . LYS A 1 125 ? -8.025  5.691   -14.410 1.00 62.23  ? 125 LYS A N   1 
ATOM   920  C  CA  . LYS A 1 125 ? -9.191  6.088   -15.198 1.00 56.90  ? 125 LYS A CA  1 
ATOM   921  C  C   . LYS A 1 125 ? -9.813  7.361   -14.638 1.00 82.59  ? 125 LYS A C   1 
ATOM   922  O  O   . LYS A 1 125 ? -9.919  8.372   -15.332 1.00 70.65  ? 125 LYS A O   1 
ATOM   923  C  CB  . LYS A 1 125 ? -10.246 4.981   -15.203 1.00 59.76  ? 125 LYS A CB  1 
ATOM   924  C  CG  . LYS A 1 125 ? -9.851  3.717   -15.940 1.00 52.35  ? 125 LYS A CG  1 
ATOM   925  C  CD  . LYS A 1 125 ? -10.955 2.675   -15.830 1.00 60.75  ? 125 LYS A CD  1 
ATOM   926  C  CE  . LYS A 1 125 ? -10.575 1.382   -16.532 1.00 72.89  ? 125 LYS A CE  1 
ATOM   927  N  NZ  . LYS A 1 125 ? -11.618 0.327   -16.390 1.00 69.88  ? 125 LYS A NZ  1 
ATOM   928  N  N   . THR A 1 126 ? -10.229 7.295   -13.377 1.00 55.81  ? 126 THR A N   1 
ATOM   929  C  CA  . THR A 1 126 ? -10.847 8.442   -12.719 1.00 51.25  ? 126 THR A CA  1 
ATOM   930  C  C   . THR A 1 126 ? -9.936  9.071   -11.662 1.00 66.25  ? 126 THR A C   1 
ATOM   931  O  O   . THR A 1 126 ? -8.952  8.467   -11.227 1.00 63.85  ? 126 THR A O   1 
ATOM   932  C  CB  . THR A 1 126 ? -12.228 8.086   -12.114 1.00 53.17  ? 126 THR A CB  1 
ATOM   933  O  OG1 . THR A 1 126 ? -12.239 8.391   -10.714 1.00 73.51  ? 126 THR A OG1 1 
ATOM   934  C  CG2 . THR A 1 126 ? -12.533 6.606   -12.317 1.00 57.76  ? 126 THR A CG2 1 
ATOM   935  N  N   . ALA A 1 127 ? -10.276 10.292  -11.262 1.00 76.91  ? 127 ALA A N   1 
ATOM   936  C  CA  . ALA A 1 127 ? -9.448  11.084  -10.364 1.00 67.82  ? 127 ALA A CA  1 
ATOM   937  C  C   . ALA A 1 127 ? -10.285 12.250  -9.864  1.00 80.63  ? 127 ALA A C   1 
ATOM   938  O  O   . ALA A 1 127 ? -10.619 13.148  -10.637 1.00 68.29  ? 127 ALA A O   1 
ATOM   939  C  CB  . ALA A 1 127 ? -8.211  11.594  -11.104 1.00 75.36  ? 127 ALA A CB  1 
ATOM   940  N  N   . SER A 1 128 ? -10.643 12.237  -8.584  1.00 69.31  ? 128 SER A N   1 
ATOM   941  C  CA  . SER A 1 128 ? -11.514 13.283  -8.055  1.00 59.20  ? 128 SER A CA  1 
ATOM   942  C  C   . SER A 1 128 ? -10.959 13.949  -6.806  1.00 79.68  ? 128 SER A C   1 
ATOM   943  O  O   . SER A 1 128 ? -10.543 13.278  -5.862  1.00 71.53  ? 128 SER A O   1 
ATOM   944  C  CB  . SER A 1 128 ? -12.912 12.731  -7.762  1.00 70.67  ? 128 SER A CB  1 
ATOM   945  O  OG  . SER A 1 128 ? -13.071 12.467  -6.378  1.00 92.18  ? 128 SER A OG  1 
ATOM   946  N  N   . VAL A 1 129 ? -10.963 15.277  -6.809  1.00 75.71  ? 129 VAL A N   1 
ATOM   947  C  CA  . VAL A 1 129 ? -10.640 16.046  -5.617  1.00 64.09  ? 129 VAL A CA  1 
ATOM   948  C  C   . VAL A 1 129 ? -11.850 16.881  -5.212  1.00 70.86  ? 129 VAL A C   1 
ATOM   949  O  O   . VAL A 1 129 ? -12.328 17.713  -5.982  1.00 71.78  ? 129 VAL A O   1 
ATOM   950  C  CB  . VAL A 1 129 ? -9.436  16.975  -5.840  1.00 63.49  ? 129 VAL A CB  1 
ATOM   951  C  CG1 . VAL A 1 129 ? -8.987  17.579  -4.517  1.00 58.42  ? 129 VAL A CG1 1 
ATOM   952  C  CG2 . VAL A 1 129 ? -8.298  16.211  -6.492  1.00 68.59  ? 129 VAL A CG2 1 
ATOM   953  N  N   . THR A 1 130 ? -12.351 16.640  -4.007  1.00 62.19  ? 130 THR A N   1 
ATOM   954  C  CA  . THR A 1 130 ? -13.478 17.400  -3.489  1.00 56.71  ? 130 THR A CA  1 
ATOM   955  C  C   . THR A 1 130 ? -13.048 18.189  -2.260  1.00 69.17  ? 130 THR A C   1 
ATOM   956  O  O   . THR A 1 130 ? -12.885 17.630  -1.175  1.00 78.05  ? 130 THR A O   1 
ATOM   957  C  CB  . THR A 1 130 ? -14.663 16.484  -3.130  1.00 70.93  ? 130 THR A CB  1 
ATOM   958  O  OG1 . THR A 1 130 ? -15.071 15.754  -4.295  1.00 62.60  ? 130 THR A OG1 1 
ATOM   959  C  CG2 . THR A 1 130 ? -15.837 17.302  -2.614  1.00 60.92  ? 130 THR A CG2 1 
ATOM   960  N  N   . ALA A 1 131 ? -12.851 19.491  -2.442  1.00 65.00  ? 131 ALA A N   1 
ATOM   961  C  CA  . ALA A 1 131 ? -12.409 20.356  -1.355  1.00 63.26  ? 131 ALA A CA  1 
ATOM   962  C  C   . ALA A 1 131 ? -13.469 21.388  -0.994  1.00 82.78  ? 131 ALA A C   1 
ATOM   963  O  O   . ALA A 1 131 ? -14.171 21.908  -1.861  1.00 76.31  ? 131 ALA A O   1 
ATOM   964  C  CB  . ALA A 1 131 ? -11.104 21.043  -1.715  1.00 49.06  ? 131 ALA A CB  1 
ATOM   965  N  N   . SER A 1 132 ? -13.563 21.687  0.296   1.00 62.44  ? 132 SER A N   1 
ATOM   966  C  CA  . SER A 1 132 ? -14.552 22.629  0.802   1.00 78.58  ? 132 SER A CA  1 
ATOM   967  C  C   . SER A 1 132 ? -14.126 24.092  0.665   1.00 82.77  ? 132 SER A C   1 
ATOM   968  O  O   . SER A 1 132 ? -14.968 24.987  0.695   1.00 76.78  ? 132 SER A O   1 
ATOM   969  C  CB  . SER A 1 132 ? -14.840 22.337  2.274   1.00 63.14  ? 132 SER A CB  1 
ATOM   970  O  OG  . SER A 1 132 ? -13.806 22.849  3.095   1.00 72.63  ? 132 SER A OG  1 
ATOM   971  N  N   . GLY A 1 133 ? -12.827 24.337  0.530   1.00 60.98  ? 133 GLY A N   1 
ATOM   972  C  CA  . GLY A 1 133 ? -12.329 25.702  0.522   1.00 61.13  ? 133 GLY A CA  1 
ATOM   973  C  C   . GLY A 1 133 ? -11.518 26.102  -0.697  1.00 76.81  ? 133 GLY A C   1 
ATOM   974  O  O   . GLY A 1 133 ? -12.040 26.717  -1.629  1.00 88.93  ? 133 GLY A O   1 
ATOM   975  N  N   . SER A 1 134 ? -10.233 25.766  -0.687  1.00 71.09  ? 134 SER A N   1 
ATOM   976  C  CA  . SER A 1 134 ? -9.339  26.194  -1.755  1.00 68.17  ? 134 SER A CA  1 
ATOM   977  C  C   . SER A 1 134 ? -8.513  25.052  -2.331  1.00 80.33  ? 134 SER A C   1 
ATOM   978  O  O   . SER A 1 134 ? -8.056  24.168  -1.607  1.00 76.80  ? 134 SER A O   1 
ATOM   979  C  CB  . SER A 1 134 ? -8.407  27.302  -1.256  1.00 67.29  ? 134 SER A CB  1 
ATOM   980  O  OG  . SER A 1 134 ? -8.666  27.614  0.102   1.00 81.17  ? 134 SER A OG  1 
ATOM   981  N  N   . VAL A 1 135 ? -8.342  25.073  -3.647  1.00 74.17  ? 135 VAL A N   1 
ATOM   982  C  CA  . VAL A 1 135 ? -7.335  24.255  -4.307  1.00 80.92  ? 135 VAL A CA  1 
ATOM   983  C  C   . VAL A 1 135 ? -6.512  25.189  -5.175  1.00 90.53  ? 135 VAL A C   1 
ATOM   984  O  O   . VAL A 1 135 ? -7.026  25.791  -6.115  1.00 85.19  ? 135 VAL A O   1 
ATOM   985  C  CB  . VAL A 1 135 ? -7.949  23.138  -5.172  1.00 75.12  ? 135 VAL A CB  1 
ATOM   986  C  CG1 . VAL A 1 135 ? -6.855  22.386  -5.922  1.00 76.12  ? 135 VAL A CG1 1 
ATOM   987  C  CG2 . VAL A 1 135 ? -8.755  22.184  -4.309  1.00 59.03  ? 135 VAL A CG2 1 
ATOM   988  N  N   . THR A 1 136 ? -5.237  25.330  -4.842  1.00 86.28  ? 136 THR A N   1 
ATOM   989  C  CA  . THR A 1 136 ? -4.373  26.238  -5.583  1.00 68.14  ? 136 THR A CA  1 
ATOM   990  C  C   . THR A 1 136 ? -3.177  25.506  -6.196  1.00 75.21  ? 136 THR A C   1 
ATOM   991  O  O   . THR A 1 136 ? -2.850  24.388  -5.798  1.00 79.12  ? 136 THR A O   1 
ATOM   992  C  CB  . THR A 1 136 ? -3.934  27.441  -4.712  1.00 81.31  ? 136 THR A CB  1 
ATOM   993  O  OG1 . THR A 1 136 ? -2.549  27.732  -4.941  1.00 79.77  ? 136 THR A OG1 1 
ATOM   994  C  CG2 . THR A 1 136 ? -4.151  27.136  -3.232  1.00 85.51  ? 136 THR A CG2 1 
ATOM   995  N  N   . ALA A 1 137 ? -2.549  26.138  -7.183  1.00 79.77  ? 137 ALA A N   1 
ATOM   996  C  CA  . ALA A 1 137 ? -1.443  25.534  -7.917  1.00 80.39  ? 137 ALA A CA  1 
ATOM   997  C  C   . ALA A 1 137 ? -0.505  26.635  -8.398  1.00 89.97  ? 137 ALA A C   1 
ATOM   998  O  O   . ALA A 1 137 ? -0.921  27.545  -9.115  1.00 86.44  ? 137 ALA A O   1 
ATOM   999  C  CB  . ALA A 1 137 ? -1.972  24.716  -9.090  1.00 60.53  ? 137 ALA A CB  1 
ATOM   1000 N  N   . THR A 1 138 ? 0.760   26.545  -8.004  1.00 56.31  ? 138 THR A N   1 
ATOM   1001 C  CA  . THR A 1 138 ? 1.700   27.643  -8.197  1.00 50.69  ? 138 THR A CA  1 
ATOM   1002 C  C   . THR A 1 138 ? 2.968   27.168  -8.911  1.00 73.65  ? 138 THR A C   1 
ATOM   1003 O  O   . THR A 1 138 ? 3.843   26.555  -8.298  1.00 69.05  ? 138 THR A O   1 
ATOM   1004 C  CB  . THR A 1 138 ? 2.055   28.272  -6.839  1.00 76.75  ? 138 THR A CB  1 
ATOM   1005 O  OG1 . THR A 1 138 ? 0.848   28.611  -6.140  1.00 83.29  ? 138 THR A OG1 1 
ATOM   1006 C  CG2 . THR A 1 138 ? 2.899   29.518  -7.030  1.00 73.95  ? 138 THR A CG2 1 
ATOM   1007 N  N   . VAL A 1 139 ? 3.053   27.454  -10.210 1.00 68.88  ? 139 VAL A N   1 
ATOM   1008 C  CA  . VAL A 1 139 ? 4.068   26.858  -11.077 1.00 74.04  ? 139 VAL A CA  1 
ATOM   1009 C  C   . VAL A 1 139 ? 4.141   27.579  -12.422 1.00 77.09  ? 139 VAL A C   1 
ATOM   1010 O  O   . VAL A 1 139 ? 3.106   27.891  -13.005 1.00 85.77  ? 139 VAL A O   1 
ATOM   1011 C  CB  . VAL A 1 139 ? 3.763   25.349  -11.312 1.00 53.25  ? 139 VAL A CB  1 
ATOM   1012 C  CG1 . VAL A 1 139 ? 2.277   25.143  -11.578 1.00 59.55  ? 139 VAL A CG1 1 
ATOM   1013 C  CG2 . VAL A 1 139 ? 4.596   24.771  -12.456 1.00 68.91  ? 139 VAL A CG2 1 
ATOM   1014 N  N   . PRO A 1 140 ? 5.369   27.852  -12.910 1.00 66.52  ? 140 PRO A N   1 
ATOM   1015 C  CA  . PRO A 1 140 ? 5.606   28.505  -14.206 1.00 93.90  ? 140 PRO A CA  1 
ATOM   1016 C  C   . PRO A 1 140 ? 4.737   27.957  -15.340 1.00 84.12  ? 140 PRO A C   1 
ATOM   1017 O  O   . PRO A 1 140 ? 3.913   28.695  -15.880 1.00 85.53  ? 140 PRO A O   1 
ATOM   1018 C  CB  . PRO A 1 140 ? 7.074   28.181  -14.492 1.00 75.54  ? 140 PRO A CB  1 
ATOM   1019 C  CG  . PRO A 1 140 ? 7.698   28.085  -13.143 1.00 76.26  ? 140 PRO A CG  1 
ATOM   1020 C  CD  . PRO A 1 140 ? 6.631   27.597  -12.188 1.00 70.16  ? 140 PRO A CD  1 
ATOM   1021 N  N   . VAL A 1 141 ? 4.916   26.684  -15.682 1.00 83.72  ? 141 VAL A N   1 
ATOM   1022 C  CA  . VAL A 1 141 ? 4.212   26.085  -16.814 1.00 66.69  ? 141 VAL A CA  1 
ATOM   1023 C  C   . VAL A 1 141 ? 3.115   25.096  -16.393 1.00 85.55  ? 141 VAL A C   1 
ATOM   1024 O  O   . VAL A 1 141 ? 3.345   24.218  -15.563 1.00 82.42  ? 141 VAL A O   1 
ATOM   1025 C  CB  . VAL A 1 141 ? 5.206   25.380  -17.766 1.00 85.19  ? 141 VAL A CB  1 
ATOM   1026 C  CG1 . VAL A 1 141 ? 4.480   24.813  -18.979 1.00 73.20  ? 141 VAL A CG1 1 
ATOM   1027 C  CG2 . VAL A 1 141 ? 6.297   26.351  -18.200 1.00 82.70  ? 141 VAL A CG2 1 
ATOM   1028 N  N   . VAL A 1 142 ? 1.921   25.257  -16.961 1.00 85.30  ? 142 VAL A N   1 
ATOM   1029 C  CA  . VAL A 1 142 ? 0.832   24.297  -16.778 1.00 81.85  ? 142 VAL A CA  1 
ATOM   1030 C  C   . VAL A 1 142 ? 0.272   23.865  -18.134 1.00 78.07  ? 142 VAL A C   1 
ATOM   1031 O  O   . VAL A 1 142 ? -0.065  24.703  -18.969 1.00 88.58  ? 142 VAL A O   1 
ATOM   1032 C  CB  . VAL A 1 142 ? -0.315  24.867  -15.907 1.00 82.53  ? 142 VAL A CB  1 
ATOM   1033 C  CG1 . VAL A 1 142 ? -1.543  23.969  -15.979 1.00 72.38  ? 142 VAL A CG1 1 
ATOM   1034 C  CG2 . VAL A 1 142 ? 0.132   25.017  -14.468 1.00 78.37  ? 142 VAL A CG2 1 
HETATM 1035 N  N   . MSE A 1 143 ? 0.187   22.556  -18.347 1.00 66.11  ? 143 MSE A N   1 
HETATM 1036 C  CA  . MSE A 1 143 ? -0.345  22.000  -19.586 1.00 49.13  ? 143 MSE A CA  1 
HETATM 1037 C  C   . MSE A 1 143 ? -1.543  21.104  -19.299 1.00 74.60  ? 143 MSE A C   1 
HETATM 1038 O  O   . MSE A 1 143 ? -1.477  20.226  -18.441 1.00 95.72  ? 143 MSE A O   1 
HETATM 1039 C  CB  . MSE A 1 143 ? 0.740   21.199  -20.316 1.00 67.33  ? 143 MSE A CB  1 
HETATM 1040 C  CG  . MSE A 1 143 ? 0.245   20.407  -21.518 1.00 103.50 ? 143 MSE A CG  1 
HETATM 1041 SE SE  . MSE A 1 143 ? -0.245  21.560  -23.008 1.00 146.88 ? 143 MSE A SE  1 
HETATM 1042 C  CE  . MSE A 1 143 ? 1.514   22.316  -23.380 1.00 75.93  ? 143 MSE A CE  1 
ATOM   1043 N  N   . VAL A 1 144 ? -2.645  21.349  -20.001 1.00 76.35  ? 144 VAL A N   1 
ATOM   1044 C  CA  . VAL A 1 144 ? -3.776  20.433  -19.991 1.00 75.56  ? 144 VAL A CA  1 
ATOM   1045 C  C   . VAL A 1 144 ? -3.989  19.942  -21.418 1.00 89.66  ? 144 VAL A C   1 
ATOM   1046 O  O   . VAL A 1 144 ? -4.174  20.742  -22.335 1.00 93.17  ? 144 VAL A O   1 
ATOM   1047 C  CB  . VAL A 1 144 ? -5.062  21.101  -19.454 1.00 79.47  ? 144 VAL A CB  1 
ATOM   1048 C  CG1 . VAL A 1 144 ? -6.199  20.087  -19.377 1.00 74.27  ? 144 VAL A CG1 1 
ATOM   1049 C  CG2 . VAL A 1 144 ? -4.809  21.706  -18.083 1.00 72.80  ? 144 VAL A CG2 1 
ATOM   1050 N  N   . LYS A 1 145 ? -3.923  18.628  -21.609 1.00 70.33  ? 145 LYS A N   1 
ATOM   1051 C  CA  . LYS A 1 145 ? -4.117  18.039  -22.931 1.00 64.71  ? 145 LYS A CA  1 
ATOM   1052 C  C   . LYS A 1 145 ? -5.392  17.201  -22.982 1.00 67.27  ? 145 LYS A C   1 
ATOM   1053 O  O   . LYS A 1 145 ? -5.345  15.973  -22.964 1.00 83.58  ? 145 LYS A O   1 
ATOM   1054 C  CB  . LYS A 1 145 ? -2.885  17.222  -23.346 1.00 81.66  ? 145 LYS A CB  1 
ATOM   1055 C  CG  . LYS A 1 145 ? -1.628  18.078  -23.446 1.00 86.03  ? 145 LYS A CG  1 
ATOM   1056 C  CD  . LYS A 1 145 ? -0.432  17.362  -24.060 1.00 95.30  ? 145 LYS A CD  1 
ATOM   1057 C  CE  . LYS A 1 145 ? 0.485   18.367  -24.763 1.00 103.41 ? 145 LYS A CE  1 
ATOM   1058 N  NZ  . LYS A 1 145 ? 1.877   17.875  -24.986 1.00 99.45  ? 145 LYS A NZ  1 
ATOM   1059 N  N   . ALA A 1 146 ? -6.529  17.886  -23.043 1.00 59.99  ? 146 ALA A N   1 
ATOM   1060 C  CA  . ALA A 1 146 ? -7.829  17.224  -23.048 1.00 77.89  ? 146 ALA A CA  1 
ATOM   1061 C  C   . ALA A 1 146 ? -8.282  16.807  -24.444 1.00 95.26  ? 146 ALA A C   1 
ATOM   1062 O  O   . ALA A 1 146 ? -8.574  17.646  -25.294 1.00 91.99  ? 146 ALA A O   1 
ATOM   1063 C  CB  . ALA A 1 146 ? -8.875  18.106  -22.402 1.00 78.56  ? 146 ALA A CB  1 
ATOM   1064 N  N   . SER A 1 147 ? -8.350  15.498  -24.657 1.00 93.13  ? 147 SER A N   1 
ATOM   1065 C  CA  . SER A 1 147 ? -8.779  14.922  -25.930 1.00 82.47  ? 147 SER A CA  1 
ATOM   1066 C  C   . SER A 1 147 ? -10.235 15.227  -26.264 1.00 90.58  ? 147 SER A C   1 
ATOM   1067 O  O   . SER A 1 147 ? -10.608 15.304  -27.435 1.00 91.36  ? 147 SER A O   1 
ATOM   1068 C  CB  . SER A 1 147 ? -8.567  13.406  -25.912 1.00 70.97  ? 147 SER A CB  1 
ATOM   1069 O  OG  . SER A 1 147 ? -9.599  12.738  -26.619 1.00 93.52  ? 147 SER A OG  1 
ATOM   1070 N  N   . THR A 1 148 ? -11.056 15.393  -25.236 1.00 76.97  ? 148 THR A N   1 
ATOM   1071 C  CA  . THR A 1 148 ? -12.478 15.623  -25.451 1.00 70.26  ? 148 THR A CA  1 
ATOM   1072 C  C   . THR A 1 148 ? -12.867 17.072  -25.169 1.00 96.53  ? 148 THR A C   1 
ATOM   1073 O  O   . THR A 1 148 ? -13.175 17.813  -26.104 1.00 104.13 ? 148 THR A O   1 
ATOM   1074 C  CB  . THR A 1 148 ? -13.341 14.593  -24.693 1.00 67.74  ? 148 THR A CB  1 
ATOM   1075 O  OG1 . THR A 1 148 ? -13.519 13.443  -25.527 1.00 81.14  ? 148 THR A OG1 1 
ATOM   1076 C  CG2 . THR A 1 148 ? -14.710 15.140  -24.370 1.00 77.62  ? 148 THR A CG2 1 
ATOM   1077 N  N   . ARG A 1 149 ? -12.817 17.485  -23.902 1.00 86.83  ? 149 ARG A N   1 
ATOM   1078 C  CA  . ARG A 1 149 ? -13.070 18.876  -23.535 1.00 88.25  ? 149 ARG A CA  1 
ATOM   1079 C  C   . ARG A 1 149 ? -12.797 19.141  -22.058 1.00 97.61  ? 149 ARG A C   1 
ATOM   1080 O  O   . ARG A 1 149 ? -12.862 18.232  -21.232 1.00 87.73  ? 149 ARG A O   1 
ATOM   1081 C  CB  . ARG A 1 149 ? -14.505 19.298  -23.889 1.00 86.27  ? 149 ARG A CB  1 
ATOM   1082 C  CG  . ARG A 1 149 ? -15.586 18.389  -23.329 1.00 97.64  ? 149 ARG A CG  1 
ATOM   1083 C  CD  . ARG A 1 149 ? -16.952 18.694  -23.940 1.00 115.36 ? 149 ARG A CD  1 
ATOM   1084 N  NE  . ARG A 1 149 ? -17.532 17.527  -24.601 1.00 110.01 ? 149 ARG A NE  1 
ATOM   1085 C  CZ  . ARG A 1 149 ? -17.987 17.521  -25.851 1.00 118.27 ? 149 ARG A CZ  1 
ATOM   1086 N  NH1 . ARG A 1 149 ? -17.933 18.622  -26.586 1.00 108.82 ? 149 ARG A NH1 1 
ATOM   1087 N  NH2 . ARG A 1 149 ? -18.499 16.411  -26.365 1.00 117.29 ? 149 ARG A NH2 1 
ATOM   1088 N  N   . VAL A 1 150 ? -12.480 20.389  -21.735 1.00 89.22  ? 150 VAL A N   1 
ATOM   1089 C  CA  . VAL A 1 150 ? -12.378 20.816  -20.347 1.00 86.51  ? 150 VAL A CA  1 
ATOM   1090 C  C   . VAL A 1 150 ? -13.608 21.666  -20.069 1.00 86.28  ? 150 VAL A C   1 
ATOM   1091 O  O   . VAL A 1 150 ? -13.939 22.548  -20.854 1.00 103.79 ? 150 VAL A O   1 
ATOM   1092 C  CB  . VAL A 1 150 ? -11.082 21.626  -20.096 1.00 84.99  ? 150 VAL A CB  1 
ATOM   1093 C  CG1 . VAL A 1 150 ? -11.029 22.161  -18.668 1.00 86.98  ? 150 VAL A CG1 1 
ATOM   1094 C  CG2 . VAL A 1 150 ? -9.866  20.775  -20.381 1.00 82.55  ? 150 VAL A CG2 1 
ATOM   1095 N  N   . THR A 1 151 ? -14.307 21.382  -18.977 1.00 76.24  ? 151 THR A N   1 
ATOM   1096 C  CA  . THR A 1 151 ? -15.504 22.141  -18.641 1.00 76.72  ? 151 THR A CA  1 
ATOM   1097 C  C   . THR A 1 151 ? -15.281 22.929  -17.357 1.00 83.40  ? 151 THR A C   1 
ATOM   1098 O  O   . THR A 1 151 ? -14.876 22.373  -16.338 1.00 87.98  ? 151 THR A O   1 
ATOM   1099 C  CB  . THR A 1 151 ? -16.743 21.231  -18.515 1.00 88.08  ? 151 THR A CB  1 
ATOM   1100 O  OG1 . THR A 1 151 ? -17.035 20.639  -19.788 1.00 86.59  ? 151 THR A OG1 1 
ATOM   1101 C  CG2 . THR A 1 151 ? -17.954 22.028  -18.052 1.00 80.67  ? 151 THR A CG2 1 
ATOM   1102 N  N   . LEU A 1 152 ? -15.537 24.233  -17.422 1.00 93.27  ? 152 LEU A N   1 
ATOM   1103 C  CA  . LEU A 1 152 ? -15.271 25.135  -16.304 1.00 84.71  ? 152 LEU A CA  1 
ATOM   1104 C  C   . LEU A 1 152 ? -16.552 25.619  -15.625 1.00 81.92  ? 152 LEU A C   1 
ATOM   1105 O  O   . LEU A 1 152 ? -16.955 26.768  -15.797 1.00 88.78  ? 152 LEU A O   1 
ATOM   1106 C  CB  . LEU A 1 152 ? -14.461 26.339  -16.793 1.00 88.31  ? 152 LEU A CB  1 
ATOM   1107 C  CG  . LEU A 1 152 ? -12.932 26.280  -16.716 1.00 82.62  ? 152 LEU A CG  1 
ATOM   1108 C  CD1 . LEU A 1 152 ? -12.383 24.864  -16.831 1.00 95.87  ? 152 LEU A CD1 1 
ATOM   1109 C  CD2 . LEU A 1 152 ? -12.325 27.186  -17.781 1.00 96.87  ? 152 LEU A CD2 1 
ATOM   1110 N  N   . ASP A 1 153 ? -17.179 24.752  -14.837 1.00 77.61  ? 153 ASP A N   1 
ATOM   1111 C  CA  . ASP A 1 153 ? -18.451 25.082  -14.198 1.00 72.96  ? 153 ASP A CA  1 
ATOM   1112 C  C   . ASP A 1 153 ? -18.285 26.068  -13.036 1.00 86.01  ? 153 ASP A C   1 
ATOM   1113 O  O   . ASP A 1 153 ? -18.265 25.663  -11.874 1.00 81.97  ? 153 ASP A O   1 
ATOM   1114 C  CB  . ASP A 1 153 ? -19.150 23.802  -13.720 1.00 77.22  ? 153 ASP A CB  1 
ATOM   1115 C  CG  . ASP A 1 153 ? -20.660 23.953  -13.640 1.00 99.64  ? 153 ASP A CG  1 
ATOM   1116 O  OD1 . ASP A 1 153 ? -21.134 25.045  -13.262 1.00 101.25 ? 153 ASP A OD1 1 
ATOM   1117 O  OD2 . ASP A 1 153 ? -21.375 22.977  -13.957 1.00 103.06 ? 153 ASP A OD2 1 
ATOM   1118 N  N   . THR A 1 154 ? -18.169 27.357  -13.354 1.00 77.98  ? 154 THR A N   1 
ATOM   1119 C  CA  . THR A 1 154 ? -18.001 28.397  -12.342 1.00 88.68  ? 154 THR A CA  1 
ATOM   1120 C  C   . THR A 1 154 ? -18.691 29.693  -12.738 1.00 100.01 ? 154 THR A C   1 
ATOM   1121 O  O   . THR A 1 154 ? -18.734 30.037  -13.917 1.00 87.99  ? 154 THR A O   1 
ATOM   1122 C  CB  . THR A 1 154 ? -16.509 28.730  -12.111 1.00 83.60  ? 154 THR A CB  1 
ATOM   1123 O  OG1 . THR A 1 154 ? -16.400 29.913  -11.305 1.00 87.63  ? 154 THR A OG1 1 
ATOM   1124 C  CG2 . THR A 1 154 ? -15.805 28.971  -13.440 1.00 73.95  ? 154 THR A CG2 1 
ATOM   1125 N  N   . PRO A 1 155 ? -19.229 30.421  -11.745 1.00 96.44  ? 155 PRO A N   1 
ATOM   1126 C  CA  . PRO A 1 155 ? -19.691 31.797  -11.939 1.00 106.06 ? 155 PRO A CA  1 
ATOM   1127 C  C   . PRO A 1 155 ? -18.673 32.628  -12.712 1.00 103.47 ? 155 PRO A C   1 
ATOM   1128 O  O   . PRO A 1 155 ? -19.051 33.477  -13.522 1.00 107.53 ? 155 PRO A O   1 
ATOM   1129 C  CB  . PRO A 1 155 ? -19.759 32.331  -10.508 1.00 94.78  ? 155 PRO A CB  1 
ATOM   1130 C  CG  . PRO A 1 155 ? -20.112 31.146  -9.694  1.00 90.90  ? 155 PRO A CG  1 
ATOM   1131 C  CD  . PRO A 1 155 ? -19.497 29.946  -10.376 1.00 90.63  ? 155 PRO A CD  1 
ATOM   1132 N  N   . GLU A 1 156 ? -17.390 32.368  -12.480 1.00 95.38  ? 156 GLU A N   1 
ATOM   1133 C  CA  . GLU A 1 156 ? -16.365 33.295  -12.928 1.00 93.03  ? 156 GLU A CA  1 
ATOM   1134 C  C   . GLU A 1 156 ? -14.989 32.669  -13.181 1.00 101.24 ? 156 GLU A C   1 
ATOM   1135 O  O   . GLU A 1 156 ? -14.506 31.859  -12.390 1.00 109.64 ? 156 GLU A O   1 
ATOM   1136 C  CB  . GLU A 1 156 ? -16.245 34.404  -11.875 1.00 98.28  ? 156 GLU A CB  1 
ATOM   1137 C  CG  . GLU A 1 156 ? -15.782 35.739  -12.405 1.00 104.20 ? 156 GLU A CG  1 
ATOM   1138 C  CD  . GLU A 1 156 ? -14.318 35.735  -12.745 1.00 109.92 ? 156 GLU A CD  1 
ATOM   1139 O  OE1 . GLU A 1 156 ? -13.563 35.005  -12.070 1.00 98.81  ? 156 GLU A OE1 1 
ATOM   1140 O  OE2 . GLU A 1 156 ? -13.928 36.444  -13.695 1.00 119.19 ? 156 GLU A OE2 1 
ATOM   1141 N  N   . VAL A 1 157 ? -14.366 33.068  -14.288 1.00 96.82  ? 157 VAL A N   1 
ATOM   1142 C  CA  . VAL A 1 157 ? -12.946 32.809  -14.530 1.00 97.22  ? 157 VAL A CA  1 
ATOM   1143 C  C   . VAL A 1 157 ? -12.196 34.096  -14.910 1.00 98.48  ? 157 VAL A C   1 
ATOM   1144 O  O   . VAL A 1 157 ? -12.525 34.751  -15.902 1.00 100.65 ? 157 VAL A O   1 
ATOM   1145 C  CB  . VAL A 1 157 ? -12.716 31.699  -15.599 1.00 91.64  ? 157 VAL A CB  1 
ATOM   1146 C  CG1 . VAL A 1 157 ? -13.708 31.825  -16.751 1.00 89.45  ? 157 VAL A CG1 1 
ATOM   1147 C  CG2 . VAL A 1 157 ? -11.273 31.722  -16.104 1.00 84.32  ? 157 VAL A CG2 1 
ATOM   1148 N  N   . VAL A 1 158 ? -11.213 34.479  -14.096 1.00 93.92  ? 158 VAL A N   1 
ATOM   1149 C  CA  . VAL A 1 158 ? -10.365 35.622  -14.431 1.00 76.72  ? 158 VAL A CA  1 
ATOM   1150 C  C   . VAL A 1 158 ? -9.085  35.159  -15.102 1.00 85.79  ? 158 VAL A C   1 
ATOM   1151 O  O   . VAL A 1 158 ? -8.247  34.521  -14.470 1.00 85.35  ? 158 VAL A O   1 
ATOM   1152 C  CB  . VAL A 1 158 ? -9.934  36.442  -13.191 1.00 83.58  ? 158 VAL A CB  1 
ATOM   1153 C  CG1 . VAL A 1 158 ? -9.045  37.623  -13.610 1.00 87.66  ? 158 VAL A CG1 1 
ATOM   1154 C  CG2 . VAL A 1 158 ? -11.130 36.935  -12.423 1.00 87.67  ? 158 VAL A CG2 1 
ATOM   1155 N  N   . CYS A 1 159 ? -8.933  35.478  -16.380 1.00 84.30  ? 159 CYS A N   1 
ATOM   1156 C  CA  . CYS A 1 159 ? -7.626  35.389  -17.009 1.00 87.04  ? 159 CYS A CA  1 
ATOM   1157 C  C   . CYS A 1 159 ? -6.941  36.707  -16.673 1.00 80.93  ? 159 CYS A C   1 
ATOM   1158 O  O   . CYS A 1 159 ? -7.527  37.772  -16.873 1.00 96.42  ? 159 CYS A O   1 
ATOM   1159 C  CB  . CYS A 1 159 ? -7.761  35.184  -18.516 1.00 68.48  ? 159 CYS A CB  1 
ATOM   1160 S  SG  . CYS A 1 159 ? -8.584  33.634  -18.946 1.00 87.25  ? 159 CYS A SG  1 
ATOM   1161 N  N   . THR A 1 160 ? -5.726  36.653  -16.132 1.00 69.90  ? 160 THR A N   1 
ATOM   1162 C  CA  . THR A 1 160 ? -5.136  37.865  -15.554 1.00 95.00  ? 160 THR A CA  1 
ATOM   1163 C  C   . THR A 1 160 ? -4.505  38.845  -16.554 1.00 93.50  ? 160 THR A C   1 
ATOM   1164 O  O   . THR A 1 160 ? -4.449  40.052  -16.296 1.00 94.58  ? 160 THR A O   1 
ATOM   1165 C  CB  . THR A 1 160 ? -4.160  37.568  -14.382 1.00 95.29  ? 160 THR A CB  1 
ATOM   1166 O  OG1 . THR A 1 160 ? -4.220  38.643  -13.442 1.00 115.67 ? 160 THR A OG1 1 
ATOM   1167 C  CG2 . THR A 1 160 ? -2.729  37.440  -14.866 1.00 83.31  ? 160 THR A CG2 1 
ATOM   1168 N  N   . ASN A 1 161 ? -4.039  38.324  -17.684 1.00 90.69  ? 161 ASN A N   1 
ATOM   1169 C  CA  . ASN A 1 161 ? -3.435  39.153  -18.712 1.00 92.88  ? 161 ASN A CA  1 
ATOM   1170 C  C   . ASN A 1 161 ? -4.006  38.830  -20.075 1.00 92.27  ? 161 ASN A C   1 
ATOM   1171 O  O   . ASN A 1 161 ? -5.167  39.114  -20.374 1.00 85.86  ? 161 ASN A O   1 
ATOM   1172 C  CB  . ASN A 1 161 ? -1.924  38.924  -18.775 1.00 92.80  ? 161 ASN A CB  1 
ATOM   1173 C  CG  . ASN A 1 161 ? -1.146  39.766  -17.783 1.00 99.55  ? 161 ASN A CG  1 
ATOM   1174 O  OD1 . ASN A 1 161 ? -1.667  40.217  -16.763 1.00 91.45  ? 161 ASN A OD1 1 
ATOM   1175 N  ND2 . ASN A 1 161 ? 0.131   39.969  -18.081 1.00 91.52  ? 161 ASN A ND2 1 
ATOM   1176 N  N   . ARG A 1 162 ? -3.173  38.163  -20.866 1.00 88.77  ? 162 ARG A N   1 
ATOM   1177 C  CA  . ARG A 1 162 ? -3.322  38.071  -22.308 1.00 93.59  ? 162 ARG A CA  1 
ATOM   1178 C  C   . ARG A 1 162 ? -3.814  36.681  -22.727 1.00 92.31  ? 162 ARG A C   1 
ATOM   1179 O  O   . ARG A 1 162 ? -4.226  35.840  -21.907 1.00 101.94 ? 162 ARG A O   1 
ATOM   1180 C  CB  . ARG A 1 162 ? -1.952  38.243  -22.949 1.00 101.94 ? 162 ARG A CB  1 
ATOM   1181 C  CG  . ARG A 1 162 ? -1.827  39.346  -24.009 1.00 113.41 ? 162 ARG A CG  1 
ATOM   1182 C  CD  . ARG A 1 162 ? -0.361  39.387  -24.426 1.00 104.49 ? 162 ARG A CD  1 
ATOM   1183 N  NE  . ARG A 1 162 ? 0.162   38.023  -24.491 1.00 103.72 ? 162 ARG A NE  1 
ATOM   1184 C  CZ  . ARG A 1 162 ? 1.021   37.584  -25.402 1.00 115.36 ? 162 ARG A CZ  1 
ATOM   1185 N  NH1 . ARG A 1 162 ? 1.476   38.396  -26.346 1.00 115.56 ? 162 ARG A NH1 1 
ATOM   1186 N  NH2 . ARG A 1 162 ? 1.427   36.326  -25.364 1.00 118.59 ? 162 ARG A NH2 1 
ATOM   1187 N  N   . LEU A 1 163 ? -3.796  36.483  -24.040 1.00 110.66 ? 163 LEU A N   1 
ATOM   1188 C  CA  . LEU A 1 163 ? -4.242  35.267  -24.692 1.00 104.06 ? 163 LEU A CA  1 
ATOM   1189 C  C   . LEU A 1 163 ? -3.227  35.019  -25.794 1.00 100.78 ? 163 LEU A C   1 
ATOM   1190 O  O   . LEU A 1 163 ? -3.399  34.103  -26.582 1.00 97.37  ? 163 LEU A O   1 
ATOM   1191 C  CB  . LEU A 1 163 ? -5.637  35.479  -25.287 1.00 100.70 ? 163 LEU A CB  1 
ATOM   1192 C  CG  . LEU A 1 163 ? -6.811  34.654  -24.776 1.00 89.00  ? 163 LEU A CG  1 
ATOM   1193 C  CD1 . LEU A 1 163 ? -7.017  34.835  -23.298 1.00 76.81  ? 163 LEU A CD1 1 
ATOM   1194 C  CD2 . LEU A 1 163 ? -8.052  35.100  -25.511 1.00 115.65 ? 163 LEU A CD2 1 
HETATM 1195 CL CL  . CL  B 2 .   ? 4.112   1.771   5.621   0.33 67.24  ? 212 CL  A CL  1 
HETATM 1196 C  C1  . GOL C 3 .   ? -7.157  -19.540 32.021  1.00 55.07  ? 604 GOL A C1  1 
HETATM 1197 O  O1  . GOL C 3 .   ? -7.937  -20.626 31.573  1.00 75.70  ? 604 GOL A O1  1 
HETATM 1198 C  C2  . GOL C 3 .   ? -6.084  -20.032 32.984  1.00 65.70  ? 604 GOL A C2  1 
HETATM 1199 O  O2  . GOL C 3 .   ? -6.535  -19.893 34.314  1.00 69.38  ? 604 GOL A O2  1 
HETATM 1200 C  C3  . GOL C 3 .   ? -4.819  -19.208 32.789  1.00 76.38  ? 604 GOL A C3  1 
HETATM 1201 O  O3  . GOL C 3 .   ? -4.067  -19.205 33.984  1.00 64.57  ? 604 GOL A O3  1 
HETATM 1202 O  O   . HOH D 4 .   ? -3.897  -4.440  9.972   0.10 32.65  ? 213 HOH A O   1 
HETATM 1203 O  O   . HOH D 4 .   ? -4.984  -5.496  12.090  0.63 21.93  ? 214 HOH A O   1 
HETATM 1204 O  O   . HOH D 4 .   ? -4.061  11.321  13.702  0.26 44.65  ? 215 HOH A O   1 
HETATM 1205 O  O   . HOH D 4 .   ? 17.975  6.384   -8.957  0.50 40.47  ? 216 HOH A O   1 
HETATM 1206 O  O   . HOH D 4 .   ? -17.187 -9.283  9.972   0.67 57.94  ? 217 HOH A O   1 
HETATM 1207 O  O   . HOH D 4 .   ? -6.151  17.765  -26.599 1.00 85.91  ? 218 HOH A O   1 
HETATM 1208 O  O   . HOH D 4 .   ? 5.460   -18.678 23.880  1.00 60.02  ? 219 HOH A O   1 
HETATM 1209 O  O   . HOH D 4 .   ? 3.001   -16.089 -5.241  0.39 28.35  ? 220 HOH A O   1 
HETATM 1210 O  O   . HOH D 4 .   ? -18.746 -6.038  2.753   0.38 42.47  ? 221 HOH A O   1 
HETATM 1211 O  O   . HOH D 4 .   ? -3.949  -12.291 15.060  1.00 25.65  ? 222 HOH A O   1 
HETATM 1212 O  O   . HOH D 4 .   ? -5.703  -15.968 23.179  0.49 40.33  ? 223 HOH A O   1 
HETATM 1213 O  O   . HOH D 4 .   ? -3.596  -5.181  -15.321 0.96 70.92  ? 224 HOH A O   1 
HETATM 1214 O  O   . HOH D 4 .   ? 16.677  -24.258 18.325  0.61 65.94  ? 225 HOH A O   1 
HETATM 1215 O  O   . HOH D 4 .   ? 3.793   31.388  -10.476 1.00 77.10  ? 226 HOH A O   1 
HETATM 1216 O  O   . HOH D 4 .   ? -11.164 -8.695  14.811  0.32 26.13  ? 227 HOH A O   1 
HETATM 1217 O  O   . HOH D 4 .   ? -11.577 -5.684  14.652  0.61 55.33  ? 228 HOH A O   1 
HETATM 1218 O  O   . HOH D 4 .   ? 11.706  -16.686 -3.186  0.61 50.54  ? 229 HOH A O   1 
HETATM 1219 O  O   . HOH D 4 .   ? -7.138  -13.808 19.005  1.00 76.43  ? 230 HOH A O   1 
HETATM 1220 O  O   . HOH D 4 .   ? 5.616   -18.718 19.820  1.00 58.92  ? 231 HOH A O   1 
HETATM 1221 O  O   . HOH D 4 .   ? -9.446  -0.532  -13.730 1.00 59.84  ? 232 HOH A O   1 
HETATM 1222 O  O   . HOH D 4 .   ? -5.730  0.141   16.938  0.59 15.76  ? 233 HOH A O   1 
HETATM 1223 O  O   . HOH D 4 .   ? -11.197 8.786   13.442  1.00 75.23  ? 234 HOH A O   1 
HETATM 1224 O  O   . HOH D 4 .   ? -0.837  6.159   -18.354 1.00 54.68  ? 235 HOH A O   1 
HETATM 1225 O  O   . HOH D 4 .   ? -9.706  -22.141 6.703   1.00 59.12  ? 236 HOH A O   1 
HETATM 1226 O  O   . HOH D 4 .   ? -2.085  -20.129 13.837  0.52 14.76  ? 237 HOH A O   1 
HETATM 1227 O  O   . HOH D 4 .   ? -5.348  -10.743 16.905  0.64 19.95  ? 238 HOH A O   1 
HETATM 1228 O  O   . HOH D 4 .   ? 8.213   -16.884 -5.677  0.58 26.71  ? 239 HOH A O   1 
HETATM 1229 O  O   . HOH D 4 .   ? 1.465   -4.367  -8.609  1.00 47.16  ? 240 HOH A O   1 
HETATM 1230 O  O   . HOH D 4 .   ? -5.126  -19.064 29.020  1.00 65.56  ? 241 HOH A O   1 
HETATM 1231 O  O   . HOH D 4 .   ? -19.269 -3.218  0.872   1.00 61.05  ? 242 HOH A O   1 
HETATM 1232 O  O   . HOH D 4 .   ? 2.713   4.532   3.099   0.33 73.79  ? 243 HOH A O   1 
HETATM 1233 O  O   . HOH D 4 .   ? 0.915   5.893   2.656   1.00 78.36  ? 244 HOH A O   1 
HETATM 1234 O  O   . HOH D 4 .   ? 13.786  4.209   -3.449  1.00 33.35  ? 245 HOH A O   1 
HETATM 1235 O  O   . HOH D 4 .   ? -12.835 -20.967 3.351   0.65 42.83  ? 246 HOH A O   1 
HETATM 1236 O  O   . HOH D 4 .   ? -8.249  -7.093  11.479  0.38 20.08  ? 247 HOH A O   1 
HETATM 1237 O  O   . HOH D 4 .   ? 3.900   -19.566 -6.667  0.52 24.03  ? 248 HOH A O   1 
HETATM 1238 O  O   . HOH D 4 .   ? -8.511  -15.688 -0.139  0.60 27.10  ? 249 HOH A O   1 
HETATM 1239 O  O   . HOH D 4 .   ? 10.129  -19.387 8.825   0.50 14.84  ? 250 HOH A O   1 
HETATM 1240 O  O   . HOH D 4 .   ? 11.668  -14.202 -0.897  0.56 26.37  ? 251 HOH A O   1 
HETATM 1241 O  O   . HOH D 4 .   ? -4.602  -2.961  5.764   1.00 31.07  ? 252 HOH A O   1 
HETATM 1242 O  O   . HOH D 4 .   ? 16.497  8.361   -7.070  1.00 43.84  ? 253 HOH A O   1 
HETATM 1243 O  O   . HOH D 4 .   ? 0.322   -4.229  6.085   1.00 39.34  ? 254 HOH A O   1 
HETATM 1244 O  O   . HOH D 4 .   ? -1.820  -2.024  4.913   0.68 35.92  ? 255 HOH A O   1 
HETATM 1245 O  O   . HOH D 4 .   ? -11.151 -10.022 12.918  0.60 38.34  ? 256 HOH A O   1 
HETATM 1246 O  O   . HOH D 4 .   ? -15.656 -12.857 8.820   1.00 55.51  ? 257 HOH A O   1 
HETATM 1247 O  O   . HOH D 4 .   ? -0.469  -29.172 8.252   0.53 37.08  ? 258 HOH A O   1 
HETATM 1248 O  O   . HOH D 4 .   ? 0.884   -20.437 14.158  0.50 26.39  ? 259 HOH A O   1 
HETATM 1249 O  O   . HOH D 4 .   ? -13.170 -11.838 1.776   0.50 25.12  ? 260 HOH A O   1 
HETATM 1250 O  O   . HOH D 4 .   ? 5.428   -13.413 -3.330  0.58 27.69  ? 261 HOH A O   1 
HETATM 1251 O  O   . HOH D 4 .   ? 12.902  6.312   -11.065 1.00 56.27  ? 262 HOH A O   1 
HETATM 1252 O  O   . HOH D 4 .   ? -5.233  -24.406 3.930   0.75 47.66  ? 263 HOH A O   1 
HETATM 1253 O  O   . HOH D 4 .   ? 12.774  -8.165  -6.439  0.48 29.65  ? 264 HOH A O   1 
HETATM 1254 O  O   . HOH D 4 .   ? 10.410  1.242   -12.297 0.68 52.76  ? 265 HOH A O   1 
HETATM 1255 O  O   . HOH D 4 .   ? 5.698   -3.235  6.417   1.00 44.89  ? 266 HOH A O   1 
HETATM 1256 O  O   . HOH D 4 .   ? -3.099  11.130  11.791  0.73 51.14  ? 267 HOH A O   1 
HETATM 1257 O  O   . HOH D 4 .   ? 15.011  -3.701  -7.489  0.53 30.18  ? 268 HOH A O   1 
HETATM 1258 O  O   . HOH D 4 .   ? 13.618  1.566   -11.873 0.56 37.60  ? 269 HOH A O   1 
HETATM 1259 O  O   . HOH D 4 .   ? -10.210 -18.787 14.462  0.58 39.93  ? 270 HOH A O   1 
HETATM 1260 O  O   . HOH D 4 .   ? 2.135   -1.723  8.417   1.00 64.10  ? 271 HOH A O   1 
HETATM 1261 O  O   . HOH D 4 .   ? 6.401   -20.515 2.693   0.67 31.59  ? 272 HOH A O   1 
HETATM 1262 O  O   . HOH D 4 .   ? -8.147  -14.618 -2.514  0.49 26.29  ? 273 HOH A O   1 
HETATM 1263 O  O   . HOH D 4 .   ? -5.715  -6.837  9.867   0.48 21.47  ? 274 HOH A O   1 
HETATM 1264 O  O   . HOH D 4 .   ? 19.498  1.616   -9.562  0.53 36.51  ? 275 HOH A O   1 
HETATM 1265 O  O   . HOH D 4 .   ? -3.053  1.227   -15.804 1.00 63.34  ? 276 HOH A O   1 
HETATM 1266 O  O   . HOH D 4 .   ? 1.937   -16.886 19.938  1.00 50.71  ? 277 HOH A O   1 
HETATM 1267 O  O   . HOH D 4 .   ? 0.895   3.414   -15.239 1.00 49.37  ? 278 HOH A O   1 
HETATM 1268 O  O   . HOH D 4 .   ? -16.941 -5.769  7.114   0.66 38.45  ? 279 HOH A O   1 
HETATM 1269 O  O   . HOH D 4 .   ? -2.385  -22.843 14.672  0.51 43.53  ? 280 HOH A O   1 
HETATM 1270 O  O   . HOH D 4 .   ? 12.221  10.404  -13.410 1.00 62.94  ? 281 HOH A O   1 
HETATM 1271 O  O   . HOH D 4 .   ? -16.775 -19.519 10.598  1.00 51.58  ? 282 HOH A O   1 
HETATM 1272 O  O   . HOH D 4 .   ? -17.811 -19.793 8.546   0.86 53.95  ? 283 HOH A O   1 
HETATM 1273 O  O   . HOH D 4 .   ? 5.488   -16.775 14.322  1.00 26.94  ? 284 HOH A O   1 
HETATM 1274 O  O   . HOH D 4 .   ? -12.520 -15.462 3.006   0.39 32.60  ? 285 HOH A O   1 
HETATM 1275 O  O   . HOH D 4 .   ? 12.265  -16.845 2.672   0.36 32.16  ? 286 HOH A O   1 
HETATM 1276 O  O   . HOH D 4 .   ? -15.707 -10.892 10.639  0.56 36.64  ? 287 HOH A O   1 
HETATM 1277 O  O   . HOH D 4 .   ? -22.228 -20.119 7.598   1.00 63.64  ? 288 HOH A O   1 
HETATM 1278 O  O   . HOH D 4 .   ? -7.523  -18.383 -1.236  0.46 22.56  ? 289 HOH A O   1 
HETATM 1279 O  O   . HOH D 4 .   ? -25.967 -19.572 10.730  1.00 43.82  ? 290 HOH A O   1 
HETATM 1280 O  O   . HOH D 4 .   ? -6.820  -26.399 9.691   0.34 27.07  ? 291 HOH A O   1 
HETATM 1281 O  O   . HOH D 4 .   ? 8.203   10.402  -11.002 1.00 53.86  ? 292 HOH A O   1 
HETATM 1282 O  O   . HOH D 4 .   ? 15.272  -5.313  -9.860  0.53 33.90  ? 293 HOH A O   1 
HETATM 1283 O  O   . HOH D 4 .   ? -8.093  -10.636 -1.056  0.50 27.52  ? 294 HOH A O   1 
HETATM 1284 O  O   . HOH D 4 .   ? -24.064 -20.440 8.994   1.00 46.72  ? 295 HOH A O   1 
HETATM 1285 O  O   . HOH D 4 .   ? -2.843  -7.289  -11.836 0.56 44.54  ? 296 HOH A O   1 
HETATM 1286 O  O   . HOH D 4 .   ? -12.755 -10.043 -3.146  0.55 45.19  ? 297 HOH A O   1 
HETATM 1287 O  O   . HOH D 4 .   ? -10.652 -11.230 -1.870  0.60 39.31  ? 298 HOH A O   1 
HETATM 1288 O  O   . HOH D 4 .   ? -17.424 -26.867 -2.291  0.87 57.11  ? 299 HOH A O   1 
HETATM 1289 O  O   . HOH D 4 .   ? -3.933  -14.583 16.406  0.63 33.11  ? 300 HOH A O   1 
HETATM 1290 O  O   . HOH D 4 .   ? 0.569   -10.996 -6.635  0.77 33.67  ? 301 HOH A O   1 
HETATM 1291 O  O   . HOH D 4 .   ? -21.139 -20.445 5.571   1.00 43.27  ? 302 HOH A O   1 
HETATM 1292 O  O   . HOH D 4 .   ? -4.301  -19.609 20.091  0.72 102.26 ? 303 HOH A O   1 
HETATM 1293 O  O   . HOH D 4 .   ? -11.099 -13.268 0.467   0.49 31.23  ? 304 HOH A O   1 
HETATM 1294 O  O   . HOH D 4 .   ? 6.604   -17.142 -3.565  0.52 24.40  ? 305 HOH A O   1 
HETATM 1295 O  O   . HOH D 4 .   ? -11.744 -17.289 1.803   0.42 38.53  ? 306 HOH A O   1 
HETATM 1296 O  O   . HOH D 4 .   ? -0.193  -11.398 -4.145  0.55 26.72  ? 307 HOH A O   1 
HETATM 1297 O  O   . HOH D 4 .   ? -2.038  -26.980 8.237   0.52 31.36  ? 308 HOH A O   1 
HETATM 1298 O  O   . HOH D 4 .   ? -5.821  -12.238 -2.606  0.38 20.04  ? 309 HOH A O   1 
HETATM 1299 O  O   . HOH D 4 .   ? -22.147 -15.466 11.239  1.00 40.79  ? 310 HOH A O   1 
HETATM 1300 O  O   . HOH D 4 .   ? -17.977 -20.790 4.711   1.00 47.30  ? 311 HOH A O   1 
HETATM 1301 O  O   . HOH D 4 .   ? -23.586 -17.693 10.465  1.00 53.74  ? 312 HOH A O   1 
HETATM 1302 O  O   . HOH D 4 .   ? -18.913 -23.317 3.084   1.00 46.26  ? 313 HOH A O   1 
HETATM 1303 O  O   . HOH D 4 .   ? 4.559   -16.171 -3.716  0.58 45.19  ? 314 HOH A O   1 
HETATM 1304 O  O   . HOH D 4 .   ? -16.230 -23.463 0.592   1.00 63.37  ? 315 HOH A O   1 
HETATM 1305 O  O   . HOH D 4 .   ? -15.094 -24.142 2.438   1.00 33.06  ? 316 HOH A O   1 
HETATM 1306 O  O   . HOH D 4 .   ? 5.365   6.231   8.657   1.00 45.90  ? 317 HOH A O   1 
HETATM 1307 O  O   . HOH D 4 .   ? -0.660  -12.242 -8.014  1.00 57.27  ? 318 HOH A O   1 
HETATM 1308 O  O   . HOH D 4 .   ? -21.255 -15.642 0.676   1.00 61.49  ? 319 HOH A O   1 
HETATM 1309 O  O   . HOH D 4 .   ? -21.023 -27.102 6.593   0.40 50.85  ? 320 HOH A O   1 
HETATM 1310 O  O   . HOH D 4 .   ? 5.836   -25.170 10.541  0.48 44.80  ? 321 HOH A O   1 
HETATM 1311 O  O   . HOH D 4 .   ? -28.584 -11.906 5.208   1.00 59.84  ? 322 HOH A O   1 
HETATM 1312 O  O   . HOH D 4 .   ? 10.728  -15.934 -5.103  0.48 39.93  ? 323 HOH A O   1 
HETATM 1313 O  O   . HOH D 4 .   ? -25.350 -8.055  6.157   1.00 72.41  ? 324 HOH A O   1 
HETATM 1314 O  O   . HOH D 4 .   ? -28.956 -8.737  7.832   1.00 61.71  ? 325 HOH A O   1 
HETATM 1315 O  O   . HOH D 4 .   ? 3.853   1.585   -17.084 1.00 70.84  ? 326 HOH A O   1 
HETATM 1316 O  O   . HOH D 4 .   ? -10.616 -13.490 -3.908  0.47 46.63  ? 327 HOH A O   1 
HETATM 1317 O  O   . HOH D 4 .   ? 4.089   3.726   -15.763 1.00 68.29  ? 328 HOH A O   1 
HETATM 1318 O  O   . HOH D 4 .   ? -6.469  -8.466  -0.743  0.48 25.23  ? 329 HOH A O   1 
HETATM 1319 O  O   . HOH D 4 .   ? -17.029 -15.761 7.413   0.57 31.32  ? 330 HOH A O   1 
HETATM 1320 O  O   . HOH D 4 .   ? 5.796   -1.532  8.622   0.31 42.08  ? 331 HOH A O   1 
HETATM 1321 O  O   . HOH D 4 .   ? -17.934 -26.276 3.442   1.00 57.79  ? 332 HOH A O   1 
HETATM 1322 O  O   . HOH D 4 .   ? -2.953  -12.180 -8.413  1.00 62.68  ? 333 HOH A O   1 
HETATM 1323 O  O   . HOH D 4 .   ? 10.881  -33.486 24.880  1.00 84.30  ? 334 HOH A O   1 
HETATM 1324 O  O   . HOH D 4 .   ? -32.122 -9.570  2.834   1.00 56.67  ? 335 HOH A O   1 
HETATM 1325 O  O   . HOH D 4 .   ? 9.513   -22.119 12.529  0.45 32.55  ? 336 HOH A O   1 
HETATM 1326 O  O   . HOH D 4 .   ? -17.555 -18.396 6.471   0.49 35.19  ? 337 HOH A O   1 
HETATM 1327 O  O   . HOH D 4 .   ? 2.297   -19.031 25.600  0.73 67.73  ? 338 HOH A O   1 
HETATM 1328 O  O   . HOH D 4 .   ? 4.598   0.420   -19.316 1.00 87.98  ? 339 HOH A O   1 
HETATM 1329 O  O   . HOH D 4 .   ? -14.054 -8.079  -3.133  0.82 61.73  ? 340 HOH A O   1 
HETATM 1330 O  O   . HOH D 4 .   ? -18.129 -22.176 12.063  1.00 38.55  ? 341 HOH A O   1 
HETATM 1331 O  O   . HOH D 4 .   ? 2.021   -21.282 0.178   0.26 18.99  ? 342 HOH A O   1 
HETATM 1332 O  O   . HOH D 4 .   ? -13.399 -26.745 1.621   1.00 54.70  ? 343 HOH A O   1 
HETATM 1333 O  O   . HOH D 4 .   ? -2.385  -26.920 12.381  1.00 69.97  ? 344 HOH A O   1 
HETATM 1334 O  O   . HOH D 4 .   ? -19.460 -20.510 -0.426  1.00 59.78  ? 345 HOH A O   1 
HETATM 1335 O  O   . HOH D 4 .   ? -13.492 13.366  -4.318  1.00 69.37  ? 346 HOH A O   1 
HETATM 1336 O  O   . HOH D 4 .   ? -18.053 -26.343 5.776   0.85 62.51  ? 347 HOH A O   1 
HETATM 1337 O  O   . HOH D 4 .   ? -3.346  -24.109 12.155  0.55 29.24  ? 348 HOH A O   1 
HETATM 1338 O  O   . HOH D 4 .   ? -29.712 -5.032  -1.336  1.00 65.75  ? 349 HOH A O   1 
HETATM 1339 O  O   . HOH D 4 .   ? -31.797 -5.854  -1.603  1.00 58.95  ? 350 HOH A O   1 
HETATM 1340 O  O   . HOH D 4 .   ? -35.198 -10.439 1.958   1.00 62.53  ? 351 HOH A O   1 
HETATM 1341 O  O   . HOH D 4 .   ? -18.679 -29.574 3.500   0.76 48.51  ? 352 HOH A O   1 
HETATM 1342 O  O   . HOH D 4 .   ? -9.549  -22.785 16.359  0.65 57.32  ? 353 HOH A O   1 
HETATM 1343 O  O   . HOH D 4 .   ? 2.943   -4.048  5.225   0.74 33.66  ? 354 HOH A O   1 
HETATM 1344 O  O   . HOH D 4 .   ? -19.951 -21.505 3.927   1.00 57.16  ? 355 HOH A O   1 
HETATM 1345 O  O   . HOH D 4 .   ? -15.347 -15.191 10.899  1.00 56.59  ? 356 HOH A O   1 
HETATM 1346 O  O   . HOH D 4 .   ? -19.204 -22.263 1.101   1.00 45.25  ? 357 HOH A O   1 
HETATM 1347 O  O   . HOH D 4 .   ? -19.587 -15.896 8.554   1.00 54.95  ? 358 HOH A O   1 
HETATM 1348 O  O   . HOH D 4 .   ? -10.650 15.400  17.461  1.00 69.65  ? 359 HOH A O   1 
HETATM 1349 O  O   . HOH D 4 .   ? 5.376   -23.528 12.322  0.48 36.51  ? 360 HOH A O   1 
HETATM 1350 O  O   . HOH D 4 .   ? -20.722 -30.561 3.147   1.00 60.23  ? 361 HOH A O   1 
HETATM 1351 O  O   . HOH D 4 .   ? -20.284 -16.641 11.527  1.00 69.46  ? 362 HOH A O   1 
HETATM 1352 O  O   . HOH D 4 .   ? -15.671 -12.127 4.363   0.41 38.70  ? 363 HOH A O   1 
HETATM 1353 O  O   . HOH D 4 .   ? -8.933  16.750  18.285  1.00 65.43  ? 364 HOH A O   1 
HETATM 1354 O  O   . HOH D 4 .   ? -33.614 -6.372  -0.287  1.00 76.58  ? 365 HOH A O   1 
HETATM 1355 O  O   . HOH D 4 .   ? -6.251  -17.945 18.673  0.89 57.08  ? 366 HOH A O   1 
HETATM 1356 O  O   . HOH D 4 .   ? -20.476 -10.345 6.010   1.00 71.27  ? 367 HOH A O   1 
HETATM 1357 O  O   . HOH D 4 .   ? -15.204 -17.533 13.491  1.00 57.39  ? 368 HOH A O   1 
HETATM 1358 O  O   . HOH D 4 .   ? 11.984  -17.310 15.612  1.00 31.93  ? 369 HOH A O   1 
HETATM 1359 O  O   . HOH D 4 .   ? 10.917  -12.560 -10.653 0.76 34.31  ? 370 HOH A O   1 
HETATM 1360 O  O   . HOH D 4 .   ? -15.576 -29.143 2.014   1.00 42.78  ? 371 HOH A O   1 
HETATM 1361 O  O   . HOH D 4 .   ? -6.483  -0.430  -17.025 1.00 74.59  ? 372 HOH A O   1 
HETATM 1362 O  O   . HOH D 4 .   ? -23.813 -11.726 9.360   1.00 61.99  ? 373 HOH A O   1 
HETATM 1363 O  O   . HOH D 4 .   ? -25.367 -8.273  0.954   1.00 90.25  ? 374 HOH A O   1 
HETATM 1364 O  O   . HOH D 4 .   ? -2.628  10.320  15.107  0.58 33.43  ? 375 HOH A O   1 
HETATM 1365 O  O   . HOH D 4 .   ? -24.456 -14.361 0.086   1.00 73.13  ? 376 HOH A O   1 
HETATM 1366 O  O   . HOH D 4 .   ? -16.493 -28.029 0.328   1.00 44.60  ? 377 HOH A O   1 
HETATM 1367 O  O   . HOH D 4 .   ? -32.270 -9.415  8.003   1.00 66.43  ? 378 HOH A O   1 
HETATM 1368 O  O   . HOH D 4 .   ? -16.844 -28.205 3.841   1.00 62.48  ? 379 HOH A O   1 
HETATM 1369 O  O   . HOH D 4 .   ? -30.141 -9.021  1.850   1.00 63.59  ? 380 HOH A O   1 
HETATM 1370 O  O   . HOH D 4 .   ? 18.332  14.274  -4.559  1.00 80.73  ? 381 HOH A O   1 
HETATM 1371 O  O   . HOH D 4 .   ? 1.284   -13.701 -6.282  0.69 36.35  ? 382 HOH A O   1 
HETATM 1372 O  O   . HOH D 4 .   ? -19.926 -12.549 5.921   1.00 75.23  ? 383 HOH A O   1 
HETATM 1373 O  O   . HOH D 4 .   ? -9.987  -24.308 3.527   0.34 64.89  ? 384 HOH A O   1 
HETATM 1374 O  O   . HOH D 4 .   ? -37.509 -8.852  -1.951  1.00 97.35  ? 385 HOH A O   1 
HETATM 1375 O  O   . HOH D 4 .   ? -12.448 -23.444 3.614   1.00 62.26  ? 386 HOH A O   1 
HETATM 1376 O  O   . HOH D 4 .   ? 6.856   1.631   -14.277 1.00 66.12  ? 387 HOH A O   1 
HETATM 1377 O  O   . HOH D 4 .   ? -21.125 -19.439 -1.571  1.00 70.28  ? 388 HOH A O   1 
HETATM 1378 O  O   . HOH D 4 .   ? -13.766 25.092  3.995   1.00 68.26  ? 389 HOH A O   1 
HETATM 1379 O  O   . HOH D 4 .   ? -18.811 -13.010 0.102   1.00 79.51  ? 390 HOH A O   1 
HETATM 1380 O  O   . HOH D 4 .   ? 22.842  14.136  -13.191 1.00 69.78  ? 391 HOH A O   1 
HETATM 1381 O  O   . HOH D 4 .   ? 22.681  14.659  -9.872  1.00 64.89  ? 392 HOH A O   1 
HETATM 1382 O  O   . HOH D 4 .   ? 15.545  -30.552 30.519  1.00 77.50  ? 393 HOH A O   1 
HETATM 1383 O  O   . HOH D 4 .   ? -16.696 -18.449 15.409  1.00 72.34  ? 394 HOH A O   1 
HETATM 1384 O  O   . HOH D 4 .   ? -21.284 -10.075 8.118   0.61 48.58  ? 395 HOH A O   1 
HETATM 1385 O  O   . HOH D 4 .   ? -38.005 -7.183  -0.481  1.00 81.36  ? 396 HOH A O   1 
HETATM 1386 O  O   . HOH D 4 .   ? -1.884  -20.735 32.787  0.66 64.25  ? 397 HOH A O   1 
HETATM 1387 O  O   . HOH D 4 .   ? -7.938  -20.001 28.618  0.86 60.46  ? 398 HOH A O   1 
HETATM 1388 O  O   . HOH D 4 .   ? 5.896   27.754  -7.823  1.00 71.55  ? 399 HOH A O   1 
HETATM 1389 O  O   . HOH D 4 .   ? 6.506   -17.281 25.375  0.49 55.21  ? 400 HOH A O   1 
HETATM 1390 O  O   . HOH D 4 .   ? 11.054  25.980  -15.751 1.00 84.32  ? 401 HOH A O   1 
HETATM 1391 O  O   . HOH D 4 .   ? 8.847   -1.804  -15.350 1.00 68.23  ? 402 HOH A O   1 
HETATM 1392 O  O   . HOH D 4 .   ? -5.484  -17.303 27.622  0.59 49.02  ? 403 HOH A O   1 
HETATM 1393 O  O   . HOH D 4 .   ? 11.162  -30.657 18.679  1.00 93.38  ? 404 HOH A O   1 
HETATM 1394 O  O   . HOH D 4 .   ? -4.411  35.924  -18.456 1.00 83.83  ? 405 HOH A O   1 
HETATM 1395 O  O   . HOH D 4 .   ? -8.829  -21.520 0.328   0.71 50.27  ? 406 HOH A O   1 
HETATM 1396 O  O   . HOH D 4 .   ? -6.373  1.414   -15.704 0.99 61.88  ? 407 HOH A O   1 
HETATM 1397 O  O   . HOH D 4 .   ? -6.002  -22.195 3.838   0.53 52.18  ? 408 HOH A O   1 
HETATM 1398 O  O   . HOH D 4 .   ? 12.130  -27.668 19.915  1.00 73.14  ? 409 HOH A O   1 
HETATM 1399 O  O   . HOH D 4 .   ? 2.927   -2.505  -14.566 1.00 83.02  ? 410 HOH A O   1 
HETATM 1400 O  O   . HOH D 4 .   ? 14.798  5.392   -0.677  0.43 25.31  ? 411 HOH A O   1 
HETATM 1401 O  O   . HOH D 4 .   ? -6.322  3.447   -18.056 1.00 84.32  ? 412 HOH A O   1 
HETATM 1402 O  O   . HOH D 4 .   ? 2.774   -18.591 21.052  0.62 61.39  ? 413 HOH A O   1 
HETATM 1403 O  O   . HOH D 4 .   ? 17.960  -28.279 35.291  1.00 77.03  ? 414 HOH A O   1 
HETATM 1404 O  O   . HOH D 4 .   ? -4.945  41.258  -22.701 1.00 98.62  ? 415 HOH A O   1 
HETATM 1405 O  O   . HOH D 4 .   ? -21.353 27.611  -12.138 1.00 95.39  ? 416 HOH A O   1 
HETATM 1406 O  O   . HOH D 4 .   ? -14.624 6.045   8.720   0.33 60.42  ? 417 HOH A O   1 
HETATM 1407 O  O   . HOH D 4 .   ? 14.338  -20.327 24.137  1.00 88.03  ? 418 HOH A O   1 
HETATM 1408 O  O   . HOH D 4 .   ? 5.847   5.671   -14.281 0.84 77.17  ? 419 HOH A O   1 
HETATM 1409 O  O   . HOH D 4 .   ? 0.705   27.030  -3.912  1.00 75.79  ? 420 HOH A O   1 
HETATM 1410 O  O   . HOH D 4 .   ? -10.607 8.158   16.922  1.00 55.28  ? 421 HOH A O   1 
HETATM 1411 O  O   . HOH D 4 .   ? 2.753   -3.307  7.165   0.35 44.92  ? 422 HOH A O   1 
HETATM 1412 O  O   . HOH D 4 .   ? 5.717   29.711  -9.805  1.00 71.53  ? 423 HOH A O   1 
HETATM 1413 O  O   . HOH D 4 .   ? -14.733 17.033  -28.733 1.00 85.71  ? 424 HOH A O   1 
HETATM 1414 O  O   . HOH D 4 .   ? -11.255 -15.632 0.174   0.37 36.76  ? 425 HOH A O   1 
HETATM 1415 O  O   . HOH D 4 .   ? 2.177   6.950   -12.459 0.00 57.13  ? 426 HOH A O   1 
HETATM 1416 O  O   . HOH D 4 .   ? 17.827  10.209  -6.130  0.52 38.77  ? 427 HOH A O   1 
HETATM 1417 O  O   . HOH D 4 .   ? 21.224  11.156  -13.560 1.00 83.04  ? 428 HOH A O   1 
HETATM 1418 O  O   . HOH D 4 .   ? 5.829   -2.694  -16.019 1.00 73.25  ? 429 HOH A O   1 
HETATM 1419 O  O   . HOH D 4 .   ? 12.365  -15.381 0.929   0.35 33.18  ? 430 HOH A O   1 
HETATM 1420 O  O   . HOH D 4 .   ? 5.448   -27.384 10.922  0.24 38.01  ? 431 HOH A O   1 
HETATM 1421 O  O   . HOH D 4 .   ? -7.058  40.241  -14.449 1.00 97.19  ? 432 HOH A O   1 
HETATM 1422 O  O   . HOH D 4 .   ? -21.843 36.022  -11.011 1.00 98.99  ? 433 HOH A O   1 
HETATM 1423 O  O   . HOH D 4 .   ? -4.000  -12.590 -5.268  0.30 30.88  ? 434 HOH A O   1 
HETATM 1424 O  O   . HOH D 4 .   ? 5.529   -23.310 19.392  0.37 59.26  ? 435 HOH A O   1 
HETATM 1425 O  O   . HOH D 4 .   ? -1.912  -3.768  6.052   0.38 32.69  ? 436 HOH A O   1 
# 
